data_6WA3
#
_entry.id   6WA3
#
loop_
_entity.id
_entity.type
_entity.pdbx_description
1 polymer 'Matrix protein'
2 non-polymer 'MYRISTIC ACID'
#
_entity_poly.entity_id   1
_entity_poly.type   'polypeptide(L)'
_entity_poly.pdbx_seq_one_letter_code
;GNGQGRDWKMAIKRCSNVAVGVGGKSKKFGEGNFRWAIRMANVSTGREPGDIPETLDQLRLVICDLQERREKFGSSKEID
MAIVTLKVFAVAGLLNMTVSTAAAAENMYSQMGLDTRPHHHHHH
;
_entity_poly.pdbx_strand_id   A
#
# COMPACT_ATOMS: atom_id res chain seq x y z
N GLY A 1 9.83 -4.54 17.50
CA GLY A 1 11.15 -5.05 17.80
C GLY A 1 11.12 -6.13 18.86
N ASN A 2 10.01 -6.87 18.93
CA ASN A 2 9.87 -7.94 19.90
C ASN A 2 9.49 -9.25 19.22
N GLY A 3 8.32 -9.28 18.60
CA GLY A 3 7.86 -10.48 17.92
C GLY A 3 7.85 -10.31 16.41
N GLN A 4 7.90 -11.44 15.69
CA GLN A 4 7.88 -11.41 14.24
C GLN A 4 6.72 -12.23 13.69
N GLY A 5 6.43 -12.06 12.40
CA GLY A 5 5.35 -12.78 11.78
C GLY A 5 5.72 -13.31 10.40
N ARG A 6 5.04 -14.36 9.97
CA ARG A 6 5.30 -14.97 8.67
C ARG A 6 4.88 -14.02 7.54
N ASP A 7 3.60 -13.64 7.55
CA ASP A 7 3.07 -12.75 6.53
C ASP A 7 3.80 -11.41 6.54
N TRP A 8 4.38 -11.07 7.68
CA TRP A 8 5.11 -9.81 7.82
C TRP A 8 6.42 -9.87 7.05
N LYS A 9 7.29 -10.79 7.42
CA LYS A 9 8.59 -10.94 6.76
C LYS A 9 8.40 -11.41 5.32
N MET A 10 7.32 -12.15 5.07
CA MET A 10 7.03 -12.65 3.73
C MET A 10 6.55 -11.53 2.81
N ALA A 11 5.74 -10.63 3.36
CA ALA A 11 5.23 -9.50 2.61
C ALA A 11 6.35 -8.56 2.18
N ILE A 12 7.22 -8.22 3.12
CA ILE A 12 8.33 -7.33 2.84
C ILE A 12 9.26 -7.92 1.79
N LYS A 13 9.71 -9.15 2.03
CA LYS A 13 10.61 -9.83 1.09
C LYS A 13 10.02 -9.85 -0.31
N ARG A 14 8.71 -10.10 -0.40
CA ARG A 14 8.03 -10.14 -1.68
C ARG A 14 7.90 -8.73 -2.28
N CYS A 15 7.60 -7.77 -1.44
CA CYS A 15 7.44 -6.38 -1.87
C CYS A 15 8.70 -5.90 -2.58
N SER A 16 9.86 -6.39 -2.13
CA SER A 16 11.13 -6.01 -2.72
C SER A 16 11.12 -6.21 -4.24
N ASN A 17 10.33 -7.18 -4.68
CA ASN A 17 10.23 -7.48 -6.11
C ASN A 17 9.29 -6.50 -6.80
N VAL A 18 8.28 -6.03 -6.07
CA VAL A 18 7.31 -5.09 -6.61
C VAL A 18 8.01 -3.90 -7.26
N ALA A 19 7.59 -3.56 -8.47
CA ALA A 19 8.17 -2.43 -9.19
C ALA A 19 7.31 -1.18 -9.05
N VAL A 20 7.72 -0.29 -8.16
CA VAL A 20 6.99 0.95 -7.92
C VAL A 20 6.96 1.82 -9.17
N GLY A 21 8.10 1.88 -9.87
CA GLY A 21 8.18 2.68 -11.07
C GLY A 21 7.35 2.11 -12.21
N VAL A 22 6.96 0.85 -12.07
CA VAL A 22 6.16 0.18 -13.09
C VAL A 22 6.93 0.05 -14.40
N GLY A 23 7.53 -1.11 -14.62
CA GLY A 23 8.28 -1.34 -15.84
C GLY A 23 9.10 -2.62 -15.79
N GLY A 24 9.50 -3.01 -14.58
CA GLY A 24 10.28 -4.22 -14.42
C GLY A 24 11.78 -3.96 -14.51
N LYS A 25 12.25 -2.96 -13.79
CA LYS A 25 13.66 -2.61 -13.79
C LYS A 25 13.96 -1.56 -12.73
N SER A 26 14.49 -2.01 -11.58
CA SER A 26 14.82 -1.11 -10.48
C SER A 26 13.58 -0.38 -9.99
N LYS A 27 13.78 0.54 -9.06
CA LYS A 27 12.67 1.32 -8.50
C LYS A 27 11.63 0.40 -7.89
N LYS A 28 12.06 -0.50 -7.01
CA LYS A 28 11.16 -1.43 -6.35
C LYS A 28 10.89 -1.00 -4.91
N PHE A 29 9.92 -1.65 -4.28
CA PHE A 29 9.55 -1.34 -2.90
C PHE A 29 10.53 -1.99 -1.91
N GLY A 30 10.31 -1.76 -0.63
CA GLY A 30 11.17 -2.33 0.39
C GLY A 30 10.65 -2.09 1.79
N GLU A 31 11.49 -2.37 2.78
CA GLU A 31 11.11 -2.18 4.18
C GLU A 31 10.91 -0.71 4.50
N GLY A 32 11.95 0.09 4.25
CA GLY A 32 11.89 1.51 4.52
C GLY A 32 10.79 2.20 3.73
N ASN A 33 10.66 1.83 2.46
CA ASN A 33 9.65 2.41 1.59
C ASN A 33 8.25 2.12 2.12
N PHE A 34 7.96 0.84 2.33
CA PHE A 34 6.65 0.43 2.83
C PHE A 34 6.28 1.20 4.09
N ARG A 35 7.28 1.43 4.95
CA ARG A 35 7.06 2.16 6.19
C ARG A 35 6.73 3.62 5.92
N TRP A 36 7.45 4.21 4.98
CA TRP A 36 7.25 5.61 4.62
C TRP A 36 5.81 5.85 4.13
N ALA A 37 5.24 4.83 3.49
CA ALA A 37 3.88 4.93 2.98
C ALA A 37 2.86 4.84 4.12
N ILE A 38 2.90 3.72 4.84
CA ILE A 38 1.97 3.51 5.94
C ILE A 38 2.10 4.62 6.98
N ARG A 39 3.33 5.06 7.23
CA ARG A 39 3.59 6.12 8.19
C ARG A 39 2.92 7.42 7.76
N MET A 40 3.23 7.87 6.55
CA MET A 40 2.67 9.11 6.02
C MET A 40 1.15 8.99 5.89
N ALA A 41 0.68 7.96 5.21
CA ALA A 41 -0.75 7.74 5.03
C ALA A 41 -1.47 7.70 6.36
N ASN A 42 -0.79 7.18 7.39
CA ASN A 42 -1.38 7.09 8.72
C ASN A 42 -1.66 8.47 9.29
N VAL A 43 -0.63 9.30 9.35
CA VAL A 43 -0.77 10.66 9.87
C VAL A 43 -1.76 11.47 9.05
N SER A 44 -1.75 11.24 7.74
CA SER A 44 -2.66 11.95 6.83
C SER A 44 -4.12 11.62 7.15
N THR A 45 -4.33 10.44 7.71
CA THR A 45 -5.68 10.00 8.06
C THR A 45 -6.00 10.31 9.52
N GLY A 46 -5.32 11.31 10.07
CA GLY A 46 -5.54 11.69 11.45
C GLY A 46 -5.46 10.51 12.40
N ARG A 47 -4.67 9.52 12.02
CA ARG A 47 -4.49 8.33 12.85
C ARG A 47 -3.10 8.30 13.48
N GLU A 48 -3.03 7.81 14.71
CA GLU A 48 -1.75 7.73 15.43
C GLU A 48 -0.70 7.03 14.58
N PRO A 49 0.57 7.23 14.93
CA PRO A 49 1.71 6.63 14.22
C PRO A 49 1.79 5.12 14.45
N GLY A 50 1.11 4.65 15.49
CA GLY A 50 1.13 3.23 15.79
C GLY A 50 0.05 2.47 15.04
N ASP A 51 -0.03 2.68 13.73
CA ASP A 51 -1.02 2.01 12.91
C ASP A 51 -0.37 0.92 12.06
N ILE A 52 -0.40 -0.31 12.56
CA ILE A 52 0.18 -1.44 11.84
C ILE A 52 -0.71 -2.66 11.91
N PRO A 53 -1.82 -2.63 11.16
CA PRO A 53 -2.79 -3.74 11.12
C PRO A 53 -2.23 -4.98 10.42
N GLU A 54 -3.09 -5.96 10.19
CA GLU A 54 -2.68 -7.19 9.53
C GLU A 54 -3.88 -7.88 8.88
N THR A 55 -4.71 -7.10 8.21
CA THR A 55 -5.90 -7.62 7.55
C THR A 55 -6.20 -6.86 6.26
N LEU A 56 -6.51 -7.59 5.21
CA LEU A 56 -6.82 -6.98 3.91
C LEU A 56 -7.90 -5.91 4.07
N ASP A 57 -8.80 -6.10 5.03
CA ASP A 57 -9.88 -5.16 5.28
C ASP A 57 -9.33 -3.85 5.81
N GLN A 58 -8.38 -3.93 6.73
CA GLN A 58 -7.77 -2.74 7.32
C GLN A 58 -7.03 -1.93 6.27
N LEU A 59 -6.36 -2.63 5.36
CA LEU A 59 -5.61 -1.95 4.29
C LEU A 59 -6.55 -1.24 3.33
N ARG A 60 -7.47 -2.00 2.73
CA ARG A 60 -8.42 -1.43 1.79
C ARG A 60 -9.16 -0.25 2.41
N LEU A 61 -9.34 -0.28 3.73
CA LEU A 61 -10.03 0.78 4.44
C LEU A 61 -9.18 2.05 4.46
N VAL A 62 -7.89 1.90 4.77
CA VAL A 62 -6.99 3.03 4.81
C VAL A 62 -6.91 3.74 3.47
N ILE A 63 -6.97 2.96 2.39
CA ILE A 63 -6.92 3.52 1.05
C ILE A 63 -8.13 4.39 0.76
N CYS A 64 -9.32 3.81 0.91
CA CYS A 64 -10.57 4.54 0.67
C CYS A 64 -10.58 5.85 1.45
N ASP A 65 -10.03 5.82 2.66
CA ASP A 65 -9.98 7.01 3.50
C ASP A 65 -9.05 8.07 2.91
N LEU A 66 -7.78 7.71 2.75
CA LEU A 66 -6.79 8.63 2.19
C LEU A 66 -7.25 9.16 0.83
N GLN A 67 -7.85 8.29 0.04
CA GLN A 67 -8.33 8.67 -1.29
C GLN A 67 -9.42 9.74 -1.18
N GLU A 68 -10.34 9.55 -0.26
CA GLU A 68 -11.43 10.50 -0.05
C GLU A 68 -10.89 11.89 0.26
N ARG A 69 -9.93 11.94 1.18
CA ARG A 69 -9.33 13.21 1.58
C ARG A 69 -8.55 13.83 0.41
N ARG A 70 -7.58 13.08 -0.11
CA ARG A 70 -6.76 13.56 -1.22
C ARG A 70 -7.64 13.94 -2.42
N GLU A 71 -8.82 13.34 -2.49
CA GLU A 71 -9.75 13.61 -3.58
C GLU A 71 -10.32 15.02 -3.47
N LYS A 72 -11.00 15.29 -2.36
CA LYS A 72 -11.59 16.61 -2.13
C LYS A 72 -10.54 17.70 -2.17
N PHE A 73 -9.30 17.33 -1.87
CA PHE A 73 -8.19 18.28 -1.88
C PHE A 73 -7.58 18.39 -3.27
N GLY A 74 -7.71 17.33 -4.05
CA GLY A 74 -7.16 17.33 -5.40
C GLY A 74 -6.35 16.08 -5.69
N SER A 75 -5.03 16.22 -5.75
CA SER A 75 -4.15 15.10 -6.04
C SER A 75 -2.70 15.43 -5.66
N SER A 76 -2.03 14.49 -5.01
CA SER A 76 -0.65 14.68 -4.59
C SER A 76 0.17 13.41 -4.83
N LYS A 77 1.30 13.57 -5.51
CA LYS A 77 2.17 12.45 -5.80
C LYS A 77 2.57 11.72 -4.53
N GLU A 78 2.96 12.49 -3.51
CA GLU A 78 3.37 11.91 -2.24
C GLU A 78 2.30 10.97 -1.70
N ILE A 79 1.17 11.54 -1.27
CA ILE A 79 0.08 10.75 -0.72
C ILE A 79 -0.33 9.64 -1.69
N ASP A 80 -0.34 9.97 -2.99
CA ASP A 80 -0.70 9.00 -4.02
C ASP A 80 0.18 7.76 -3.93
N MET A 81 1.49 7.99 -3.84
CA MET A 81 2.45 6.89 -3.75
C MET A 81 2.16 6.00 -2.54
N ALA A 82 1.98 6.64 -1.38
CA ALA A 82 1.70 5.91 -0.16
C ALA A 82 0.51 4.96 -0.34
N ILE A 83 -0.51 5.42 -1.05
CA ILE A 83 -1.70 4.61 -1.29
C ILE A 83 -1.36 3.37 -2.10
N VAL A 84 -0.72 3.56 -3.25
CA VAL A 84 -0.33 2.45 -4.12
C VAL A 84 0.57 1.47 -3.37
N THR A 85 1.29 1.97 -2.38
CA THR A 85 2.18 1.13 -1.59
C THR A 85 1.39 0.15 -0.72
N LEU A 86 0.45 0.67 0.04
CA LEU A 86 -0.38 -0.15 0.92
C LEU A 86 -1.23 -1.12 0.10
N LYS A 87 -1.51 -0.76 -1.14
CA LYS A 87 -2.31 -1.60 -2.02
C LYS A 87 -1.55 -2.86 -2.42
N VAL A 88 -0.42 -2.68 -3.10
CA VAL A 88 0.41 -3.79 -3.52
C VAL A 88 0.77 -4.70 -2.35
N PHE A 89 1.05 -4.08 -1.21
CA PHE A 89 1.42 -4.82 0.00
C PHE A 89 0.25 -5.64 0.50
N ALA A 90 -0.96 -5.10 0.37
CA ALA A 90 -2.16 -5.79 0.81
C ALA A 90 -2.41 -7.05 -0.01
N VAL A 91 -2.40 -6.89 -1.33
CA VAL A 91 -2.63 -8.01 -2.24
C VAL A 91 -1.45 -8.98 -2.22
N ALA A 92 -0.26 -8.45 -2.50
CA ALA A 92 0.95 -9.27 -2.52
C ALA A 92 1.25 -9.82 -1.13
N GLY A 93 0.61 -9.25 -0.12
CA GLY A 93 0.83 -9.69 1.25
C GLY A 93 -0.23 -10.67 1.72
N LEU A 94 -1.44 -10.16 1.96
CA LEU A 94 -2.54 -11.01 2.41
C LEU A 94 -2.85 -12.10 1.39
N LEU A 95 -2.89 -11.72 0.12
CA LEU A 95 -3.17 -12.67 -0.95
C LEU A 95 -1.89 -13.33 -1.44
N ASN A 96 -0.76 -12.93 -0.86
CA ASN A 96 0.53 -13.50 -1.24
C ASN A 96 0.72 -13.43 -2.75
N MET A 97 0.12 -12.44 -3.38
CA MET A 97 0.24 -12.27 -4.83
C MET A 97 1.62 -11.77 -5.22
N THR A 98 1.96 -11.92 -6.50
CA THR A 98 3.27 -11.48 -6.99
C THR A 98 3.14 -10.22 -7.85
N VAL A 99 2.63 -9.15 -7.24
CA VAL A 99 2.46 -7.89 -7.96
C VAL A 99 3.74 -7.48 -8.66
N SER A 100 3.70 -7.40 -9.99
CA SER A 100 4.86 -7.02 -10.78
C SER A 100 5.13 -5.53 -10.65
N THR A 101 4.06 -4.74 -10.53
CA THR A 101 4.19 -3.30 -10.41
C THR A 101 3.10 -2.73 -9.49
N ALA A 102 3.49 -1.77 -8.66
CA ALA A 102 2.54 -1.15 -7.74
C ALA A 102 1.30 -0.65 -8.46
N ALA A 103 1.49 -0.22 -9.70
CA ALA A 103 0.37 0.27 -10.51
C ALA A 103 -0.64 -0.83 -10.80
N ALA A 104 -0.13 -2.00 -11.18
CA ALA A 104 -0.99 -3.14 -11.48
C ALA A 104 -1.81 -3.54 -10.26
N ALA A 105 -1.17 -3.57 -9.09
CA ALA A 105 -1.84 -3.94 -7.86
C ALA A 105 -3.02 -3.02 -7.58
N GLU A 106 -2.79 -1.72 -7.66
CA GLU A 106 -3.84 -0.73 -7.42
C GLU A 106 -4.98 -0.91 -8.41
N ASN A 107 -4.65 -1.26 -9.65
CA ASN A 107 -5.65 -1.46 -10.69
C ASN A 107 -6.57 -2.61 -10.34
N MET A 108 -6.01 -3.66 -9.75
CA MET A 108 -6.79 -4.83 -9.36
C MET A 108 -7.72 -4.51 -8.19
N TYR A 109 -7.17 -3.87 -7.16
CA TYR A 109 -7.95 -3.50 -6.00
C TYR A 109 -9.18 -2.69 -6.38
N SER A 110 -9.01 -1.78 -7.32
CA SER A 110 -10.09 -0.93 -7.79
C SER A 110 -10.98 -1.69 -8.77
N GLN A 111 -10.35 -2.48 -9.65
CA GLN A 111 -11.09 -3.25 -10.64
C GLN A 111 -12.03 -4.24 -9.96
N MET A 112 -11.60 -4.78 -8.83
CA MET A 112 -12.40 -5.75 -8.09
C MET A 112 -13.55 -5.06 -7.38
N GLY A 113 -13.41 -3.76 -7.14
CA GLY A 113 -14.45 -3.00 -6.47
C GLY A 113 -14.08 -2.66 -5.05
N LEU A 114 -12.78 -2.67 -4.75
CA LEU A 114 -12.29 -2.35 -3.41
C LEU A 114 -11.95 -0.87 -3.29
N ASP A 115 -11.23 -0.35 -4.28
CA ASP A 115 -10.84 1.05 -4.28
C ASP A 115 -11.83 1.89 -5.07
N THR A 116 -12.32 2.96 -4.44
CA THR A 116 -13.29 3.85 -5.09
C THR A 116 -12.73 4.44 -6.37
N ARG A 117 -13.36 4.12 -7.50
CA ARG A 117 -12.92 4.63 -8.79
C ARG A 117 -11.52 4.11 -9.12
N PRO A 118 -11.16 4.16 -10.41
CA PRO A 118 -9.85 3.70 -10.90
C PRO A 118 -8.72 4.62 -10.45
N GLY A 1 8.91 -6.91 16.86
CA GLY A 1 8.69 -7.67 18.07
C GLY A 1 7.66 -8.77 17.90
N ASN A 2 6.42 -8.49 18.32
CA ASN A 2 5.34 -9.45 18.20
C ASN A 2 4.57 -9.26 16.90
N GLY A 3 5.27 -9.41 15.78
CA GLY A 3 4.64 -9.25 14.48
C GLY A 3 3.95 -10.52 14.01
N GLN A 4 3.72 -10.61 12.70
CA GLN A 4 3.06 -11.78 12.13
C GLN A 4 4.04 -12.93 11.99
N GLY A 5 5.27 -12.62 11.60
CA GLY A 5 6.28 -13.65 11.43
C GLY A 5 6.57 -13.95 9.97
N ARG A 6 6.11 -15.10 9.51
CA ARG A 6 6.32 -15.50 8.13
C ARG A 6 5.59 -14.57 7.17
N ASP A 7 4.30 -14.41 7.37
CA ASP A 7 3.49 -13.54 6.52
C ASP A 7 4.06 -12.12 6.50
N TRP A 8 4.77 -11.77 7.56
CA TRP A 8 5.37 -10.44 7.67
C TRP A 8 6.62 -10.34 6.80
N LYS A 9 7.66 -11.07 7.17
CA LYS A 9 8.91 -11.06 6.43
C LYS A 9 8.67 -11.43 4.96
N MET A 10 7.62 -12.21 4.70
CA MET A 10 7.29 -12.62 3.34
C MET A 10 6.64 -11.47 2.57
N ALA A 11 5.74 -10.76 3.24
CA ALA A 11 5.05 -9.63 2.62
C ALA A 11 6.04 -8.55 2.19
N ILE A 12 7.09 -8.37 2.99
CA ILE A 12 8.10 -7.37 2.69
C ILE A 12 9.01 -7.82 1.55
N LYS A 13 9.59 -9.00 1.71
CA LYS A 13 10.48 -9.56 0.68
C LYS A 13 9.75 -9.71 -0.65
N ARG A 14 8.57 -10.32 -0.61
CA ARG A 14 7.77 -10.52 -1.82
C ARG A 14 7.45 -9.19 -2.48
N CYS A 15 6.94 -8.25 -1.70
CA CYS A 15 6.58 -6.93 -2.21
C CYS A 15 7.80 -6.23 -2.79
N SER A 16 8.97 -6.56 -2.27
CA SER A 16 10.21 -5.95 -2.74
C SER A 16 10.34 -6.08 -4.25
N ASN A 17 9.86 -7.19 -4.80
CA ASN A 17 9.92 -7.42 -6.23
C ASN A 17 9.08 -6.39 -6.99
N VAL A 18 7.99 -5.95 -6.37
CA VAL A 18 7.11 -4.97 -6.98
C VAL A 18 7.89 -3.73 -7.43
N ALA A 19 7.50 -3.18 -8.57
CA ALA A 19 8.16 -1.99 -9.10
C ALA A 19 7.30 -0.74 -8.91
N VAL A 20 7.68 0.09 -7.94
CA VAL A 20 6.95 1.31 -7.65
C VAL A 20 6.94 2.24 -8.86
N GLY A 21 8.04 2.27 -9.60
CA GLY A 21 8.14 3.12 -10.77
C GLY A 21 7.69 2.42 -12.03
N VAL A 22 6.95 1.32 -11.87
CA VAL A 22 6.46 0.56 -13.01
C VAL A 22 7.60 0.22 -13.98
N GLY A 23 8.24 -0.92 -13.74
CA GLY A 23 9.34 -1.34 -14.60
C GLY A 23 10.06 -2.55 -14.05
N GLY A 24 10.48 -3.44 -14.95
CA GLY A 24 11.19 -4.64 -14.54
C GLY A 24 12.41 -4.33 -13.69
N LYS A 25 13.08 -3.23 -14.01
CA LYS A 25 14.27 -2.82 -13.28
C LYS A 25 14.07 -1.46 -12.63
N SER A 26 12.82 -1.11 -12.35
CA SER A 26 12.49 0.16 -11.73
C SER A 26 12.73 0.11 -10.22
N LYS A 27 12.44 1.21 -9.55
CA LYS A 27 12.62 1.30 -8.09
C LYS A 27 11.77 0.24 -7.38
N LYS A 28 12.40 -0.88 -7.04
CA LYS A 28 11.71 -1.95 -6.35
C LYS A 28 11.25 -1.51 -4.97
N PHE A 29 10.29 -2.25 -4.40
CA PHE A 29 9.76 -1.92 -3.08
C PHE A 29 10.68 -2.46 -1.98
N GLY A 30 10.26 -2.29 -0.73
CA GLY A 30 11.06 -2.75 0.39
C GLY A 30 10.54 -2.24 1.72
N GLU A 31 11.08 -2.78 2.81
CA GLU A 31 10.67 -2.36 4.14
C GLU A 31 10.78 -0.85 4.31
N GLY A 32 11.70 -0.25 3.57
CA GLY A 32 11.90 1.18 3.64
C GLY A 32 10.75 1.96 3.04
N ASN A 33 10.48 1.73 1.76
CA ASN A 33 9.39 2.42 1.07
C ASN A 33 8.05 2.06 1.69
N PHE A 34 7.91 0.81 2.13
CA PHE A 34 6.67 0.35 2.74
C PHE A 34 6.34 1.16 3.98
N ARG A 35 7.32 1.28 4.88
CA ARG A 35 7.14 2.03 6.12
C ARG A 35 6.82 3.50 5.82
N TRP A 36 7.59 4.09 4.92
CA TRP A 36 7.40 5.49 4.55
C TRP A 36 5.95 5.75 4.16
N ALA A 37 5.36 4.80 3.43
CA ALA A 37 3.98 4.93 2.98
C ALA A 37 3.01 4.84 4.16
N ILE A 38 3.21 3.83 5.00
CA ILE A 38 2.36 3.62 6.17
C ILE A 38 2.39 4.83 7.10
N ARG A 39 3.60 5.31 7.39
CA ARG A 39 3.77 6.46 8.27
C ARG A 39 3.02 7.66 7.73
N MET A 40 3.18 7.94 6.43
CA MET A 40 2.51 9.07 5.80
C MET A 40 1.00 8.85 5.77
N ALA A 41 0.56 7.76 5.16
CA ALA A 41 -0.86 7.45 5.07
C ALA A 41 -1.50 7.44 6.46
N ASN A 42 -0.71 7.15 7.48
CA ASN A 42 -1.20 7.10 8.85
C ASN A 42 -1.56 8.50 9.33
N VAL A 43 -0.57 9.38 9.37
CA VAL A 43 -0.78 10.76 9.81
C VAL A 43 -1.77 11.48 8.92
N SER A 44 -1.74 11.16 7.63
CA SER A 44 -2.65 11.78 6.66
C SER A 44 -4.10 11.41 6.96
N THR A 45 -4.29 10.26 7.61
CA THR A 45 -5.63 9.79 7.94
C THR A 45 -5.99 10.16 9.38
N GLY A 46 -5.34 11.19 9.91
CA GLY A 46 -5.60 11.63 11.26
C GLY A 46 -5.52 10.50 12.26
N ARG A 47 -4.71 9.49 11.95
CA ARG A 47 -4.54 8.34 12.83
C ARG A 47 -3.19 8.38 13.53
N GLU A 48 -3.14 7.86 14.75
CA GLU A 48 -1.90 7.83 15.53
C GLU A 48 -0.76 7.23 14.71
N PRO A 49 0.47 7.51 15.14
CA PRO A 49 1.68 7.01 14.47
C PRO A 49 1.86 5.51 14.64
N GLY A 50 1.25 4.96 15.70
CA GLY A 50 1.35 3.54 15.96
C GLY A 50 0.29 2.74 15.24
N ASP A 51 0.14 2.99 13.94
CA ASP A 51 -0.86 2.29 13.14
C ASP A 51 -0.21 1.13 12.37
N ILE A 52 -0.49 -0.09 12.81
CA ILE A 52 0.06 -1.27 12.18
C ILE A 52 -0.95 -2.41 12.15
N PRO A 53 -1.96 -2.29 11.28
CA PRO A 53 -3.02 -3.29 11.14
C PRO A 53 -2.50 -4.60 10.51
N GLU A 54 -3.35 -5.61 10.51
CA GLU A 54 -2.98 -6.91 9.94
C GLU A 54 -4.19 -7.58 9.28
N THR A 55 -4.98 -6.79 8.57
CA THR A 55 -6.17 -7.30 7.91
C THR A 55 -6.42 -6.58 6.59
N LEU A 56 -6.77 -7.33 5.55
CA LEU A 56 -7.03 -6.75 4.24
C LEU A 56 -8.07 -5.64 4.33
N ASP A 57 -8.99 -5.78 5.28
CA ASP A 57 -10.03 -4.78 5.48
C ASP A 57 -9.44 -3.46 5.99
N GLN A 58 -8.48 -3.56 6.90
CA GLN A 58 -7.84 -2.38 7.46
C GLN A 58 -7.05 -1.62 6.39
N LEU A 59 -6.38 -2.37 5.53
CA LEU A 59 -5.60 -1.77 4.45
C LEU A 59 -6.50 -1.11 3.42
N ARG A 60 -7.38 -1.90 2.82
CA ARG A 60 -8.30 -1.37 1.81
C ARG A 60 -9.10 -0.21 2.36
N LEU A 61 -9.28 -0.18 3.67
CA LEU A 61 -10.03 0.89 4.33
C LEU A 61 -9.24 2.20 4.32
N VAL A 62 -8.06 2.16 4.93
CA VAL A 62 -7.21 3.34 4.99
C VAL A 62 -6.97 3.93 3.60
N ILE A 63 -6.94 3.05 2.60
CA ILE A 63 -6.72 3.47 1.22
C ILE A 63 -7.89 4.32 0.71
N CYS A 64 -9.09 3.76 0.76
CA CYS A 64 -10.29 4.45 0.31
C CYS A 64 -10.45 5.78 1.05
N ASP A 65 -9.91 5.85 2.26
CA ASP A 65 -10.00 7.06 3.06
C ASP A 65 -9.00 8.11 2.59
N LEU A 66 -7.72 7.82 2.77
CA LEU A 66 -6.66 8.72 2.35
C LEU A 66 -6.83 9.12 0.89
N GLN A 67 -7.19 8.15 0.06
CA GLN A 67 -7.39 8.40 -1.37
C GLN A 67 -8.55 9.37 -1.61
N GLU A 68 -9.72 9.01 -1.08
CA GLU A 68 -10.90 9.85 -1.24
C GLU A 68 -10.66 11.25 -0.67
N ARG A 69 -9.73 11.34 0.28
CA ARG A 69 -9.41 12.63 0.90
C ARG A 69 -8.62 13.51 -0.07
N ARG A 70 -7.43 13.06 -0.44
CA ARG A 70 -6.58 13.82 -1.35
C ARG A 70 -7.24 13.94 -2.72
N GLU A 71 -8.16 13.03 -3.01
CA GLU A 71 -8.87 13.04 -4.30
C GLU A 71 -9.83 14.22 -4.38
N LYS A 72 -10.82 14.25 -3.49
CA LYS A 72 -11.80 15.32 -3.47
C LYS A 72 -11.13 16.66 -3.18
N PHE A 73 -9.97 16.62 -2.53
CA PHE A 73 -9.23 17.82 -2.19
C PHE A 73 -8.33 18.24 -3.34
N GLY A 74 -7.97 17.28 -4.19
CA GLY A 74 -7.11 17.58 -5.32
C GLY A 74 -6.29 16.38 -5.75
N SER A 75 -4.99 16.43 -5.44
CA SER A 75 -4.09 15.34 -5.80
C SER A 75 -2.66 15.63 -5.31
N SER A 76 -2.09 14.67 -4.60
CA SER A 76 -0.74 14.82 -4.08
C SER A 76 0.13 13.63 -4.47
N LYS A 77 1.32 13.92 -4.99
CA LYS A 77 2.26 12.88 -5.40
C LYS A 77 2.58 11.95 -4.24
N GLU A 78 3.13 12.52 -3.17
CA GLU A 78 3.48 11.74 -1.99
C GLU A 78 2.31 10.89 -1.52
N ILE A 79 1.22 11.55 -1.14
CA ILE A 79 0.03 10.85 -0.67
C ILE A 79 -0.41 9.78 -1.66
N ASP A 80 -0.27 10.08 -2.95
CA ASP A 80 -0.65 9.14 -4.00
C ASP A 80 0.20 7.88 -3.93
N MET A 81 1.50 8.06 -3.74
CA MET A 81 2.43 6.93 -3.65
C MET A 81 2.13 6.08 -2.42
N ALA A 82 1.94 6.73 -1.28
CA ALA A 82 1.64 6.04 -0.03
C ALA A 82 0.44 5.11 -0.20
N ILE A 83 -0.60 5.60 -0.88
CA ILE A 83 -1.81 4.83 -1.10
C ILE A 83 -1.51 3.58 -1.94
N VAL A 84 -0.91 3.78 -3.10
CA VAL A 84 -0.58 2.69 -4.00
C VAL A 84 0.35 1.69 -3.30
N THR A 85 1.08 2.16 -2.30
CA THR A 85 2.01 1.31 -1.56
C THR A 85 1.25 0.31 -0.69
N LEU A 86 0.34 0.82 0.14
CA LEU A 86 -0.45 -0.02 1.03
C LEU A 86 -1.37 -0.94 0.23
N LYS A 87 -1.69 -0.53 -0.99
CA LYS A 87 -2.56 -1.31 -1.86
C LYS A 87 -1.85 -2.58 -2.35
N VAL A 88 -0.77 -2.38 -3.12
CA VAL A 88 -0.01 -3.50 -3.65
C VAL A 88 0.42 -4.45 -2.54
N PHE A 89 0.81 -3.89 -1.40
CA PHE A 89 1.25 -4.68 -0.26
C PHE A 89 0.09 -5.49 0.32
N ALA A 90 -1.08 -4.86 0.38
CA ALA A 90 -2.27 -5.52 0.90
C ALA A 90 -2.60 -6.78 0.11
N VAL A 91 -2.63 -6.66 -1.20
CA VAL A 91 -2.92 -7.79 -2.07
C VAL A 91 -1.74 -8.76 -2.14
N ALA A 92 -0.54 -8.20 -2.24
CA ALA A 92 0.67 -9.02 -2.31
C ALA A 92 0.94 -9.72 -0.98
N GLY A 93 0.20 -9.31 0.06
CA GLY A 93 0.38 -9.91 1.36
C GLY A 93 -0.82 -10.74 1.79
N LEU A 94 -1.94 -10.07 2.01
CA LEU A 94 -3.17 -10.75 2.43
C LEU A 94 -3.64 -11.72 1.35
N LEU A 95 -3.27 -11.43 0.10
CA LEU A 95 -3.66 -12.28 -1.02
C LEU A 95 -2.44 -12.96 -1.64
N ASN A 96 -1.27 -12.71 -1.06
CA ASN A 96 -0.04 -13.30 -1.54
C ASN A 96 0.11 -13.07 -3.05
N MET A 97 -0.43 -11.96 -3.53
CA MET A 97 -0.35 -11.63 -4.95
C MET A 97 1.09 -11.34 -5.37
N THR A 98 1.40 -11.64 -6.62
CA THR A 98 2.74 -11.41 -7.14
C THR A 98 2.78 -10.20 -8.06
N VAL A 99 2.25 -9.08 -7.58
CA VAL A 99 2.22 -7.85 -8.37
C VAL A 99 3.61 -7.52 -8.91
N SER A 100 3.64 -6.96 -10.12
CA SER A 100 4.91 -6.59 -10.75
C SER A 100 5.18 -5.10 -10.59
N THR A 101 4.12 -4.32 -10.48
CA THR A 101 4.25 -2.88 -10.32
C THR A 101 3.14 -2.32 -9.44
N ALA A 102 3.49 -1.36 -8.59
CA ALA A 102 2.52 -0.74 -7.70
C ALA A 102 1.29 -0.27 -8.45
N ALA A 103 1.50 0.19 -9.68
CA ALA A 103 0.41 0.67 -10.52
C ALA A 103 -0.59 -0.45 -10.80
N ALA A 104 -0.09 -1.56 -11.33
CA ALA A 104 -0.94 -2.70 -11.66
C ALA A 104 -1.76 -3.14 -10.45
N ALA A 105 -1.13 -3.10 -9.27
CA ALA A 105 -1.81 -3.49 -8.04
C ALA A 105 -3.01 -2.60 -7.76
N GLU A 106 -2.81 -1.29 -7.88
CA GLU A 106 -3.88 -0.32 -7.64
C GLU A 106 -5.07 -0.61 -8.54
N ASN A 107 -4.80 -0.89 -9.81
CA ASN A 107 -5.85 -1.19 -10.78
C ASN A 107 -6.70 -2.37 -10.33
N MET A 108 -6.02 -3.46 -9.95
CA MET A 108 -6.70 -4.66 -9.49
C MET A 108 -7.42 -4.41 -8.16
N TYR A 109 -6.82 -3.57 -7.32
CA TYR A 109 -7.39 -3.25 -6.03
C TYR A 109 -8.80 -2.69 -6.17
N SER A 110 -8.95 -1.73 -7.09
CA SER A 110 -10.24 -1.10 -7.32
C SER A 110 -11.09 -1.94 -8.27
N GLN A 111 -10.43 -2.58 -9.24
CA GLN A 111 -11.13 -3.42 -10.20
C GLN A 111 -11.79 -4.62 -9.52
N MET A 112 -11.18 -5.07 -8.43
CA MET A 112 -11.71 -6.20 -7.68
C MET A 112 -12.89 -5.78 -6.80
N GLY A 113 -13.00 -4.47 -6.56
CA GLY A 113 -14.09 -3.96 -5.74
C GLY A 113 -13.64 -3.64 -4.33
N LEU A 114 -12.35 -3.40 -4.15
CA LEU A 114 -11.80 -3.08 -2.84
C LEU A 114 -11.78 -1.58 -2.61
N ASP A 115 -11.41 -0.82 -3.64
CA ASP A 115 -11.34 0.63 -3.55
C ASP A 115 -12.27 1.27 -4.59
N THR A 116 -12.98 2.31 -4.17
CA THR A 116 -13.90 3.01 -5.06
C THR A 116 -13.15 3.99 -5.97
N ARG A 117 -13.14 3.70 -7.26
CA ARG A 117 -12.46 4.55 -8.23
C ARG A 117 -13.31 4.76 -9.48
N PRO A 118 -14.42 5.49 -9.33
CA PRO A 118 -15.34 5.77 -10.44
C PRO A 118 -14.73 6.70 -11.47
N GLY A 1 3.43 -11.26 17.67
CA GLY A 1 3.88 -12.48 18.31
C GLY A 1 5.35 -12.43 18.70
N ASN A 2 5.68 -11.54 19.62
CA ASN A 2 7.05 -11.38 20.08
C ASN A 2 7.99 -11.15 18.90
N GLY A 3 7.61 -10.25 18.01
CA GLY A 3 8.42 -9.95 16.85
C GLY A 3 8.61 -11.16 15.95
N GLN A 4 7.51 -11.66 15.39
CA GLN A 4 7.57 -12.81 14.50
C GLN A 4 6.30 -12.92 13.66
N GLY A 5 6.47 -13.07 12.35
CA GLY A 5 5.32 -13.19 11.47
C GLY A 5 5.71 -13.64 10.07
N ARG A 6 5.01 -14.65 9.57
CA ARG A 6 5.29 -15.18 8.24
C ARG A 6 4.85 -14.20 7.15
N ASP A 7 3.55 -13.90 7.12
CA ASP A 7 3.01 -12.98 6.13
C ASP A 7 3.69 -11.62 6.22
N TRP A 8 4.24 -11.32 7.40
CA TRP A 8 4.93 -10.05 7.61
C TRP A 8 6.28 -10.02 6.90
N LYS A 9 7.18 -10.89 7.34
CA LYS A 9 8.52 -10.98 6.74
C LYS A 9 8.43 -11.37 5.27
N MET A 10 7.40 -12.12 4.93
CA MET A 10 7.19 -12.58 3.56
C MET A 10 6.73 -11.42 2.67
N ALA A 11 5.76 -10.67 3.16
CA ALA A 11 5.22 -9.53 2.42
C ALA A 11 6.32 -8.52 2.09
N ILE A 12 7.19 -8.26 3.06
CA ILE A 12 8.29 -7.32 2.87
C ILE A 12 9.28 -7.83 1.83
N LYS A 13 9.81 -9.02 2.05
CA LYS A 13 10.78 -9.63 1.13
C LYS A 13 10.18 -9.74 -0.27
N ARG A 14 8.95 -10.22 -0.35
CA ARG A 14 8.26 -10.37 -1.63
C ARG A 14 8.05 -9.02 -2.29
N CYS A 15 7.45 -8.09 -1.55
CA CYS A 15 7.18 -6.76 -2.08
C CYS A 15 8.45 -6.13 -2.64
N SER A 16 9.60 -6.52 -2.10
CA SER A 16 10.88 -6.00 -2.55
C SER A 16 11.04 -6.19 -4.05
N ASN A 17 10.38 -7.21 -4.59
CA ASN A 17 10.46 -7.52 -6.01
C ASN A 17 9.53 -6.61 -6.81
N VAL A 18 8.45 -6.18 -6.17
CA VAL A 18 7.48 -5.31 -6.82
C VAL A 18 8.17 -4.10 -7.47
N ALA A 19 7.82 -3.84 -8.72
CA ALA A 19 8.40 -2.71 -9.45
C ALA A 19 7.59 -1.44 -9.24
N VAL A 20 7.97 -0.66 -8.23
CA VAL A 20 7.28 0.58 -7.92
C VAL A 20 7.24 1.51 -9.13
N GLY A 21 8.22 1.34 -10.02
CA GLY A 21 8.29 2.18 -11.21
C GLY A 21 7.87 1.44 -12.46
N VAL A 22 6.57 1.21 -12.60
CA VAL A 22 6.03 0.51 -13.77
C VAL A 22 6.52 1.13 -15.07
N GLY A 23 6.77 2.44 -15.02
CA GLY A 23 7.24 3.14 -16.21
C GLY A 23 8.40 4.08 -15.90
N GLY A 24 9.19 4.39 -16.92
CA GLY A 24 10.33 5.28 -16.73
C GLY A 24 11.53 4.57 -16.15
N LYS A 25 11.98 5.03 -14.98
CA LYS A 25 13.13 4.43 -14.32
C LYS A 25 12.71 3.25 -13.46
N SER A 26 13.55 2.22 -13.40
CA SER A 26 13.26 1.03 -12.61
C SER A 26 13.37 1.33 -11.12
N LYS A 27 12.53 0.67 -10.33
CA LYS A 27 12.53 0.86 -8.89
C LYS A 27 11.81 -0.29 -8.19
N LYS A 28 12.42 -0.80 -7.13
CA LYS A 28 11.83 -1.89 -6.36
C LYS A 28 11.43 -1.43 -4.97
N PHE A 29 10.34 -2.01 -4.44
CA PHE A 29 9.86 -1.65 -3.12
C PHE A 29 10.85 -2.09 -2.04
N GLY A 30 10.48 -1.88 -0.78
CA GLY A 30 11.34 -2.25 0.33
C GLY A 30 10.72 -1.94 1.68
N GLU A 31 11.34 -2.46 2.73
CA GLU A 31 10.84 -2.24 4.09
C GLU A 31 10.75 -0.75 4.40
N GLY A 32 11.75 0.00 3.95
CA GLY A 32 11.76 1.44 4.19
C GLY A 32 10.62 2.15 3.50
N ASN A 33 10.49 1.93 2.20
CA ASN A 33 9.43 2.56 1.42
C ASN A 33 8.05 2.20 1.97
N PHE A 34 7.84 0.90 2.18
CA PHE A 34 6.57 0.42 2.72
C PHE A 34 6.19 1.17 4.00
N ARG A 35 7.19 1.39 4.86
CA ARG A 35 6.96 2.08 6.11
C ARG A 35 6.60 3.54 5.88
N TRP A 36 7.31 4.18 4.94
CA TRP A 36 7.06 5.57 4.61
C TRP A 36 5.62 5.78 4.15
N ALA A 37 5.05 4.76 3.52
CA ALA A 37 3.68 4.84 3.04
C ALA A 37 2.69 4.73 4.19
N ILE A 38 2.78 3.65 4.95
CA ILE A 38 1.89 3.42 6.08
C ILE A 38 2.02 4.55 7.11
N ARG A 39 3.25 5.01 7.32
CA ARG A 39 3.52 6.07 8.28
C ARG A 39 2.83 7.36 7.85
N MET A 40 3.10 7.80 6.62
CA MET A 40 2.50 9.02 6.10
C MET A 40 0.99 8.89 6.00
N ALA A 41 0.53 7.85 5.31
CA ALA A 41 -0.90 7.61 5.15
C ALA A 41 -1.62 7.61 6.49
N ASN A 42 -0.91 7.21 7.54
CA ASN A 42 -1.48 7.17 8.88
C ASN A 42 -1.71 8.58 9.41
N VAL A 43 -0.65 9.36 9.49
CA VAL A 43 -0.73 10.73 9.98
C VAL A 43 -1.64 11.57 9.09
N SER A 44 -1.62 11.28 7.79
CA SER A 44 -2.45 12.02 6.84
C SER A 44 -3.93 11.79 7.11
N THR A 45 -4.25 10.66 7.72
CA THR A 45 -5.63 10.32 8.04
C THR A 45 -5.96 10.68 9.48
N GLY A 46 -5.22 11.62 10.04
CA GLY A 46 -5.45 12.03 11.42
C GLY A 46 -5.48 10.86 12.38
N ARG A 47 -4.77 9.79 12.03
CA ARG A 47 -4.73 8.60 12.87
C ARG A 47 -3.38 8.47 13.55
N GLU A 48 -3.39 7.92 14.77
CA GLU A 48 -2.15 7.75 15.53
C GLU A 48 -1.10 7.02 14.70
N PRO A 49 0.18 7.22 15.08
CA PRO A 49 1.31 6.59 14.38
C PRO A 49 1.37 5.09 14.60
N GLY A 50 0.63 4.61 15.60
CA GLY A 50 0.62 3.19 15.90
C GLY A 50 -0.44 2.44 15.10
N ASP A 51 -0.45 2.67 13.79
CA ASP A 51 -1.41 2.01 12.91
C ASP A 51 -0.74 0.90 12.11
N ILE A 52 -0.66 -0.29 12.68
CA ILE A 52 -0.05 -1.43 12.03
C ILE A 52 -1.02 -2.60 11.93
N PRO A 53 -1.99 -2.49 11.01
CA PRO A 53 -3.00 -3.53 10.79
C PRO A 53 -2.41 -4.78 10.16
N GLU A 54 -3.28 -5.70 9.75
CA GLU A 54 -2.84 -6.94 9.13
C GLU A 54 -4.00 -7.67 8.46
N THR A 55 -5.00 -6.89 8.03
CA THR A 55 -6.17 -7.45 7.37
C THR A 55 -6.48 -6.72 6.06
N LEU A 56 -6.79 -7.49 5.03
CA LEU A 56 -7.12 -6.92 3.73
C LEU A 56 -8.19 -5.85 3.84
N ASP A 57 -9.08 -6.03 4.81
CA ASP A 57 -10.17 -5.08 5.03
C ASP A 57 -9.63 -3.75 5.55
N GLN A 58 -8.60 -3.82 6.39
CA GLN A 58 -7.99 -2.62 6.95
C GLN A 58 -7.29 -1.80 5.88
N LEU A 59 -6.49 -2.48 5.05
CA LEU A 59 -5.76 -1.81 3.98
C LEU A 59 -6.72 -1.15 3.00
N ARG A 60 -7.83 -1.83 2.72
CA ARG A 60 -8.83 -1.30 1.79
C ARG A 60 -9.47 -0.03 2.35
N LEU A 61 -9.75 -0.04 3.64
CA LEU A 61 -10.36 1.12 4.29
C LEU A 61 -9.39 2.29 4.34
N VAL A 62 -8.15 2.01 4.70
CA VAL A 62 -7.12 3.04 4.78
C VAL A 62 -6.98 3.78 3.46
N ILE A 63 -7.01 3.03 2.35
CA ILE A 63 -6.88 3.62 1.03
C ILE A 63 -8.04 4.56 0.74
N CYS A 64 -9.26 4.05 0.87
CA CYS A 64 -10.47 4.84 0.62
C CYS A 64 -10.42 6.15 1.40
N ASP A 65 -9.82 6.11 2.58
CA ASP A 65 -9.71 7.28 3.43
C ASP A 65 -8.80 8.33 2.80
N LEU A 66 -7.59 7.93 2.46
CA LEU A 66 -6.62 8.83 1.83
C LEU A 66 -7.18 9.43 0.55
N GLN A 67 -7.78 8.58 -0.28
CA GLN A 67 -8.36 9.02 -1.54
C GLN A 67 -9.43 10.08 -1.31
N GLU A 68 -10.26 9.86 -0.29
CA GLU A 68 -11.33 10.80 0.04
C GLU A 68 -10.77 12.19 0.33
N ARG A 69 -9.75 12.24 1.18
CA ARG A 69 -9.12 13.50 1.53
C ARG A 69 -8.37 14.10 0.34
N ARG A 70 -7.47 13.31 -0.22
CA ARG A 70 -6.68 13.75 -1.37
C ARG A 70 -7.58 14.24 -2.50
N GLU A 71 -8.80 13.71 -2.55
CA GLU A 71 -9.76 14.09 -3.58
C GLU A 71 -10.31 15.49 -3.31
N LYS A 72 -10.88 15.68 -2.13
CA LYS A 72 -11.45 16.97 -1.75
C LYS A 72 -10.43 18.09 -1.96
N PHE A 73 -9.16 17.78 -1.76
CA PHE A 73 -8.10 18.77 -1.93
C PHE A 73 -7.61 18.78 -3.37
N GLY A 74 -7.76 17.66 -4.07
CA GLY A 74 -7.32 17.57 -5.44
C GLY A 74 -6.47 16.34 -5.71
N SER A 75 -5.15 16.51 -5.68
CA SER A 75 -4.24 15.41 -5.93
C SER A 75 -2.94 15.60 -5.15
N SER A 76 -2.04 14.62 -5.28
CA SER A 76 -0.76 14.68 -4.58
C SER A 76 0.10 13.47 -4.93
N LYS A 77 1.37 13.72 -5.24
CA LYS A 77 2.30 12.66 -5.59
C LYS A 77 2.59 11.77 -4.38
N GLU A 78 2.92 12.41 -3.26
CA GLU A 78 3.22 11.68 -2.03
C GLU A 78 2.04 10.83 -1.60
N ILE A 79 0.85 11.45 -1.54
CA ILE A 79 -0.35 10.74 -1.13
C ILE A 79 -0.64 9.57 -2.06
N ASP A 80 -0.61 9.82 -3.37
CA ASP A 80 -0.87 8.79 -4.35
C ASP A 80 0.05 7.59 -4.12
N MET A 81 1.28 7.85 -3.72
CA MET A 81 2.25 6.80 -3.47
C MET A 81 1.81 5.92 -2.30
N ALA A 82 1.56 6.54 -1.15
CA ALA A 82 1.13 5.81 0.03
C ALA A 82 -0.07 4.91 -0.29
N ILE A 83 -0.97 5.40 -1.14
CA ILE A 83 -2.15 4.64 -1.52
C ILE A 83 -1.77 3.35 -2.25
N VAL A 84 -0.99 3.49 -3.32
CA VAL A 84 -0.55 2.35 -4.10
C VAL A 84 0.27 1.38 -3.25
N THR A 85 1.19 1.93 -2.46
CA THR A 85 2.03 1.12 -1.59
C THR A 85 1.20 0.21 -0.70
N LEU A 86 0.10 0.75 -0.17
CA LEU A 86 -0.78 -0.02 0.70
C LEU A 86 -1.46 -1.15 -0.07
N LYS A 87 -1.96 -0.83 -1.25
CA LYS A 87 -2.62 -1.82 -2.09
C LYS A 87 -1.66 -2.94 -2.49
N VAL A 88 -0.46 -2.56 -2.90
CA VAL A 88 0.56 -3.53 -3.29
C VAL A 88 0.88 -4.49 -2.15
N PHE A 89 1.28 -3.93 -1.01
CA PHE A 89 1.61 -4.73 0.15
C PHE A 89 0.40 -5.50 0.66
N ALA A 90 -0.78 -4.93 0.46
CA ALA A 90 -2.02 -5.56 0.89
C ALA A 90 -2.24 -6.89 0.19
N VAL A 91 -2.26 -6.86 -1.14
CA VAL A 91 -2.46 -8.07 -1.93
C VAL A 91 -1.21 -8.95 -1.91
N ALA A 92 -0.05 -8.31 -2.02
CA ALA A 92 1.22 -9.03 -2.01
C ALA A 92 1.50 -9.63 -0.64
N GLY A 93 0.75 -9.18 0.37
CA GLY A 93 0.94 -9.67 1.71
C GLY A 93 -0.18 -10.59 2.16
N LEU A 94 -1.38 -10.04 2.30
CA LEU A 94 -2.53 -10.81 2.72
C LEU A 94 -2.83 -11.93 1.74
N LEU A 95 -2.52 -11.70 0.46
CA LEU A 95 -2.74 -12.69 -0.58
C LEU A 95 -1.43 -13.31 -1.04
N ASN A 96 -0.33 -12.82 -0.47
CA ASN A 96 1.00 -13.33 -0.82
C ASN A 96 1.19 -13.33 -2.33
N MET A 97 0.55 -12.38 -3.01
CA MET A 97 0.65 -12.28 -4.47
C MET A 97 1.54 -11.10 -4.85
N THR A 98 2.83 -11.35 -4.99
CA THR A 98 3.79 -10.32 -5.36
C THR A 98 3.48 -9.76 -6.74
N VAL A 99 2.72 -8.67 -6.78
CA VAL A 99 2.35 -8.04 -8.04
C VAL A 99 3.59 -7.74 -8.88
N SER A 100 3.36 -7.32 -10.13
CA SER A 100 4.46 -7.02 -11.05
C SER A 100 4.92 -5.57 -10.88
N THR A 101 3.96 -4.66 -10.74
CA THR A 101 4.25 -3.25 -10.57
C THR A 101 3.25 -2.58 -9.64
N ALA A 102 3.67 -1.50 -9.01
CA ALA A 102 2.82 -0.76 -8.08
C ALA A 102 1.48 -0.41 -8.75
N ALA A 103 1.55 -0.03 -10.03
CA ALA A 103 0.35 0.33 -10.77
C ALA A 103 -0.58 -0.87 -10.93
N ALA A 104 0.00 -2.03 -11.22
CA ALA A 104 -0.77 -3.25 -11.39
C ALA A 104 -1.58 -3.58 -10.14
N ALA A 105 -0.96 -3.39 -8.98
CA ALA A 105 -1.63 -3.66 -7.71
C ALA A 105 -2.82 -2.73 -7.51
N GLU A 106 -2.59 -1.43 -7.64
CA GLU A 106 -3.65 -0.45 -7.46
C GLU A 106 -4.80 -0.70 -8.43
N ASN A 107 -4.45 -1.10 -9.66
CA ASN A 107 -5.45 -1.38 -10.68
C ASN A 107 -6.33 -2.56 -10.27
N MET A 108 -5.70 -3.65 -9.85
CA MET A 108 -6.41 -4.84 -9.43
C MET A 108 -7.21 -4.58 -8.15
N TYR A 109 -6.61 -3.82 -7.25
CA TYR A 109 -7.26 -3.49 -5.97
C TYR A 109 -8.62 -2.85 -6.21
N SER A 110 -8.66 -1.87 -7.11
CA SER A 110 -9.90 -1.16 -7.43
C SER A 110 -10.76 -1.98 -8.38
N GLN A 111 -10.11 -2.64 -9.33
CA GLN A 111 -10.82 -3.45 -10.31
C GLN A 111 -11.58 -4.59 -9.63
N MET A 112 -11.03 -5.09 -8.54
CA MET A 112 -11.66 -6.17 -7.80
C MET A 112 -12.83 -5.65 -6.97
N GLY A 113 -12.81 -4.36 -6.67
CA GLY A 113 -13.87 -3.76 -5.88
C GLY A 113 -13.42 -3.40 -4.47
N LEU A 114 -12.11 -3.25 -4.29
CA LEU A 114 -11.55 -2.91 -2.99
C LEU A 114 -11.38 -1.40 -2.84
N ASP A 115 -10.73 -0.80 -3.82
CA ASP A 115 -10.50 0.65 -3.80
C ASP A 115 -11.56 1.38 -4.63
N THR A 116 -12.52 1.99 -3.95
CA THR A 116 -13.59 2.72 -4.63
C THR A 116 -13.07 4.00 -5.26
N ARG A 117 -13.61 4.35 -6.42
CA ARG A 117 -13.20 5.55 -7.12
C ARG A 117 -13.69 6.80 -6.41
N PRO A 118 -13.07 7.94 -6.71
CA PRO A 118 -13.42 9.23 -6.10
C PRO A 118 -14.78 9.74 -6.57
N GLY A 1 3.83 -6.51 19.36
CA GLY A 1 3.59 -7.63 20.25
C GLY A 1 4.68 -8.67 20.17
N ASN A 2 4.69 -9.44 19.08
CA ASN A 2 5.69 -10.48 18.88
C ASN A 2 6.95 -9.92 18.25
N GLY A 3 6.79 -8.86 17.46
CA GLY A 3 7.93 -8.24 16.80
C GLY A 3 7.96 -8.52 15.31
N GLN A 4 7.79 -9.80 14.95
CA GLN A 4 7.81 -10.20 13.55
C GLN A 4 7.00 -11.47 13.35
N GLY A 5 6.88 -11.90 12.08
CA GLY A 5 6.14 -13.10 11.77
C GLY A 5 6.39 -13.59 10.36
N ARG A 6 5.68 -14.64 9.96
CA ARG A 6 5.84 -15.22 8.63
C ARG A 6 5.25 -14.29 7.57
N ASP A 7 3.96 -14.01 7.70
CA ASP A 7 3.29 -13.13 6.75
C ASP A 7 3.94 -11.75 6.71
N TRP A 8 4.59 -11.39 7.80
CA TRP A 8 5.26 -10.09 7.89
C TRP A 8 6.50 -10.06 7.01
N LYS A 9 7.48 -10.91 7.34
CA LYS A 9 8.72 -10.99 6.57
C LYS A 9 8.45 -11.43 5.14
N MET A 10 7.43 -12.27 4.97
CA MET A 10 7.07 -12.76 3.64
C MET A 10 6.53 -11.64 2.76
N ALA A 11 5.69 -10.79 3.35
CA ALA A 11 5.10 -9.68 2.63
C ALA A 11 6.17 -8.70 2.16
N ILE A 12 7.06 -8.34 3.07
CA ILE A 12 8.14 -7.41 2.75
C ILE A 12 8.99 -7.92 1.61
N LYS A 13 9.34 -9.20 1.66
CA LYS A 13 10.15 -9.83 0.62
C LYS A 13 9.39 -9.87 -0.70
N ARG A 14 8.13 -10.26 -0.65
CA ARG A 14 7.31 -10.34 -1.85
C ARG A 14 7.17 -8.97 -2.52
N CYS A 15 6.78 -7.98 -1.74
CA CYS A 15 6.61 -6.62 -2.25
C CYS A 15 7.94 -6.05 -2.73
N SER A 16 9.04 -6.56 -2.16
CA SER A 16 10.37 -6.11 -2.54
C SER A 16 10.60 -6.26 -4.03
N ASN A 17 9.87 -7.19 -4.65
CA ASN A 17 10.01 -7.45 -6.07
C ASN A 17 8.94 -6.68 -6.85
N VAL A 18 8.49 -5.56 -6.30
CA VAL A 18 7.48 -4.74 -6.95
C VAL A 18 8.03 -3.37 -7.31
N ALA A 19 7.81 -2.96 -8.56
CA ALA A 19 8.28 -1.67 -9.04
C ALA A 19 7.25 -0.57 -8.78
N VAL A 20 7.54 0.30 -7.82
CA VAL A 20 6.64 1.38 -7.48
C VAL A 20 6.34 2.26 -8.70
N GLY A 21 7.28 2.30 -9.63
CA GLY A 21 7.10 3.09 -10.83
C GLY A 21 6.90 2.24 -12.06
N VAL A 22 5.75 2.40 -12.71
CA VAL A 22 5.44 1.64 -13.92
C VAL A 22 6.54 1.79 -14.97
N GLY A 23 6.66 0.80 -15.84
CA GLY A 23 7.67 0.83 -16.88
C GLY A 23 9.01 0.28 -16.41
N GLY A 24 9.28 -0.97 -16.75
CA GLY A 24 10.52 -1.61 -16.35
C GLY A 24 10.57 -1.90 -14.87
N LYS A 25 11.70 -2.44 -14.42
CA LYS A 25 11.86 -2.79 -13.01
C LYS A 25 13.17 -2.20 -12.46
N SER A 26 13.11 -0.96 -12.02
CA SER A 26 14.29 -0.28 -11.47
C SER A 26 14.05 0.14 -10.02
N LYS A 27 12.98 0.89 -9.79
CA LYS A 27 12.64 1.36 -8.46
C LYS A 27 11.75 0.36 -7.74
N LYS A 28 12.38 -0.67 -7.16
CA LYS A 28 11.64 -1.70 -6.44
C LYS A 28 11.24 -1.21 -5.05
N PHE A 29 10.38 -1.98 -4.38
CA PHE A 29 9.92 -1.62 -3.05
C PHE A 29 10.88 -2.15 -1.98
N GLY A 30 10.63 -1.76 -0.73
CA GLY A 30 11.48 -2.20 0.36
C GLY A 30 10.86 -1.94 1.72
N GLU A 31 11.46 -2.51 2.76
CA GLU A 31 10.95 -2.33 4.12
C GLU A 31 10.84 -0.86 4.47
N GLY A 32 11.87 -0.09 4.11
CA GLY A 32 11.87 1.34 4.40
C GLY A 32 10.73 2.06 3.70
N ASN A 33 10.63 1.87 2.38
CA ASN A 33 9.58 2.52 1.61
C ASN A 33 8.20 2.14 2.11
N PHE A 34 7.98 0.84 2.31
CA PHE A 34 6.71 0.34 2.79
C PHE A 34 6.29 1.06 4.07
N ARG A 35 7.25 1.26 4.97
CA ARG A 35 7.00 1.94 6.24
C ARG A 35 6.61 3.40 6.02
N TRP A 36 7.38 4.08 5.15
CA TRP A 36 7.13 5.48 4.85
C TRP A 36 5.70 5.68 4.35
N ALA A 37 5.17 4.67 3.67
CA ALA A 37 3.81 4.73 3.14
C ALA A 37 2.78 4.60 4.26
N ILE A 38 2.84 3.48 4.98
CA ILE A 38 1.91 3.23 6.07
C ILE A 38 1.99 4.33 7.13
N ARG A 39 3.20 4.81 7.39
CA ARG A 39 3.41 5.87 8.37
C ARG A 39 2.70 7.15 7.95
N MET A 40 2.99 7.61 6.74
CA MET A 40 2.37 8.83 6.22
C MET A 40 0.86 8.65 6.08
N ALA A 41 0.44 7.50 5.58
CA ALA A 41 -0.98 7.22 5.40
C ALA A 41 -1.73 7.29 6.72
N ASN A 42 -1.10 6.75 7.78
CA ASN A 42 -1.71 6.76 9.11
C ASN A 42 -1.94 8.19 9.59
N VAL A 43 -0.88 8.99 9.57
CA VAL A 43 -0.96 10.37 10.01
C VAL A 43 -1.97 11.16 9.19
N SER A 44 -1.92 10.97 7.87
CA SER A 44 -2.83 11.67 6.96
C SER A 44 -4.28 11.39 7.34
N THR A 45 -4.51 10.26 7.99
CA THR A 45 -5.86 9.88 8.41
C THR A 45 -6.09 10.23 9.88
N GLY A 46 -5.01 10.36 10.63
CA GLY A 46 -5.13 10.70 12.04
C GLY A 46 -5.47 9.50 12.89
N ARG A 47 -4.95 8.33 12.51
CA ARG A 47 -5.22 7.10 13.25
C ARG A 47 -4.07 6.78 14.19
N GLU A 48 -3.62 7.78 14.94
CA GLU A 48 -2.52 7.61 15.88
C GLU A 48 -1.24 7.22 15.16
N PRO A 49 -0.09 7.43 15.83
CA PRO A 49 1.22 7.11 15.27
C PRO A 49 1.45 5.61 15.14
N GLY A 50 1.17 4.87 16.21
CA GLY A 50 1.35 3.44 16.19
C GLY A 50 0.19 2.71 15.55
N ASP A 51 0.16 2.73 14.22
CA ASP A 51 -0.91 2.07 13.47
C ASP A 51 -0.35 0.94 12.62
N ILE A 52 -0.41 -0.28 13.15
CA ILE A 52 0.09 -1.45 12.44
C ILE A 52 -1.04 -2.40 12.06
N PRO A 53 -1.84 -2.01 11.06
CA PRO A 53 -2.98 -2.81 10.59
C PRO A 53 -2.54 -4.08 9.87
N GLU A 54 -3.02 -5.22 10.34
CA GLU A 54 -2.67 -6.50 9.74
C GLU A 54 -3.92 -7.20 9.19
N THR A 55 -4.69 -6.47 8.38
CA THR A 55 -5.90 -7.02 7.79
C THR A 55 -6.18 -6.39 6.42
N LEU A 56 -6.52 -7.22 5.46
CA LEU A 56 -6.82 -6.74 4.11
C LEU A 56 -7.84 -5.62 4.14
N ASP A 57 -8.75 -5.69 5.11
CA ASP A 57 -9.79 -4.67 5.26
C ASP A 57 -9.19 -3.34 5.67
N GLN A 58 -8.34 -3.37 6.69
CA GLN A 58 -7.70 -2.15 7.19
C GLN A 58 -6.95 -1.43 6.06
N LEU A 59 -6.29 -2.20 5.21
CA LEU A 59 -5.53 -1.64 4.10
C LEU A 59 -6.47 -0.91 3.13
N ARG A 60 -7.48 -1.63 2.64
CA ARG A 60 -8.44 -1.04 1.72
C ARG A 60 -9.11 0.19 2.31
N LEU A 61 -9.12 0.27 3.64
CA LEU A 61 -9.73 1.39 4.34
C LEU A 61 -8.83 2.63 4.25
N VAL A 62 -7.63 2.53 4.81
CA VAL A 62 -6.68 3.63 4.79
C VAL A 62 -6.49 4.18 3.38
N ILE A 63 -6.64 3.30 2.39
CA ILE A 63 -6.49 3.70 1.00
C ILE A 63 -7.65 4.59 0.55
N CYS A 64 -8.86 4.06 0.63
CA CYS A 64 -10.06 4.80 0.24
C CYS A 64 -10.16 6.11 1.03
N ASP A 65 -9.63 6.10 2.24
CA ASP A 65 -9.67 7.28 3.10
C ASP A 65 -8.62 8.30 2.67
N LEU A 66 -7.36 7.93 2.79
CA LEU A 66 -6.26 8.82 2.41
C LEU A 66 -6.45 9.34 1.00
N GLN A 67 -6.94 8.48 0.11
CA GLN A 67 -7.17 8.86 -1.28
C GLN A 67 -8.33 9.84 -1.39
N GLU A 68 -9.42 9.55 -0.69
CA GLU A 68 -10.59 10.41 -0.71
C GLU A 68 -10.23 11.84 -0.35
N ARG A 69 -9.38 11.99 0.64
CA ARG A 69 -8.95 13.31 1.09
C ARG A 69 -8.09 13.99 0.02
N ARG A 70 -7.11 13.26 -0.50
CA ARG A 70 -6.22 13.78 -1.52
C ARG A 70 -7.00 14.17 -2.78
N GLU A 71 -8.05 13.41 -3.07
CA GLU A 71 -8.89 13.68 -4.24
C GLU A 71 -9.60 15.02 -4.11
N LYS A 72 -10.35 15.18 -3.02
CA LYS A 72 -11.08 16.42 -2.77
C LYS A 72 -10.16 17.63 -2.85
N PHE A 73 -8.95 17.48 -2.32
CA PHE A 73 -7.98 18.56 -2.32
C PHE A 73 -7.34 18.71 -3.70
N GLY A 74 -7.32 17.61 -4.46
CA GLY A 74 -6.73 17.64 -5.79
C GLY A 74 -5.85 16.44 -6.05
N SER A 75 -4.55 16.69 -6.20
CA SER A 75 -3.60 15.63 -6.47
C SER A 75 -2.39 15.73 -5.54
N SER A 76 -1.60 14.66 -5.49
CA SER A 76 -0.42 14.62 -4.63
C SER A 76 0.41 13.37 -4.90
N LYS A 77 1.67 13.57 -5.28
CA LYS A 77 2.57 12.45 -5.57
C LYS A 77 2.87 11.66 -4.30
N GLU A 78 3.11 12.37 -3.19
CA GLU A 78 3.40 11.73 -1.92
C GLU A 78 2.23 10.86 -1.47
N ILE A 79 1.03 11.43 -1.46
CA ILE A 79 -0.16 10.71 -1.05
C ILE A 79 -0.43 9.53 -1.96
N ASP A 80 -0.51 9.80 -3.26
CA ASP A 80 -0.77 8.75 -4.25
C ASP A 80 0.21 7.59 -4.07
N MET A 81 1.42 7.92 -3.63
CA MET A 81 2.45 6.90 -3.43
C MET A 81 2.09 5.98 -2.27
N ALA A 82 1.89 6.56 -1.08
CA ALA A 82 1.53 5.80 0.09
C ALA A 82 0.34 4.89 -0.18
N ILE A 83 -0.55 5.33 -1.07
CA ILE A 83 -1.74 4.56 -1.42
C ILE A 83 -1.36 3.30 -2.19
N VAL A 84 -0.72 3.48 -3.34
CA VAL A 84 -0.31 2.36 -4.17
C VAL A 84 0.61 1.42 -3.40
N THR A 85 1.26 1.94 -2.37
CA THR A 85 2.17 1.15 -1.55
C THR A 85 1.40 0.15 -0.69
N LEU A 86 0.47 0.66 0.11
CA LEU A 86 -0.34 -0.19 0.98
C LEU A 86 -1.22 -1.13 0.17
N LYS A 87 -1.47 -0.75 -1.09
CA LYS A 87 -2.30 -1.57 -1.98
C LYS A 87 -1.56 -2.83 -2.40
N VAL A 88 -0.46 -2.65 -3.13
CA VAL A 88 0.34 -3.77 -3.60
C VAL A 88 0.72 -4.69 -2.46
N PHE A 89 1.07 -4.10 -1.32
CA PHE A 89 1.46 -4.86 -0.15
C PHE A 89 0.28 -5.66 0.40
N ALA A 90 -0.90 -5.05 0.37
CA ALA A 90 -2.10 -5.70 0.87
C ALA A 90 -2.39 -6.98 0.10
N VAL A 91 -2.37 -6.90 -1.22
CA VAL A 91 -2.62 -8.07 -2.07
C VAL A 91 -1.43 -9.02 -2.07
N ALA A 92 -0.24 -8.45 -2.15
CA ALA A 92 0.98 -9.25 -2.16
C ALA A 92 1.23 -9.89 -0.79
N GLY A 93 0.47 -9.45 0.21
CA GLY A 93 0.62 -9.98 1.55
C GLY A 93 -0.56 -10.83 1.97
N LEU A 94 -1.72 -10.20 2.12
CA LEU A 94 -2.93 -10.90 2.53
C LEU A 94 -3.34 -11.94 1.48
N LEU A 95 -2.98 -11.67 0.23
CA LEU A 95 -3.30 -12.58 -0.87
C LEU A 95 -2.06 -13.27 -1.39
N ASN A 96 -0.92 -12.99 -0.75
CA ASN A 96 0.35 -13.59 -1.15
C ASN A 96 0.59 -13.42 -2.65
N MET A 97 0.07 -12.32 -3.20
CA MET A 97 0.22 -12.04 -4.62
C MET A 97 1.63 -11.53 -4.92
N THR A 98 1.93 -11.39 -6.21
CA THR A 98 3.26 -10.92 -6.63
C THR A 98 3.16 -10.12 -7.93
N VAL A 99 2.50 -8.96 -7.86
CA VAL A 99 2.36 -8.10 -9.02
C VAL A 99 3.70 -7.68 -9.57
N SER A 100 3.68 -6.79 -10.56
CA SER A 100 4.91 -6.30 -11.19
C SER A 100 5.20 -4.87 -10.77
N THR A 101 4.13 -4.09 -10.58
CA THR A 101 4.27 -2.69 -10.19
C THR A 101 3.14 -2.28 -9.25
N ALA A 102 3.42 -1.31 -8.38
CA ALA A 102 2.43 -0.82 -7.43
C ALA A 102 1.13 -0.43 -8.15
N ALA A 103 1.26 0.15 -9.33
CA ALA A 103 0.11 0.57 -10.11
C ALA A 103 -0.75 -0.63 -10.50
N ALA A 104 -0.13 -1.62 -11.13
CA ALA A 104 -0.83 -2.83 -11.55
C ALA A 104 -1.61 -3.44 -10.39
N ALA A 105 -1.03 -3.37 -9.19
CA ALA A 105 -1.66 -3.92 -8.00
C ALA A 105 -2.97 -3.20 -7.69
N GLU A 106 -2.90 -1.88 -7.57
CA GLU A 106 -4.08 -1.08 -7.27
C GLU A 106 -5.21 -1.38 -8.26
N ASN A 107 -4.84 -1.61 -9.51
CA ASN A 107 -5.82 -1.92 -10.55
C ASN A 107 -6.55 -3.21 -10.24
N MET A 108 -5.79 -4.27 -9.97
CA MET A 108 -6.37 -5.57 -9.66
C MET A 108 -7.25 -5.49 -8.42
N TYR A 109 -6.90 -4.60 -7.50
CA TYR A 109 -7.66 -4.42 -6.28
C TYR A 109 -9.06 -3.89 -6.57
N SER A 110 -9.12 -2.73 -7.22
CA SER A 110 -10.40 -2.11 -7.56
C SER A 110 -11.17 -2.98 -8.55
N GLN A 111 -10.46 -3.52 -9.53
CA GLN A 111 -11.09 -4.36 -10.55
C GLN A 111 -11.66 -5.63 -9.92
N MET A 112 -11.07 -6.05 -8.81
CA MET A 112 -11.52 -7.25 -8.10
C MET A 112 -12.82 -6.99 -7.36
N GLY A 113 -13.08 -5.72 -7.04
CA GLY A 113 -14.29 -5.36 -6.32
C GLY A 113 -14.01 -4.82 -4.94
N LEU A 114 -12.78 -4.36 -4.72
CA LEU A 114 -12.39 -3.81 -3.43
C LEU A 114 -12.59 -2.30 -3.38
N ASP A 115 -12.57 -1.68 -4.56
CA ASP A 115 -12.76 -0.23 -4.66
C ASP A 115 -13.81 0.11 -5.71
N THR A 116 -13.67 -0.48 -6.89
CA THR A 116 -14.60 -0.25 -7.99
C THR A 116 -14.62 1.23 -8.38
N ARG A 117 -15.45 1.57 -9.36
CA ARG A 117 -15.57 2.94 -9.83
C ARG A 117 -16.99 3.46 -9.66
N PRO A 118 -17.14 4.79 -9.59
CA PRO A 118 -18.44 5.43 -9.43
C PRO A 118 -19.32 5.30 -10.67
N GLY A 1 10.42 -8.10 16.53
CA GLY A 1 11.17 -8.32 17.75
C GLY A 1 10.87 -9.65 18.39
N ASN A 2 9.65 -9.80 18.90
CA ASN A 2 9.23 -11.03 19.55
C ASN A 2 8.08 -11.69 18.79
N GLY A 3 7.07 -10.89 18.47
CA GLY A 3 5.92 -11.41 17.74
C GLY A 3 6.18 -11.55 16.27
N GLN A 4 6.67 -12.71 15.85
CA GLN A 4 6.98 -12.97 14.45
C GLN A 4 5.70 -12.98 13.62
N GLY A 5 5.85 -12.72 12.31
CA GLY A 5 4.69 -12.70 11.43
C GLY A 5 5.02 -13.22 10.04
N ARG A 6 4.29 -14.23 9.59
CA ARG A 6 4.51 -14.81 8.28
C ARG A 6 4.15 -13.81 7.17
N ASP A 7 2.92 -13.32 7.20
CA ASP A 7 2.46 -12.37 6.21
C ASP A 7 3.30 -11.10 6.23
N TRP A 8 3.91 -10.82 7.39
CA TRP A 8 4.75 -9.64 7.54
C TRP A 8 6.03 -9.78 6.73
N LYS A 9 6.84 -10.78 7.08
CA LYS A 9 8.09 -11.02 6.39
C LYS A 9 7.86 -11.44 4.94
N MET A 10 6.74 -12.13 4.70
CA MET A 10 6.40 -12.58 3.37
C MET A 10 5.99 -11.41 2.48
N ALA A 11 5.37 -10.40 3.09
CA ALA A 11 4.93 -9.22 2.36
C ALA A 11 6.12 -8.37 1.93
N ILE A 12 7.02 -8.09 2.87
CA ILE A 12 8.19 -7.28 2.59
C ILE A 12 9.16 -8.02 1.66
N LYS A 13 9.47 -9.27 2.01
CA LYS A 13 10.38 -10.08 1.22
C LYS A 13 9.89 -10.17 -0.23
N ARG A 14 8.60 -10.39 -0.40
CA ARG A 14 8.01 -10.50 -1.73
C ARG A 14 7.91 -9.13 -2.40
N CYS A 15 7.62 -8.11 -1.60
CA CYS A 15 7.50 -6.75 -2.11
C CYS A 15 8.81 -6.29 -2.76
N SER A 16 9.92 -6.83 -2.27
CA SER A 16 11.24 -6.47 -2.80
C SER A 16 11.29 -6.72 -4.31
N ASN A 17 10.47 -7.64 -4.78
CA ASN A 17 10.43 -7.97 -6.20
C ASN A 17 9.28 -7.24 -6.90
N VAL A 18 8.90 -6.09 -6.35
CA VAL A 18 7.82 -5.31 -6.92
C VAL A 18 8.33 -3.97 -7.44
N ALA A 19 8.14 -3.72 -8.74
CA ALA A 19 8.58 -2.48 -9.35
C ALA A 19 7.59 -1.35 -9.09
N VAL A 20 7.97 -0.43 -8.21
CA VAL A 20 7.11 0.70 -7.86
C VAL A 20 6.75 1.51 -9.10
N GLY A 21 7.64 1.48 -10.10
CA GLY A 21 7.39 2.22 -11.33
C GLY A 21 7.17 1.30 -12.52
N VAL A 22 6.02 1.43 -13.16
CA VAL A 22 5.69 0.61 -14.32
C VAL A 22 6.79 0.67 -15.36
N GLY A 23 7.44 1.83 -15.47
CA GLY A 23 8.52 1.98 -16.43
C GLY A 23 9.89 1.79 -15.81
N GLY A 24 10.06 2.31 -14.60
CA GLY A 24 11.35 2.17 -13.93
C GLY A 24 11.76 0.73 -13.76
N LYS A 25 12.94 0.40 -14.27
CA LYS A 25 13.46 -0.97 -14.17
C LYS A 25 14.50 -1.08 -13.06
N SER A 26 14.36 -0.24 -12.03
CA SER A 26 15.27 -0.25 -10.91
C SER A 26 14.66 0.44 -9.69
N LYS A 27 13.36 0.25 -9.52
CA LYS A 27 12.63 0.85 -8.40
C LYS A 27 11.87 -0.21 -7.61
N LYS A 28 12.60 -1.12 -7.00
CA LYS A 28 11.98 -2.19 -6.21
C LYS A 28 11.57 -1.68 -4.84
N PHE A 29 10.49 -2.25 -4.31
CA PHE A 29 9.99 -1.85 -2.99
C PHE A 29 10.92 -2.34 -1.89
N GLY A 30 10.77 -1.77 -0.70
CA GLY A 30 11.60 -2.15 0.42
C GLY A 30 10.95 -1.85 1.76
N GLU A 31 11.53 -2.37 2.84
CA GLU A 31 10.99 -2.16 4.18
C GLU A 31 10.87 -0.67 4.48
N GLY A 32 11.90 0.08 4.16
CA GLY A 32 11.89 1.52 4.40
C GLY A 32 10.78 2.22 3.63
N ASN A 33 10.66 1.89 2.35
CA ASN A 33 9.64 2.51 1.50
C ASN A 33 8.24 2.21 2.05
N PHE A 34 7.95 0.94 2.28
CA PHE A 34 6.66 0.52 2.79
C PHE A 34 6.29 1.32 4.05
N ARG A 35 7.28 1.54 4.91
CA ARG A 35 7.07 2.27 6.14
C ARG A 35 6.73 3.74 5.86
N TRP A 36 7.49 4.34 4.95
CA TRP A 36 7.27 5.75 4.59
C TRP A 36 5.83 5.97 4.12
N ALA A 37 5.26 4.95 3.46
CA ALA A 37 3.90 5.04 2.97
C ALA A 37 2.89 4.99 4.11
N ILE A 38 2.93 3.90 4.88
CA ILE A 38 2.04 3.73 6.01
C ILE A 38 2.17 4.89 7.00
N ARG A 39 3.40 5.32 7.22
CA ARG A 39 3.67 6.43 8.14
C ARG A 39 2.94 7.69 7.70
N MET A 40 3.14 8.07 6.44
CA MET A 40 2.51 9.27 5.90
C MET A 40 1.00 9.10 5.83
N ALA A 41 0.55 7.99 5.23
CA ALA A 41 -0.87 7.72 5.10
C ALA A 41 -1.55 7.69 6.47
N ASN A 42 -0.82 7.25 7.48
CA ASN A 42 -1.34 7.18 8.84
C ASN A 42 -1.64 8.57 9.38
N VAL A 43 -0.61 9.41 9.45
CA VAL A 43 -0.75 10.77 9.94
C VAL A 43 -1.74 11.57 9.10
N SER A 44 -1.74 11.31 7.80
CA SER A 44 -2.62 12.01 6.88
C SER A 44 -4.08 11.66 7.17
N THR A 45 -4.29 10.48 7.74
CA THR A 45 -5.64 10.02 8.07
C THR A 45 -5.98 10.31 9.53
N GLY A 46 -5.29 11.29 10.10
CA GLY A 46 -5.54 11.66 11.49
C GLY A 46 -5.42 10.47 12.43
N ARG A 47 -4.64 9.48 12.03
CA ARG A 47 -4.43 8.28 12.84
C ARG A 47 -3.06 8.28 13.49
N GLU A 48 -2.96 7.72 14.69
CA GLU A 48 -1.70 7.66 15.41
C GLU A 48 -0.61 7.05 14.54
N PRO A 49 0.66 7.37 14.87
CA PRO A 49 1.82 6.87 14.13
C PRO A 49 2.04 5.38 14.33
N GLY A 50 1.57 4.86 15.46
CA GLY A 50 1.72 3.45 15.75
C GLY A 50 0.58 2.61 15.19
N ASP A 51 0.27 2.81 13.91
CA ASP A 51 -0.79 2.08 13.25
C ASP A 51 -0.23 0.98 12.35
N ILE A 52 0.02 -0.18 12.93
CA ILE A 52 0.56 -1.31 12.19
C ILE A 52 -0.41 -2.49 12.19
N PRO A 53 -1.48 -2.38 11.42
CA PRO A 53 -2.51 -3.42 11.31
C PRO A 53 -1.99 -4.66 10.58
N GLU A 54 -2.86 -5.67 10.45
CA GLU A 54 -2.49 -6.91 9.78
C GLU A 54 -3.72 -7.64 9.27
N THR A 55 -4.60 -6.91 8.57
CA THR A 55 -5.82 -7.49 8.04
C THR A 55 -6.18 -6.86 6.69
N LEU A 56 -6.60 -7.70 5.74
CA LEU A 56 -6.97 -7.22 4.42
C LEU A 56 -7.98 -6.09 4.51
N ASP A 57 -8.83 -6.15 5.52
CA ASP A 57 -9.85 -5.12 5.73
C ASP A 57 -9.22 -3.78 6.09
N GLN A 58 -8.30 -3.81 7.04
CA GLN A 58 -7.61 -2.60 7.48
C GLN A 58 -6.94 -1.90 6.30
N LEU A 59 -6.34 -2.69 5.42
CA LEU A 59 -5.65 -2.14 4.25
C LEU A 59 -6.64 -1.40 3.34
N ARG A 60 -7.70 -2.09 2.94
CA ARG A 60 -8.71 -1.49 2.07
C ARG A 60 -9.36 -0.29 2.75
N LEU A 61 -9.23 -0.22 4.08
CA LEU A 61 -9.82 0.88 4.84
C LEU A 61 -8.92 2.11 4.78
N VAL A 62 -7.68 1.95 5.24
CA VAL A 62 -6.71 3.05 5.24
C VAL A 62 -6.61 3.68 3.86
N ILE A 63 -6.80 2.87 2.82
CA ILE A 63 -6.72 3.37 1.46
C ILE A 63 -7.97 4.17 1.08
N CYS A 64 -9.13 3.55 1.24
CA CYS A 64 -10.39 4.20 0.93
C CYS A 64 -10.49 5.55 1.63
N ASP A 65 -9.92 5.63 2.83
CA ASP A 65 -9.94 6.87 3.60
C ASP A 65 -9.03 7.92 2.97
N LEU A 66 -7.74 7.61 2.90
CA LEU A 66 -6.76 8.52 2.33
C LEU A 66 -7.17 8.94 0.92
N GLN A 67 -7.92 8.09 0.25
CA GLN A 67 -8.38 8.37 -1.11
C GLN A 67 -9.44 9.46 -1.10
N GLU A 68 -10.50 9.25 -0.32
CA GLU A 68 -11.58 10.22 -0.23
C GLU A 68 -11.06 11.59 0.14
N ARG A 69 -10.06 11.62 1.01
CA ARG A 69 -9.47 12.88 1.45
C ARG A 69 -8.72 13.57 0.31
N ARG A 70 -7.72 12.87 -0.24
CA ARG A 70 -6.93 13.40 -1.34
C ARG A 70 -7.82 13.72 -2.54
N GLU A 71 -8.97 13.08 -2.61
CA GLU A 71 -9.91 13.28 -3.70
C GLU A 71 -10.54 14.67 -3.61
N LYS A 72 -11.27 14.91 -2.53
CA LYS A 72 -11.93 16.21 -2.33
C LYS A 72 -10.91 17.34 -2.32
N PHE A 73 -9.68 17.02 -1.95
CA PHE A 73 -8.61 18.01 -1.90
C PHE A 73 -7.95 18.18 -3.27
N GLY A 74 -8.02 17.13 -4.08
CA GLY A 74 -7.43 17.18 -5.41
C GLY A 74 -6.60 15.95 -5.72
N SER A 75 -5.28 16.09 -5.61
CA SER A 75 -4.36 14.98 -5.89
C SER A 75 -2.93 15.38 -5.58
N SER A 76 -2.21 14.48 -4.89
CA SER A 76 -0.83 14.73 -4.53
C SER A 76 0.03 13.50 -4.78
N LYS A 77 1.18 13.70 -5.42
CA LYS A 77 2.09 12.62 -5.72
C LYS A 77 2.49 11.86 -4.45
N GLU A 78 2.88 12.62 -3.43
CA GLU A 78 3.29 12.02 -2.16
C GLU A 78 2.22 11.05 -1.65
N ILE A 79 1.08 11.59 -1.24
CA ILE A 79 -0.02 10.78 -0.73
C ILE A 79 -0.38 9.68 -1.71
N ASP A 80 -0.36 10.00 -3.00
CA ASP A 80 -0.70 9.04 -4.04
C ASP A 80 0.22 7.82 -3.94
N MET A 81 1.52 8.06 -3.81
CA MET A 81 2.49 6.98 -3.72
C MET A 81 2.20 6.09 -2.51
N ALA A 82 1.98 6.71 -1.36
CA ALA A 82 1.69 5.98 -0.13
C ALA A 82 0.52 5.02 -0.34
N ILE A 83 -0.50 5.48 -1.07
CA ILE A 83 -1.67 4.66 -1.34
C ILE A 83 -1.31 3.41 -2.13
N VAL A 84 -0.64 3.61 -3.26
CA VAL A 84 -0.22 2.50 -4.10
C VAL A 84 0.64 1.50 -3.33
N THR A 85 1.40 2.01 -2.37
CA THR A 85 2.27 1.17 -1.56
C THR A 85 1.45 0.19 -0.73
N LEU A 86 0.53 0.72 0.07
CA LEU A 86 -0.31 -0.11 0.92
C LEU A 86 -1.18 -1.05 0.08
N LYS A 87 -1.44 -0.65 -1.17
CA LYS A 87 -2.25 -1.45 -2.08
C LYS A 87 -1.54 -2.75 -2.43
N VAL A 88 -0.36 -2.62 -3.04
CA VAL A 88 0.43 -3.79 -3.45
C VAL A 88 0.78 -4.65 -2.23
N PHE A 89 0.99 -4.01 -1.10
CA PHE A 89 1.35 -4.71 0.13
C PHE A 89 0.17 -5.56 0.62
N ALA A 90 -1.03 -5.03 0.47
CA ALA A 90 -2.24 -5.75 0.89
C ALA A 90 -2.45 -7.01 0.06
N VAL A 91 -2.38 -6.86 -1.26
CA VAL A 91 -2.57 -7.98 -2.17
C VAL A 91 -1.38 -8.94 -2.11
N ALA A 92 -0.19 -8.41 -2.34
CA ALA A 92 1.02 -9.22 -2.31
C ALA A 92 1.30 -9.74 -0.91
N GLY A 93 0.59 -9.18 0.08
CA GLY A 93 0.77 -9.60 1.46
C GLY A 93 -0.30 -10.57 1.92
N LEU A 94 -1.51 -10.06 2.12
CA LEU A 94 -2.62 -10.89 2.56
C LEU A 94 -2.93 -12.00 1.55
N LEU A 95 -2.88 -11.64 0.27
CA LEU A 95 -3.14 -12.60 -0.80
C LEU A 95 -1.85 -13.27 -1.26
N ASN A 96 -0.74 -12.83 -0.69
CA ASN A 96 0.57 -13.39 -1.03
C ASN A 96 0.76 -13.42 -2.55
N MET A 97 0.16 -12.45 -3.23
CA MET A 97 0.27 -12.36 -4.68
C MET A 97 1.29 -11.31 -5.09
N THR A 98 2.54 -11.73 -5.23
CA THR A 98 3.62 -10.81 -5.62
C THR A 98 3.31 -10.13 -6.94
N VAL A 99 2.82 -8.89 -6.86
CA VAL A 99 2.49 -8.12 -8.05
C VAL A 99 3.74 -7.68 -8.80
N SER A 100 3.62 -7.51 -10.11
CA SER A 100 4.74 -7.11 -10.93
C SER A 100 5.15 -5.66 -10.63
N THR A 101 4.16 -4.78 -10.51
CA THR A 101 4.41 -3.38 -10.23
C THR A 101 3.33 -2.80 -9.31
N ALA A 102 3.71 -1.84 -8.49
CA ALA A 102 2.78 -1.20 -7.56
C ALA A 102 1.53 -0.73 -8.29
N ALA A 103 1.71 -0.23 -9.51
CA ALA A 103 0.59 0.25 -10.31
C ALA A 103 -0.39 -0.87 -10.63
N ALA A 104 0.14 -2.01 -11.07
CA ALA A 104 -0.69 -3.16 -11.41
C ALA A 104 -1.53 -3.59 -10.22
N ALA A 105 -0.94 -3.56 -9.03
CA ALA A 105 -1.65 -3.94 -7.82
C ALA A 105 -2.86 -3.04 -7.57
N GLU A 106 -2.63 -1.73 -7.58
CA GLU A 106 -3.69 -0.76 -7.36
C GLU A 106 -4.86 -1.01 -8.32
N ASN A 107 -4.53 -1.30 -9.58
CA ASN A 107 -5.56 -1.56 -10.59
C ASN A 107 -6.32 -2.84 -10.29
N MET A 108 -5.62 -3.80 -9.67
CA MET A 108 -6.24 -5.07 -9.32
C MET A 108 -7.32 -4.89 -8.26
N TYR A 109 -6.98 -4.18 -7.19
CA TYR A 109 -7.92 -3.93 -6.11
C TYR A 109 -9.01 -2.94 -6.55
N SER A 110 -8.61 -1.94 -7.31
CA SER A 110 -9.54 -0.93 -7.80
C SER A 110 -10.60 -1.56 -8.69
N GLN A 111 -10.15 -2.26 -9.73
CA GLN A 111 -11.06 -2.92 -10.66
C GLN A 111 -11.90 -3.98 -9.96
N MET A 112 -11.31 -4.61 -8.93
CA MET A 112 -12.01 -5.65 -8.18
C MET A 112 -13.27 -5.09 -7.54
N GLY A 113 -13.26 -3.79 -7.26
CA GLY A 113 -14.42 -3.16 -6.64
C GLY A 113 -14.09 -2.52 -5.31
N LEU A 114 -12.83 -2.15 -5.13
CA LEU A 114 -12.39 -1.52 -3.89
C LEU A 114 -12.02 -0.06 -4.12
N ASP A 115 -11.74 0.28 -5.38
CA ASP A 115 -11.38 1.65 -5.73
C ASP A 115 -10.06 2.05 -5.09
N THR A 116 -9.38 3.02 -5.69
CA THR A 116 -8.10 3.48 -5.19
C THR A 116 -7.85 4.94 -5.56
N ARG A 117 -7.74 5.19 -6.86
CA ARG A 117 -7.50 6.55 -7.36
C ARG A 117 -6.17 7.08 -6.86
N PRO A 118 -5.65 8.11 -7.56
CA PRO A 118 -4.37 8.74 -7.19
C PRO A 118 -4.45 9.52 -5.89
N GLY A 1 8.48 -4.75 16.62
CA GLY A 1 9.08 -5.45 17.73
C GLY A 1 8.05 -6.22 18.54
N ASN A 2 7.47 -7.25 17.94
CA ASN A 2 6.47 -8.06 18.63
C ASN A 2 6.92 -9.51 18.73
N GLY A 3 7.47 -10.04 17.64
CA GLY A 3 7.94 -11.41 17.63
C GLY A 3 8.06 -11.98 16.23
N GLN A 4 8.30 -13.28 16.14
CA GLN A 4 8.44 -13.94 14.84
C GLN A 4 7.12 -13.93 14.08
N GLY A 5 7.17 -13.47 12.83
CA GLY A 5 5.97 -13.40 12.01
C GLY A 5 6.23 -13.83 10.58
N ARG A 6 5.48 -14.83 10.12
CA ARG A 6 5.64 -15.34 8.76
C ARG A 6 5.05 -14.35 7.76
N ASP A 7 3.76 -14.05 7.90
CA ASP A 7 3.08 -13.12 7.01
C ASP A 7 3.78 -11.76 7.00
N TRP A 8 4.45 -11.43 8.10
CA TRP A 8 5.16 -10.17 8.22
C TRP A 8 6.44 -10.18 7.40
N LYS A 9 7.38 -11.03 7.78
CA LYS A 9 8.65 -11.15 7.07
C LYS A 9 8.43 -11.48 5.60
N MET A 10 7.39 -12.27 5.33
CA MET A 10 7.08 -12.68 3.97
C MET A 10 6.49 -11.50 3.18
N ALA A 11 5.72 -10.67 3.87
CA ALA A 11 5.11 -9.50 3.23
C ALA A 11 6.17 -8.52 2.74
N ILE A 12 7.20 -8.32 3.56
CA ILE A 12 8.29 -7.40 3.22
C ILE A 12 9.13 -7.96 2.08
N LYS A 13 9.70 -9.15 2.28
CA LYS A 13 10.53 -9.79 1.28
C LYS A 13 9.79 -9.86 -0.06
N ARG A 14 8.48 -10.04 -0.01
CA ARG A 14 7.67 -10.12 -1.21
C ARG A 14 7.31 -8.74 -1.73
N CYS A 15 7.25 -7.77 -0.82
CA CYS A 15 6.91 -6.39 -1.16
C CYS A 15 7.93 -5.82 -2.13
N SER A 16 9.20 -6.03 -1.83
CA SER A 16 10.29 -5.52 -2.69
C SER A 16 10.30 -6.25 -4.02
N ASN A 17 9.56 -7.35 -4.10
CA ASN A 17 9.50 -8.14 -5.33
C ASN A 17 8.77 -7.38 -6.42
N VAL A 18 7.91 -6.44 -6.03
CA VAL A 18 7.15 -5.64 -6.98
C VAL A 18 7.94 -4.42 -7.43
N ALA A 19 7.71 -4.00 -8.67
CA ALA A 19 8.40 -2.84 -9.22
C ALA A 19 7.56 -1.58 -9.07
N VAL A 20 8.03 -0.68 -8.20
CA VAL A 20 7.32 0.57 -7.95
C VAL A 20 7.17 1.38 -9.25
N GLY A 21 8.07 1.15 -10.19
CA GLY A 21 8.02 1.87 -11.45
C GLY A 21 7.56 0.98 -12.60
N VAL A 22 6.39 1.28 -13.16
CA VAL A 22 5.85 0.51 -14.27
C VAL A 22 6.53 0.87 -15.58
N GLY A 23 7.01 2.12 -15.67
CA GLY A 23 7.66 2.57 -16.88
C GLY A 23 8.35 3.91 -16.69
N GLY A 24 9.68 3.90 -16.65
CA GLY A 24 10.43 5.12 -16.48
C GLY A 24 11.74 4.92 -15.75
N LYS A 25 11.69 4.12 -14.68
CA LYS A 25 12.88 3.84 -13.89
C LYS A 25 12.74 2.50 -13.16
N SER A 26 13.74 1.63 -13.31
CA SER A 26 13.73 0.33 -12.66
C SER A 26 13.96 0.47 -11.16
N LYS A 27 12.87 0.57 -10.40
CA LYS A 27 12.96 0.71 -8.96
C LYS A 27 11.87 -0.12 -8.27
N LYS A 28 12.30 -1.05 -7.42
CA LYS A 28 11.37 -1.91 -6.69
C LYS A 28 11.13 -1.38 -5.29
N PHE A 29 10.08 -1.88 -4.63
CA PHE A 29 9.73 -1.45 -3.28
C PHE A 29 10.71 -2.06 -2.27
N GLY A 30 10.48 -1.76 -1.00
CA GLY A 30 11.33 -2.28 0.05
C GLY A 30 10.79 -2.00 1.44
N GLU A 31 11.44 -2.55 2.45
CA GLU A 31 11.03 -2.35 3.83
C GLU A 31 10.99 -0.87 4.19
N GLY A 32 12.06 -0.17 3.83
CA GLY A 32 12.13 1.25 4.12
C GLY A 32 11.04 2.05 3.42
N ASN A 33 10.91 1.84 2.11
CA ASN A 33 9.91 2.55 1.32
C ASN A 33 8.51 2.26 1.86
N PHE A 34 8.22 0.98 2.08
CA PHE A 34 6.91 0.57 2.59
C PHE A 34 6.55 1.35 3.85
N ARG A 35 7.54 1.50 4.74
CA ARG A 35 7.32 2.22 5.99
C ARG A 35 6.99 3.69 5.73
N TRP A 36 7.80 4.34 4.91
CA TRP A 36 7.58 5.74 4.58
C TRP A 36 6.16 5.98 4.10
N ALA A 37 5.59 5.00 3.41
CA ALA A 37 4.23 5.09 2.90
C ALA A 37 3.22 5.03 4.03
N ILE A 38 3.22 3.91 4.75
CA ILE A 38 2.29 3.72 5.86
C ILE A 38 2.42 4.84 6.88
N ARG A 39 3.65 5.31 7.09
CA ARG A 39 3.91 6.38 8.03
C ARG A 39 3.18 7.66 7.63
N MET A 40 3.38 8.08 6.39
CA MET A 40 2.75 9.29 5.87
C MET A 40 1.24 9.10 5.77
N ALA A 41 0.82 7.94 5.28
CA ALA A 41 -0.60 7.63 5.14
C ALA A 41 -1.30 7.62 6.49
N ASN A 42 -0.60 7.13 7.51
CA ASN A 42 -1.16 7.06 8.86
C ASN A 42 -1.42 8.46 9.40
N VAL A 43 -0.37 9.28 9.44
CA VAL A 43 -0.49 10.64 9.94
C VAL A 43 -1.50 11.45 9.13
N SER A 44 -1.51 11.22 7.82
CA SER A 44 -2.42 11.92 6.93
C SER A 44 -3.87 11.51 7.19
N THR A 45 -4.04 10.32 7.74
CA THR A 45 -5.37 9.80 8.04
C THR A 45 -5.70 9.96 9.53
N GLY A 46 -4.75 10.52 10.28
CA GLY A 46 -4.96 10.71 11.70
C GLY A 46 -5.37 9.44 12.40
N ARG A 47 -4.79 8.32 11.97
CA ARG A 47 -5.11 7.02 12.58
C ARG A 47 -4.05 6.62 13.60
N GLU A 48 -3.70 7.56 14.46
CA GLU A 48 -2.69 7.31 15.50
C GLU A 48 -1.33 6.99 14.86
N PRO A 49 -0.27 7.13 15.66
CA PRO A 49 1.10 6.87 15.21
C PRO A 49 1.35 5.38 14.97
N GLY A 50 0.97 4.56 15.96
CA GLY A 50 1.16 3.13 15.83
C GLY A 50 0.08 2.46 15.02
N ASP A 51 0.16 2.59 13.70
CA ASP A 51 -0.83 2.00 12.81
C ASP A 51 -0.20 0.90 11.96
N ILE A 52 -0.31 -0.34 12.43
CA ILE A 52 0.26 -1.48 11.71
C ILE A 52 -0.81 -2.53 11.42
N PRO A 53 -1.67 -2.25 10.43
CA PRO A 53 -2.75 -3.16 10.04
C PRO A 53 -2.24 -4.42 9.36
N GLU A 54 -2.77 -5.57 9.76
CA GLU A 54 -2.36 -6.84 9.19
C GLU A 54 -3.56 -7.62 8.65
N THR A 55 -4.53 -6.88 8.12
CA THR A 55 -5.74 -7.49 7.57
C THR A 55 -6.17 -6.80 6.28
N LEU A 56 -6.87 -7.54 5.43
CA LEU A 56 -7.34 -7.01 4.15
C LEU A 56 -8.39 -5.91 4.39
N ASP A 57 -9.10 -6.02 5.49
CA ASP A 57 -10.15 -5.05 5.82
C ASP A 57 -9.53 -3.70 6.16
N GLN A 58 -8.42 -3.72 6.90
CA GLN A 58 -7.74 -2.49 7.30
C GLN A 58 -7.12 -1.81 6.09
N LEU A 59 -6.34 -2.56 5.31
CA LEU A 59 -5.69 -2.02 4.12
C LEU A 59 -6.71 -1.40 3.17
N ARG A 60 -7.83 -2.10 2.96
CA ARG A 60 -8.89 -1.62 2.08
C ARG A 60 -9.49 -0.33 2.61
N LEU A 61 -9.62 -0.24 3.94
CA LEU A 61 -10.19 0.95 4.58
C LEU A 61 -9.23 2.12 4.47
N VAL A 62 -7.97 1.89 4.79
CA VAL A 62 -6.95 2.93 4.73
C VAL A 62 -6.92 3.58 3.35
N ILE A 63 -7.01 2.77 2.31
CA ILE A 63 -7.00 3.27 0.94
C ILE A 63 -8.20 4.17 0.67
N CYS A 64 -9.39 3.64 0.92
CA CYS A 64 -10.61 4.40 0.71
C CYS A 64 -10.58 5.73 1.47
N ASP A 65 -9.82 5.76 2.56
CA ASP A 65 -9.70 6.95 3.38
C ASP A 65 -8.80 7.98 2.71
N LEU A 66 -7.52 7.65 2.59
CA LEU A 66 -6.55 8.54 1.96
C LEU A 66 -6.98 8.91 0.54
N GLN A 67 -7.75 8.02 -0.08
CA GLN A 67 -8.23 8.26 -1.43
C GLN A 67 -9.40 9.24 -1.43
N GLU A 68 -10.44 8.92 -0.67
CA GLU A 68 -11.62 9.77 -0.58
C GLU A 68 -11.24 11.18 -0.11
N ARG A 69 -10.36 11.24 0.89
CA ARG A 69 -9.93 12.52 1.44
C ARG A 69 -9.11 13.30 0.41
N ARG A 70 -8.02 12.70 -0.06
CA ARG A 70 -7.16 13.35 -1.04
C ARG A 70 -7.94 13.67 -2.31
N GLU A 71 -9.05 12.96 -2.52
CA GLU A 71 -9.88 13.18 -3.70
C GLU A 71 -10.61 14.52 -3.62
N LYS A 72 -11.43 14.67 -2.58
CA LYS A 72 -12.19 15.90 -2.39
C LYS A 72 -11.25 17.09 -2.22
N PHE A 73 -10.04 16.83 -1.76
CA PHE A 73 -9.05 17.88 -1.57
C PHE A 73 -8.26 18.14 -2.84
N GLY A 74 -8.20 17.13 -3.72
CA GLY A 74 -7.49 17.26 -4.96
C GLY A 74 -6.63 16.05 -5.28
N SER A 75 -5.31 16.22 -5.17
CA SER A 75 -4.39 15.13 -5.44
C SER A 75 -2.94 15.57 -5.23
N SER A 76 -2.13 14.68 -4.68
CA SER A 76 -0.72 14.98 -4.42
C SER A 76 0.17 13.83 -4.86
N LYS A 77 1.40 14.16 -5.25
CA LYS A 77 2.36 13.16 -5.68
C LYS A 77 2.82 12.30 -4.51
N GLU A 78 3.06 12.93 -3.37
CA GLU A 78 3.51 12.22 -2.17
C GLU A 78 2.42 11.28 -1.67
N ILE A 79 1.23 11.82 -1.45
CA ILE A 79 0.11 11.03 -0.97
C ILE A 79 -0.27 9.94 -1.97
N ASP A 80 -0.07 10.22 -3.25
CA ASP A 80 -0.39 9.27 -4.30
C ASP A 80 0.47 8.02 -4.18
N MET A 81 1.77 8.21 -4.05
CA MET A 81 2.70 7.10 -3.93
C MET A 81 2.39 6.27 -2.68
N ALA A 82 2.15 6.95 -1.57
CA ALA A 82 1.85 6.29 -0.31
C ALA A 82 0.68 5.32 -0.48
N ILE A 83 -0.37 5.77 -1.16
CA ILE A 83 -1.55 4.96 -1.39
C ILE A 83 -1.19 3.69 -2.17
N VAL A 84 -0.54 3.88 -3.31
CA VAL A 84 -0.14 2.75 -4.16
C VAL A 84 0.68 1.73 -3.36
N THR A 85 1.44 2.23 -2.40
CA THR A 85 2.29 1.37 -1.57
C THR A 85 1.43 0.45 -0.71
N LEU A 86 0.49 1.03 0.03
CA LEU A 86 -0.39 0.26 0.90
C LEU A 86 -1.21 -0.74 0.09
N LYS A 87 -1.43 -0.43 -1.18
CA LYS A 87 -2.20 -1.30 -2.06
C LYS A 87 -1.40 -2.55 -2.42
N VAL A 88 -0.29 -2.36 -3.12
CA VAL A 88 0.56 -3.46 -3.52
C VAL A 88 0.91 -4.35 -2.33
N PHE A 89 1.14 -3.72 -1.18
CA PHE A 89 1.49 -4.45 0.03
C PHE A 89 0.29 -5.24 0.55
N ALA A 90 -0.89 -4.67 0.42
CA ALA A 90 -2.12 -5.32 0.86
C ALA A 90 -2.39 -6.58 0.06
N VAL A 91 -2.36 -6.46 -1.27
CA VAL A 91 -2.61 -7.59 -2.16
C VAL A 91 -1.46 -8.59 -2.09
N ALA A 92 -0.26 -8.11 -2.35
CA ALA A 92 0.93 -8.95 -2.33
C ALA A 92 1.21 -9.49 -0.93
N GLY A 93 0.54 -8.89 0.06
CA GLY A 93 0.72 -9.32 1.44
C GLY A 93 -0.39 -10.23 1.92
N LEU A 94 -1.57 -9.65 2.15
CA LEU A 94 -2.72 -10.43 2.61
C LEU A 94 -3.07 -11.52 1.62
N LEU A 95 -3.05 -11.19 0.33
CA LEU A 95 -3.36 -12.14 -0.72
C LEU A 95 -2.12 -12.88 -1.19
N ASN A 96 -0.97 -12.48 -0.66
CA ASN A 96 0.30 -13.11 -1.01
C ASN A 96 0.47 -13.17 -2.53
N MET A 97 -0.12 -12.20 -3.22
CA MET A 97 -0.03 -12.14 -4.68
C MET A 97 0.93 -11.05 -5.13
N THR A 98 2.22 -11.35 -5.09
CA THR A 98 3.24 -10.38 -5.50
C THR A 98 3.00 -9.89 -6.91
N VAL A 99 2.42 -8.70 -7.02
CA VAL A 99 2.13 -8.11 -8.33
C VAL A 99 3.42 -7.78 -9.08
N SER A 100 3.28 -7.42 -10.35
CA SER A 100 4.43 -7.08 -11.17
C SER A 100 4.94 -5.67 -10.85
N THR A 101 4.01 -4.74 -10.67
CA THR A 101 4.36 -3.36 -10.36
C THR A 101 3.34 -2.73 -9.42
N ALA A 102 3.76 -1.72 -8.67
CA ALA A 102 2.88 -1.04 -7.74
C ALA A 102 1.61 -0.57 -8.44
N ALA A 103 1.75 -0.09 -9.67
CA ALA A 103 0.62 0.38 -10.45
C ALA A 103 -0.37 -0.75 -10.74
N ALA A 104 0.15 -1.88 -11.20
CA ALA A 104 -0.68 -3.03 -11.51
C ALA A 104 -1.54 -3.42 -10.31
N ALA A 105 -0.95 -3.36 -9.12
CA ALA A 105 -1.66 -3.71 -7.90
C ALA A 105 -2.83 -2.77 -7.65
N GLU A 106 -2.55 -1.47 -7.68
CA GLU A 106 -3.59 -0.47 -7.46
C GLU A 106 -4.76 -0.68 -8.41
N ASN A 107 -4.46 -1.14 -9.62
CA ASN A 107 -5.48 -1.38 -10.62
C ASN A 107 -6.33 -2.60 -10.26
N MET A 108 -5.68 -3.63 -9.72
CA MET A 108 -6.37 -4.85 -9.33
C MET A 108 -7.35 -4.57 -8.18
N TYR A 109 -6.91 -3.77 -7.22
CA TYR A 109 -7.75 -3.43 -6.07
C TYR A 109 -8.97 -2.63 -6.51
N SER A 110 -8.74 -1.58 -7.28
CA SER A 110 -9.83 -0.74 -7.76
C SER A 110 -10.76 -1.51 -8.70
N GLN A 111 -10.15 -2.24 -9.63
CA GLN A 111 -10.91 -3.02 -10.59
C GLN A 111 -11.69 -4.14 -9.89
N MET A 112 -11.15 -4.62 -8.78
CA MET A 112 -11.79 -5.68 -8.01
C MET A 112 -13.09 -5.18 -7.38
N GLY A 113 -13.18 -3.87 -7.18
CA GLY A 113 -14.37 -3.30 -6.58
C GLY A 113 -14.10 -2.70 -5.21
N LEU A 114 -12.86 -2.31 -4.98
CA LEU A 114 -12.47 -1.73 -3.69
C LEU A 114 -12.30 -0.22 -3.81
N ASP A 115 -12.06 0.25 -5.02
CA ASP A 115 -11.89 1.68 -5.28
C ASP A 115 -12.42 2.06 -6.64
N THR A 116 -12.42 3.36 -6.93
CA THR A 116 -12.91 3.86 -8.21
C THR A 116 -12.37 5.26 -8.51
N ARG A 117 -12.19 5.56 -9.79
CA ARG A 117 -11.68 6.86 -10.20
C ARG A 117 -12.67 7.56 -11.13
N PRO A 118 -12.51 8.89 -11.26
CA PRO A 118 -13.38 9.70 -12.11
C PRO A 118 -13.14 9.44 -13.60
N GLY A 1 5.37 -7.28 16.01
CA GLY A 1 5.77 -8.67 15.87
C GLY A 1 5.53 -9.47 17.14
N ASN A 2 4.28 -9.90 17.34
CA ASN A 2 3.92 -10.68 18.52
C ASN A 2 4.83 -11.90 18.66
N GLY A 3 4.71 -12.83 17.72
CA GLY A 3 5.53 -14.03 17.77
C GLY A 3 5.99 -14.46 16.39
N GLN A 4 6.86 -13.66 15.78
CA GLN A 4 7.38 -13.97 14.46
C GLN A 4 6.25 -14.00 13.42
N GLY A 5 6.02 -12.88 12.75
CA GLY A 5 4.98 -12.81 11.76
C GLY A 5 5.43 -13.30 10.40
N ARG A 6 4.79 -14.37 9.91
CA ARG A 6 5.15 -14.94 8.62
C ARG A 6 4.76 -14.00 7.49
N ASP A 7 3.48 -13.63 7.43
CA ASP A 7 2.97 -12.74 6.41
C ASP A 7 3.69 -11.39 6.45
N TRP A 8 4.21 -11.05 7.62
CA TRP A 8 4.94 -9.79 7.79
C TRP A 8 6.28 -9.82 7.06
N LYS A 9 7.14 -10.73 7.48
CA LYS A 9 8.46 -10.87 6.87
C LYS A 9 8.34 -11.33 5.42
N MET A 10 7.31 -12.11 5.13
CA MET A 10 7.08 -12.61 3.77
C MET A 10 6.64 -11.48 2.85
N ALA A 11 5.77 -10.61 3.36
CA ALA A 11 5.28 -9.49 2.56
C ALA A 11 6.40 -8.54 2.19
N ILE A 12 7.23 -8.18 3.17
CA ILE A 12 8.35 -7.29 2.94
C ILE A 12 9.36 -7.90 1.98
N LYS A 13 9.77 -9.13 2.28
CA LYS A 13 10.73 -9.84 1.44
C LYS A 13 10.29 -9.83 -0.02
N ARG A 14 9.00 -9.99 -0.24
CA ARG A 14 8.45 -9.99 -1.60
C ARG A 14 8.26 -8.57 -2.12
N CYS A 15 8.06 -7.64 -1.20
CA CYS A 15 7.87 -6.24 -1.56
C CYS A 15 9.09 -5.68 -2.29
N SER A 16 10.27 -6.07 -1.82
CA SER A 16 11.51 -5.61 -2.42
C SER A 16 11.57 -5.96 -3.90
N ASN A 17 10.82 -6.99 -4.28
CA ASN A 17 10.78 -7.43 -5.67
C ASN A 17 9.59 -6.83 -6.40
N VAL A 18 9.14 -5.67 -5.94
CA VAL A 18 8.01 -4.98 -6.55
C VAL A 18 8.46 -3.74 -7.30
N ALA A 19 7.97 -3.58 -8.53
CA ALA A 19 8.31 -2.43 -9.35
C ALA A 19 7.29 -1.31 -9.19
N VAL A 20 7.63 -0.31 -8.39
CA VAL A 20 6.74 0.81 -8.15
C VAL A 20 6.36 1.51 -9.45
N GLY A 21 7.22 1.36 -10.46
CA GLY A 21 6.95 1.97 -11.75
C GLY A 21 7.05 0.97 -12.89
N VAL A 22 5.89 0.63 -13.46
CA VAL A 22 5.84 -0.33 -14.56
C VAL A 22 6.80 0.09 -15.68
N GLY A 23 7.68 -0.83 -16.07
CA GLY A 23 8.65 -0.56 -17.11
C GLY A 23 9.74 -1.60 -17.20
N GLY A 24 10.18 -2.08 -16.04
CA GLY A 24 11.23 -3.09 -16.01
C GLY A 24 12.03 -3.03 -14.73
N LYS A 25 13.21 -2.42 -14.80
CA LYS A 25 14.08 -2.32 -13.64
C LYS A 25 13.91 -0.96 -12.95
N SER A 26 12.68 -0.46 -12.94
CA SER A 26 12.38 0.82 -12.32
C SER A 26 12.62 0.77 -10.81
N LYS A 27 12.26 1.84 -10.12
CA LYS A 27 12.42 1.91 -8.68
C LYS A 27 11.69 0.76 -7.98
N LYS A 28 12.44 -0.01 -7.20
CA LYS A 28 11.86 -1.14 -6.48
C LYS A 28 11.41 -0.72 -5.07
N PHE A 29 10.55 -1.54 -4.47
CA PHE A 29 10.05 -1.25 -3.13
C PHE A 29 11.03 -1.74 -2.06
N GLY A 30 10.65 -1.58 -0.81
CA GLY A 30 11.50 -2.01 0.29
C GLY A 30 10.89 -1.73 1.65
N GLU A 31 11.49 -2.30 2.69
CA GLU A 31 10.99 -2.10 4.05
C GLU A 31 10.89 -0.62 4.38
N GLY A 32 11.90 0.15 3.99
CA GLY A 32 11.90 1.57 4.26
C GLY A 32 10.76 2.29 3.56
N ASN A 33 10.64 2.08 2.26
CA ASN A 33 9.59 2.72 1.47
C ASN A 33 8.21 2.36 2.01
N PHE A 34 7.99 1.07 2.25
CA PHE A 34 6.71 0.59 2.77
C PHE A 34 6.33 1.34 4.04
N ARG A 35 7.32 1.55 4.92
CA ARG A 35 7.09 2.25 6.18
C ARG A 35 6.73 3.71 5.93
N TRP A 36 7.39 4.31 4.95
CA TRP A 36 7.15 5.71 4.60
C TRP A 36 5.70 5.92 4.15
N ALA A 37 5.14 4.90 3.50
CA ALA A 37 3.77 4.97 3.01
C ALA A 37 2.77 4.87 4.16
N ILE A 38 2.89 3.81 4.96
CA ILE A 38 2.01 3.61 6.09
C ILE A 38 2.17 4.71 7.13
N ARG A 39 3.40 5.20 7.28
CA ARG A 39 3.69 6.27 8.23
C ARG A 39 2.95 7.54 7.86
N MET A 40 3.16 8.01 6.64
CA MET A 40 2.52 9.23 6.16
C MET A 40 1.01 9.02 6.02
N ALA A 41 0.61 7.88 5.48
CA ALA A 41 -0.79 7.56 5.29
C ALA A 41 -1.53 7.52 6.63
N ASN A 42 -0.85 6.97 7.65
CA ASN A 42 -1.44 6.87 8.98
C ASN A 42 -1.71 8.26 9.57
N VAL A 43 -0.66 9.07 9.65
CA VAL A 43 -0.78 10.41 10.19
C VAL A 43 -1.75 11.25 9.37
N SER A 44 -1.75 11.05 8.05
CA SER A 44 -2.63 11.79 7.16
C SER A 44 -4.09 11.47 7.45
N THR A 45 -4.33 10.29 7.99
CA THR A 45 -5.68 9.86 8.33
C THR A 45 -6.02 10.16 9.78
N GLY A 46 -5.33 11.14 10.35
CA GLY A 46 -5.57 11.51 11.73
C GLY A 46 -5.49 10.32 12.67
N ARG A 47 -4.70 9.32 12.29
CA ARG A 47 -4.55 8.13 13.10
C ARG A 47 -3.16 8.08 13.73
N GLU A 48 -3.08 7.56 14.95
CA GLU A 48 -1.82 7.46 15.67
C GLU A 48 -0.76 6.77 14.81
N PRO A 49 0.51 6.98 15.16
CA PRO A 49 1.65 6.39 14.44
C PRO A 49 1.74 4.88 14.62
N GLY A 50 1.09 4.38 15.68
CA GLY A 50 1.11 2.97 15.95
C GLY A 50 0.00 2.22 15.23
N ASP A 51 -0.14 2.47 13.93
CA ASP A 51 -1.17 1.82 13.14
C ASP A 51 -0.59 0.69 12.31
N ILE A 52 -0.62 -0.52 12.86
CA ILE A 52 -0.08 -1.69 12.18
C ILE A 52 -1.17 -2.74 11.96
N PRO A 53 -2.07 -2.47 11.00
CA PRO A 53 -3.17 -3.37 10.67
C PRO A 53 -2.69 -4.66 10.00
N GLU A 54 -3.32 -5.78 10.33
CA GLU A 54 -2.95 -7.06 9.75
C GLU A 54 -4.17 -7.76 9.17
N THR A 55 -4.98 -7.01 8.42
CA THR A 55 -6.18 -7.56 7.80
C THR A 55 -6.44 -6.91 6.45
N LEU A 56 -6.76 -7.73 5.46
CA LEU A 56 -7.03 -7.23 4.11
C LEU A 56 -8.10 -6.14 4.15
N ASP A 57 -9.01 -6.23 5.11
CA ASP A 57 -10.08 -5.25 5.25
C ASP A 57 -9.51 -3.89 5.65
N GLN A 58 -8.53 -3.90 6.56
CA GLN A 58 -7.91 -2.67 7.03
C GLN A 58 -7.16 -1.98 5.90
N LEU A 59 -6.42 -2.76 5.11
CA LEU A 59 -5.66 -2.22 3.99
C LEU A 59 -6.56 -1.50 3.00
N ARG A 60 -7.65 -2.17 2.61
CA ARG A 60 -8.60 -1.58 1.67
C ARG A 60 -9.20 -0.30 2.23
N LEU A 61 -9.45 -0.29 3.54
CA LEU A 61 -10.03 0.88 4.20
C LEU A 61 -9.04 2.04 4.22
N VAL A 62 -7.80 1.75 4.60
CA VAL A 62 -6.76 2.77 4.66
C VAL A 62 -6.59 3.47 3.31
N ILE A 63 -6.71 2.70 2.24
CA ILE A 63 -6.58 3.24 0.89
C ILE A 63 -7.70 4.23 0.58
N CYS A 64 -8.94 3.76 0.71
CA CYS A 64 -10.10 4.60 0.44
C CYS A 64 -10.03 5.89 1.24
N ASP A 65 -9.59 5.79 2.49
CA ASP A 65 -9.47 6.95 3.36
C ASP A 65 -8.47 7.95 2.81
N LEU A 66 -7.25 7.48 2.54
CA LEU A 66 -6.21 8.33 2.00
C LEU A 66 -6.63 8.95 0.66
N GLN A 67 -7.15 8.13 -0.23
CA GLN A 67 -7.60 8.59 -1.53
C GLN A 67 -8.76 9.57 -1.39
N GLU A 68 -9.57 9.37 -0.36
CA GLU A 68 -10.72 10.24 -0.12
C GLU A 68 -10.27 11.67 0.17
N ARG A 69 -9.31 11.81 1.08
CA ARG A 69 -8.79 13.12 1.46
C ARG A 69 -8.12 13.80 0.26
N ARG A 70 -7.24 13.06 -0.41
CA ARG A 70 -6.53 13.58 -1.57
C ARG A 70 -7.50 13.93 -2.70
N GLU A 71 -8.62 13.22 -2.74
CA GLU A 71 -9.63 13.45 -3.76
C GLU A 71 -10.31 14.80 -3.56
N LYS A 72 -10.91 14.99 -2.39
CA LYS A 72 -11.60 16.24 -2.07
C LYS A 72 -10.66 17.44 -2.24
N PHE A 73 -9.38 17.23 -1.91
CA PHE A 73 -8.39 18.29 -2.03
C PHE A 73 -7.93 18.45 -3.47
N GLY A 74 -8.01 17.36 -4.23
CA GLY A 74 -7.60 17.39 -5.63
C GLY A 74 -6.69 16.23 -5.99
N SER A 75 -5.39 16.42 -5.81
CA SER A 75 -4.41 15.38 -6.13
C SER A 75 -3.13 15.58 -5.33
N SER A 76 -2.25 14.58 -5.37
CA SER A 76 -1.00 14.64 -4.65
C SER A 76 -0.12 13.43 -4.97
N LYS A 77 1.13 13.69 -5.35
CA LYS A 77 2.06 12.63 -5.69
C LYS A 77 2.43 11.80 -4.46
N GLU A 78 2.78 12.49 -3.37
CA GLU A 78 3.14 11.82 -2.12
C GLU A 78 2.01 10.92 -1.65
N ILE A 79 0.80 11.47 -1.61
CA ILE A 79 -0.36 10.71 -1.16
C ILE A 79 -0.63 9.52 -2.07
N ASP A 80 -0.72 9.79 -3.37
CA ASP A 80 -0.96 8.72 -4.35
C ASP A 80 0.04 7.58 -4.18
N MET A 81 1.27 7.93 -3.81
CA MET A 81 2.31 6.93 -3.62
C MET A 81 1.97 6.02 -2.44
N ALA A 82 1.74 6.61 -1.28
CA ALA A 82 1.41 5.85 -0.08
C ALA A 82 0.26 4.89 -0.35
N ILE A 83 -0.68 5.31 -1.19
CA ILE A 83 -1.84 4.49 -1.53
C ILE A 83 -1.41 3.24 -2.28
N VAL A 84 -0.72 3.42 -3.40
CA VAL A 84 -0.25 2.30 -4.20
C VAL A 84 0.64 1.37 -3.38
N THR A 85 1.33 1.94 -2.40
CA THR A 85 2.22 1.15 -1.55
C THR A 85 1.44 0.14 -0.71
N LEU A 86 0.44 0.63 0.02
CA LEU A 86 -0.39 -0.23 0.85
C LEU A 86 -1.19 -1.21 0.00
N LYS A 87 -1.42 -0.84 -1.25
CA LYS A 87 -2.18 -1.68 -2.17
C LYS A 87 -1.38 -2.94 -2.53
N VAL A 88 -0.23 -2.75 -3.16
CA VAL A 88 0.62 -3.86 -3.56
C VAL A 88 0.96 -4.74 -2.37
N PHE A 89 1.22 -4.11 -1.23
CA PHE A 89 1.56 -4.84 -0.01
C PHE A 89 0.35 -5.60 0.52
N ALA A 90 -0.83 -5.01 0.35
CA ALA A 90 -2.06 -5.63 0.83
C ALA A 90 -2.35 -6.92 0.05
N VAL A 91 -2.35 -6.82 -1.27
CA VAL A 91 -2.61 -7.98 -2.12
C VAL A 91 -1.46 -8.98 -2.06
N ALA A 92 -0.26 -8.50 -2.35
CA ALA A 92 0.93 -9.35 -2.33
C ALA A 92 1.22 -9.85 -0.92
N GLY A 93 0.58 -9.23 0.06
CA GLY A 93 0.79 -9.62 1.45
C GLY A 93 -0.32 -10.52 1.96
N LEU A 94 -1.49 -9.95 2.20
CA LEU A 94 -2.63 -10.71 2.71
C LEU A 94 -3.01 -11.82 1.74
N LEU A 95 -3.01 -11.50 0.45
CA LEU A 95 -3.35 -12.49 -0.58
C LEU A 95 -2.11 -13.23 -1.05
N ASN A 96 -0.95 -12.83 -0.54
CA ASN A 96 0.31 -13.47 -0.90
C ASN A 96 0.45 -13.58 -2.42
N MET A 97 -0.14 -12.61 -3.13
CA MET A 97 -0.08 -12.59 -4.59
C MET A 97 1.22 -11.94 -5.07
N THR A 98 1.36 -11.82 -6.39
CA THR A 98 2.55 -11.22 -6.98
C THR A 98 2.18 -10.23 -8.08
N VAL A 99 1.63 -9.09 -7.68
CA VAL A 99 1.24 -8.06 -8.64
C VAL A 99 2.43 -7.58 -9.46
N SER A 100 3.63 -7.83 -8.94
CA SER A 100 4.86 -7.41 -9.62
C SER A 100 5.03 -5.90 -9.54
N THR A 101 4.18 -5.18 -10.25
CA THR A 101 4.24 -3.71 -10.26
C THR A 101 3.15 -3.10 -9.38
N ALA A 102 3.53 -2.15 -8.54
CA ALA A 102 2.59 -1.48 -7.65
C ALA A 102 1.40 -0.92 -8.43
N ALA A 103 1.63 -0.60 -9.70
CA ALA A 103 0.59 -0.06 -10.55
C ALA A 103 -0.50 -1.10 -10.82
N ALA A 104 -0.07 -2.30 -11.20
CA ALA A 104 -1.01 -3.38 -11.48
C ALA A 104 -1.82 -3.75 -10.25
N ALA A 105 -1.17 -3.73 -9.09
CA ALA A 105 -1.82 -4.06 -7.84
C ALA A 105 -2.98 -3.10 -7.55
N GLU A 106 -2.68 -1.80 -7.58
CA GLU A 106 -3.70 -0.79 -7.32
C GLU A 106 -4.80 -0.83 -8.38
N ASN A 107 -4.43 -1.29 -9.57
CA ASN A 107 -5.38 -1.38 -10.67
C ASN A 107 -6.48 -2.41 -10.37
N MET A 108 -6.06 -3.57 -9.88
CA MET A 108 -6.99 -4.64 -9.55
C MET A 108 -7.83 -4.27 -8.33
N TYR A 109 -7.18 -3.71 -7.32
CA TYR A 109 -7.87 -3.31 -6.09
C TYR A 109 -9.02 -2.38 -6.40
N SER A 110 -8.79 -1.42 -7.29
CA SER A 110 -9.81 -0.46 -7.67
C SER A 110 -10.77 -1.06 -8.70
N GLN A 111 -10.22 -1.85 -9.61
CA GLN A 111 -11.02 -2.48 -10.65
C GLN A 111 -12.06 -3.42 -10.04
N MET A 112 -11.69 -4.06 -8.94
CA MET A 112 -12.59 -4.99 -8.26
C MET A 112 -13.64 -4.23 -7.46
N GLY A 113 -13.36 -2.96 -7.15
CA GLY A 113 -14.29 -2.15 -6.39
C GLY A 113 -13.87 -1.99 -4.94
N LEU A 114 -12.58 -2.20 -4.67
CA LEU A 114 -12.06 -2.08 -3.32
C LEU A 114 -11.57 -0.66 -3.04
N ASP A 115 -10.92 -0.05 -4.04
CA ASP A 115 -10.42 1.30 -3.91
C ASP A 115 -11.55 2.29 -3.63
N THR A 116 -12.69 2.06 -4.26
CA THR A 116 -13.85 2.93 -4.08
C THR A 116 -15.12 2.26 -4.59
N ARG A 117 -16.27 2.71 -4.08
CA ARG A 117 -17.56 2.15 -4.49
C ARG A 117 -18.65 3.21 -4.41
N PRO A 118 -18.57 4.21 -5.30
CA PRO A 118 -19.55 5.30 -5.35
C PRO A 118 -20.91 4.84 -5.85
N GLY A 1 11.10 -5.69 17.30
CA GLY A 1 11.72 -6.19 18.50
C GLY A 1 11.74 -7.71 18.57
N ASN A 2 11.37 -8.26 19.72
CA ASN A 2 11.33 -9.70 19.91
C ASN A 2 9.98 -10.28 19.49
N GLY A 3 9.89 -10.66 18.21
CA GLY A 3 8.65 -11.22 17.71
C GLY A 3 8.86 -12.02 16.43
N GLN A 4 7.86 -12.82 16.06
CA GLN A 4 7.94 -13.63 14.86
C GLN A 4 6.73 -13.40 13.96
N GLY A 5 6.98 -13.26 12.66
CA GLY A 5 5.90 -13.04 11.72
C GLY A 5 6.24 -13.53 10.32
N ARG A 6 5.56 -14.59 9.90
CA ARG A 6 5.79 -15.17 8.58
C ARG A 6 5.30 -14.22 7.49
N ASP A 7 4.00 -13.93 7.50
CA ASP A 7 3.40 -13.04 6.51
C ASP A 7 4.09 -11.67 6.53
N TRP A 8 4.70 -11.33 7.65
CA TRP A 8 5.40 -10.06 7.80
C TRP A 8 6.67 -10.03 6.96
N LYS A 9 7.61 -10.91 7.28
CA LYS A 9 8.87 -10.98 6.56
C LYS A 9 8.66 -11.49 5.14
N MET A 10 7.55 -12.20 4.92
CA MET A 10 7.22 -12.74 3.62
C MET A 10 6.67 -11.65 2.70
N ALA A 11 5.64 -10.95 3.17
CA ALA A 11 5.02 -9.87 2.41
C ALA A 11 6.05 -8.82 2.01
N ILE A 12 6.90 -8.45 2.96
CA ILE A 12 7.93 -7.45 2.71
C ILE A 12 8.96 -7.96 1.71
N LYS A 13 9.59 -9.08 2.04
CA LYS A 13 10.60 -9.67 1.16
C LYS A 13 10.02 -9.98 -0.21
N ARG A 14 8.70 -10.13 -0.27
CA ARG A 14 8.01 -10.42 -1.52
C ARG A 14 7.75 -9.15 -2.31
N CYS A 15 6.98 -8.24 -1.72
CA CYS A 15 6.66 -6.97 -2.37
C CYS A 15 7.93 -6.16 -2.64
N SER A 16 9.00 -6.50 -1.95
CA SER A 16 10.27 -5.80 -2.11
C SER A 16 10.71 -5.81 -3.57
N ASN A 17 10.25 -6.80 -4.32
CA ASN A 17 10.59 -6.92 -5.73
C ASN A 17 9.50 -6.33 -6.61
N VAL A 18 8.79 -5.34 -6.08
CA VAL A 18 7.71 -4.69 -6.82
C VAL A 18 8.13 -3.30 -7.28
N ALA A 19 8.04 -3.05 -8.57
CA ALA A 19 8.40 -1.76 -9.14
C ALA A 19 7.28 -0.74 -8.92
N VAL A 20 7.61 0.35 -8.23
CA VAL A 20 6.64 1.40 -7.96
C VAL A 20 6.07 1.98 -9.25
N GLY A 21 6.85 1.88 -10.33
CA GLY A 21 6.41 2.39 -11.60
C GLY A 21 6.64 1.41 -12.74
N VAL A 22 5.57 0.97 -13.38
CA VAL A 22 5.66 0.03 -14.49
C VAL A 22 6.23 0.70 -15.73
N GLY A 23 5.91 1.98 -15.91
CA GLY A 23 6.39 2.71 -17.06
C GLY A 23 6.94 4.07 -16.69
N GLY A 24 8.26 4.20 -16.73
CA GLY A 24 8.90 5.46 -16.39
C GLY A 24 10.29 5.27 -15.81
N LYS A 25 10.35 4.75 -14.59
CA LYS A 25 11.62 4.51 -13.92
C LYS A 25 11.70 3.09 -13.38
N SER A 26 12.92 2.55 -13.32
CA SER A 26 13.13 1.19 -12.82
C SER A 26 13.59 1.21 -11.37
N LYS A 27 12.64 1.05 -10.45
CA LYS A 27 12.96 1.04 -9.03
C LYS A 27 11.81 0.43 -8.23
N LYS A 28 12.15 -0.47 -7.31
CA LYS A 28 11.15 -1.13 -6.48
C LYS A 28 11.16 -0.56 -5.07
N PHE A 29 10.07 -0.75 -4.35
CA PHE A 29 9.94 -0.26 -2.98
C PHE A 29 10.22 -1.38 -1.97
N GLY A 30 10.94 -1.03 -0.90
CA GLY A 30 11.27 -2.01 0.11
C GLY A 30 10.56 -1.75 1.43
N GLU A 31 10.98 -2.43 2.48
CA GLU A 31 10.38 -2.27 3.79
C GLU A 31 10.38 -0.80 4.22
N GLY A 32 11.41 -0.07 3.78
CA GLY A 32 11.51 1.33 4.13
C GLY A 32 10.38 2.16 3.55
N ASN A 33 10.19 2.07 2.24
CA ASN A 33 9.13 2.82 1.56
C ASN A 33 7.76 2.43 2.10
N PHE A 34 7.58 1.14 2.37
CA PHE A 34 6.32 0.63 2.90
C PHE A 34 5.94 1.34 4.19
N ARG A 35 6.90 1.45 5.10
CA ARG A 35 6.66 2.11 6.38
C ARG A 35 6.33 3.58 6.18
N TRP A 36 7.01 4.22 5.24
CA TRP A 36 6.78 5.63 4.94
C TRP A 36 5.35 5.86 4.48
N ALA A 37 4.79 4.87 3.79
CA ALA A 37 3.42 4.97 3.29
C ALA A 37 2.41 4.84 4.43
N ILE A 38 2.51 3.75 5.17
CA ILE A 38 1.60 3.51 6.29
C ILE A 38 1.75 4.58 7.37
N ARG A 39 2.99 5.04 7.55
CA ARG A 39 3.26 6.06 8.55
C ARG A 39 2.55 7.37 8.21
N MET A 40 2.82 7.89 7.01
CA MET A 40 2.20 9.13 6.57
C MET A 40 0.70 8.96 6.40
N ALA A 41 0.29 7.87 5.77
CA ALA A 41 -1.12 7.59 5.55
C ALA A 41 -1.88 7.51 6.88
N ASN A 42 -1.23 6.94 7.89
CA ASN A 42 -1.83 6.80 9.21
C ASN A 42 -2.10 8.17 9.84
N VAL A 43 -1.06 8.98 9.95
CA VAL A 43 -1.18 10.31 10.52
C VAL A 43 -2.22 11.13 9.79
N SER A 44 -2.18 11.10 8.46
CA SER A 44 -3.13 11.84 7.64
C SER A 44 -4.55 11.33 7.86
N THR A 45 -4.66 10.07 8.25
CA THR A 45 -5.97 9.46 8.49
C THR A 45 -6.35 9.52 9.97
N GLY A 46 -5.77 10.49 10.67
CA GLY A 46 -6.06 10.64 12.09
C GLY A 46 -5.68 9.42 12.89
N ARG A 47 -4.48 8.89 12.63
CA ARG A 47 -4.00 7.71 13.34
C ARG A 47 -2.51 7.84 13.67
N GLU A 48 -2.17 7.68 14.94
CA GLU A 48 -0.79 7.79 15.39
C GLU A 48 0.12 6.89 14.55
N PRO A 49 1.42 7.17 14.57
CA PRO A 49 2.43 6.40 13.82
C PRO A 49 2.62 5.01 14.41
N GLY A 50 2.17 4.81 15.64
CA GLY A 50 2.31 3.52 16.28
C GLY A 50 1.16 2.59 15.98
N ASP A 51 0.82 2.47 14.70
CA ASP A 51 -0.27 1.60 14.27
C ASP A 51 0.16 0.72 13.09
N ILE A 52 0.32 -0.57 13.35
CA ILE A 52 0.72 -1.51 12.32
C ILE A 52 -0.33 -2.60 12.14
N PRO A 53 -1.50 -2.21 11.63
CA PRO A 53 -2.62 -3.13 11.39
C PRO A 53 -2.34 -4.08 10.24
N GLU A 54 -2.87 -5.30 10.33
CA GLU A 54 -2.67 -6.30 9.28
C GLU A 54 -3.99 -7.00 8.95
N THR A 55 -4.86 -6.28 8.28
CA THR A 55 -6.17 -6.83 7.88
C THR A 55 -6.62 -6.27 6.54
N LEU A 56 -7.09 -7.16 5.67
CA LEU A 56 -7.56 -6.76 4.35
C LEU A 56 -8.59 -5.64 4.46
N ASP A 57 -9.36 -5.65 5.54
CA ASP A 57 -10.38 -4.65 5.77
C ASP A 57 -9.75 -3.29 6.10
N GLN A 58 -8.63 -3.33 6.81
CA GLN A 58 -7.93 -2.11 7.19
C GLN A 58 -7.25 -1.48 5.99
N LEU A 59 -6.37 -2.24 5.35
CA LEU A 59 -5.65 -1.74 4.18
C LEU A 59 -6.62 -1.20 3.13
N ARG A 60 -7.71 -1.92 2.91
CA ARG A 60 -8.71 -1.50 1.93
C ARG A 60 -9.34 -0.17 2.34
N LEU A 61 -9.70 -0.05 3.61
CA LEU A 61 -10.31 1.17 4.13
C LEU A 61 -9.33 2.35 4.06
N VAL A 62 -8.08 2.08 4.42
CA VAL A 62 -7.04 3.11 4.40
C VAL A 62 -6.93 3.74 3.02
N ILE A 63 -6.93 2.91 1.99
CA ILE A 63 -6.82 3.39 0.62
C ILE A 63 -8.01 4.29 0.26
N CYS A 64 -9.21 3.78 0.47
CA CYS A 64 -10.43 4.54 0.18
C CYS A 64 -10.44 5.86 0.94
N ASP A 65 -9.81 5.87 2.11
CA ASP A 65 -9.75 7.07 2.93
C ASP A 65 -8.69 8.04 2.40
N LEU A 66 -7.43 7.62 2.45
CA LEU A 66 -6.32 8.44 1.98
C LEU A 66 -6.59 8.96 0.57
N GLN A 67 -7.20 8.11 -0.26
CA GLN A 67 -7.51 8.49 -1.63
C GLN A 67 -8.63 9.51 -1.68
N GLU A 68 -9.73 9.23 -0.96
CA GLU A 68 -10.86 10.12 -0.93
C GLU A 68 -10.43 11.54 -0.55
N ARG A 69 -9.49 11.64 0.38
CA ARG A 69 -8.99 12.93 0.84
C ARG A 69 -8.15 13.59 -0.24
N ARG A 70 -7.18 12.85 -0.79
CA ARG A 70 -6.31 13.37 -1.83
C ARG A 70 -7.12 13.89 -3.01
N GLU A 71 -8.25 13.24 -3.28
CA GLU A 71 -9.11 13.64 -4.38
C GLU A 71 -9.79 14.98 -4.09
N LYS A 72 -10.49 15.04 -2.96
CA LYS A 72 -11.17 16.27 -2.55
C LYS A 72 -10.24 17.46 -2.59
N PHE A 73 -8.98 17.22 -2.23
CA PHE A 73 -7.97 18.28 -2.21
C PHE A 73 -7.45 18.56 -3.62
N GLY A 74 -7.47 17.53 -4.47
CA GLY A 74 -6.99 17.69 -5.83
C GLY A 74 -6.07 16.57 -6.26
N SER A 75 -4.77 16.84 -6.27
CA SER A 75 -3.78 15.84 -6.66
C SER A 75 -2.53 15.96 -5.80
N SER A 76 -1.99 14.82 -5.38
CA SER A 76 -0.79 14.79 -4.55
C SER A 76 0.04 13.55 -4.85
N LYS A 77 1.23 13.77 -5.40
CA LYS A 77 2.14 12.67 -5.74
C LYS A 77 2.51 11.87 -4.50
N GLU A 78 2.86 12.57 -3.42
CA GLU A 78 3.24 11.93 -2.17
C GLU A 78 2.13 11.01 -1.68
N ILE A 79 0.95 11.58 -1.47
CA ILE A 79 -0.19 10.81 -1.00
C ILE A 79 -0.49 9.64 -1.92
N ASP A 80 -0.49 9.91 -3.23
CA ASP A 80 -0.76 8.88 -4.22
C ASP A 80 0.21 7.71 -4.06
N MET A 81 1.44 8.02 -3.67
CA MET A 81 2.46 6.99 -3.48
C MET A 81 2.12 6.11 -2.28
N ALA A 82 1.76 6.74 -1.18
CA ALA A 82 1.41 6.03 0.04
C ALA A 82 0.24 5.09 -0.19
N ILE A 83 -0.70 5.51 -1.02
CA ILE A 83 -1.88 4.70 -1.34
C ILE A 83 -1.49 3.44 -2.10
N VAL A 84 -0.87 3.64 -3.26
CA VAL A 84 -0.45 2.52 -4.10
C VAL A 84 0.45 1.56 -3.32
N THR A 85 1.13 2.08 -2.32
CA THR A 85 2.02 1.27 -1.49
C THR A 85 1.23 0.31 -0.61
N LEU A 86 0.24 0.85 0.11
CA LEU A 86 -0.60 0.04 0.99
C LEU A 86 -1.40 -0.97 0.19
N LYS A 87 -1.65 -0.67 -1.08
CA LYS A 87 -2.40 -1.55 -1.95
C LYS A 87 -1.60 -2.79 -2.31
N VAL A 88 -0.48 -2.59 -2.99
CA VAL A 88 0.38 -3.69 -3.38
C VAL A 88 0.72 -4.59 -2.20
N PHE A 89 0.98 -3.95 -1.05
CA PHE A 89 1.30 -4.69 0.16
C PHE A 89 0.12 -5.51 0.66
N ALA A 90 -1.08 -4.94 0.53
CA ALA A 90 -2.30 -5.62 0.96
C ALA A 90 -2.56 -6.85 0.10
N VAL A 91 -2.54 -6.67 -1.22
CA VAL A 91 -2.77 -7.76 -2.14
C VAL A 91 -1.63 -8.77 -2.12
N ALA A 92 -0.41 -8.29 -2.38
CA ALA A 92 0.76 -9.14 -2.37
C ALA A 92 1.03 -9.71 -0.98
N GLY A 93 0.40 -9.12 0.02
CA GLY A 93 0.58 -9.58 1.38
C GLY A 93 -0.51 -10.53 1.83
N LEU A 94 -1.70 -10.00 2.06
CA LEU A 94 -2.84 -10.80 2.50
C LEU A 94 -3.17 -11.89 1.47
N LEU A 95 -3.17 -11.49 0.20
CA LEU A 95 -3.47 -12.42 -0.88
C LEU A 95 -2.20 -13.13 -1.36
N ASN A 96 -1.07 -12.76 -0.78
CA ASN A 96 0.21 -13.36 -1.14
C ASN A 96 0.42 -13.30 -2.64
N MET A 97 -0.15 -12.28 -3.28
CA MET A 97 -0.02 -12.11 -4.72
C MET A 97 1.40 -11.72 -5.10
N THR A 98 1.81 -12.07 -6.32
CA THR A 98 3.15 -11.76 -6.80
C THR A 98 3.13 -10.55 -7.72
N VAL A 99 2.62 -9.42 -7.21
CA VAL A 99 2.55 -8.20 -7.98
C VAL A 99 3.91 -7.85 -8.59
N SER A 100 3.90 -7.38 -9.84
CA SER A 100 5.12 -7.02 -10.53
C SER A 100 5.41 -5.53 -10.39
N THR A 101 4.34 -4.74 -10.24
CA THR A 101 4.48 -3.30 -10.09
C THR A 101 3.38 -2.73 -9.20
N ALA A 102 3.74 -1.77 -8.36
CA ALA A 102 2.80 -1.15 -7.45
C ALA A 102 1.55 -0.67 -8.19
N ALA A 103 1.75 -0.23 -9.43
CA ALA A 103 0.65 0.25 -10.26
C ALA A 103 -0.34 -0.86 -10.57
N ALA A 104 0.17 -1.97 -11.08
CA ALA A 104 -0.67 -3.12 -11.42
C ALA A 104 -1.50 -3.56 -10.21
N ALA A 105 -0.89 -3.52 -9.03
CA ALA A 105 -1.59 -3.91 -7.81
C ALA A 105 -2.79 -3.01 -7.54
N GLU A 106 -2.56 -1.70 -7.53
CA GLU A 106 -3.63 -0.75 -7.29
C GLU A 106 -4.78 -0.96 -8.26
N ASN A 107 -4.45 -1.35 -9.48
CA ASN A 107 -5.46 -1.59 -10.51
C ASN A 107 -6.27 -2.84 -10.20
N MET A 108 -5.61 -3.84 -9.63
CA MET A 108 -6.27 -5.09 -9.27
C MET A 108 -7.30 -4.87 -8.16
N TYR A 109 -6.88 -4.17 -7.11
CA TYR A 109 -7.76 -3.88 -5.98
C TYR A 109 -8.97 -3.06 -6.42
N SER A 110 -8.70 -2.02 -7.21
CA SER A 110 -9.76 -1.14 -7.69
C SER A 110 -10.68 -1.88 -8.66
N GLN A 111 -10.07 -2.60 -9.61
CA GLN A 111 -10.84 -3.36 -10.59
C GLN A 111 -11.65 -4.47 -9.92
N MET A 112 -11.11 -5.01 -8.83
CA MET A 112 -11.79 -6.07 -8.11
C MET A 112 -13.10 -5.57 -7.49
N GLY A 113 -13.18 -4.27 -7.29
CA GLY A 113 -14.39 -3.69 -6.71
C GLY A 113 -14.15 -3.14 -5.32
N LEU A 114 -12.91 -2.75 -5.03
CA LEU A 114 -12.56 -2.21 -3.72
C LEU A 114 -12.28 -0.71 -3.81
N ASP A 115 -11.99 -0.25 -5.02
CA ASP A 115 -11.71 1.17 -5.24
C ASP A 115 -11.93 1.55 -6.70
N THR A 116 -11.71 2.82 -7.01
CA THR A 116 -11.90 3.31 -8.36
C THR A 116 -10.56 3.74 -8.99
N ARG A 117 -10.57 3.91 -10.30
CA ARG A 117 -9.36 4.32 -11.02
C ARG A 117 -9.55 5.68 -11.67
N PRO A 118 -8.42 6.37 -11.95
CA PRO A 118 -8.43 7.68 -12.58
C PRO A 118 -8.87 7.62 -14.04
N GLY A 1 10.03 -5.63 16.98
CA GLY A 1 10.41 -5.68 18.38
C GLY A 1 9.28 -6.14 19.28
N ASN A 2 8.42 -6.99 18.73
CA ASN A 2 7.28 -7.51 19.49
C ASN A 2 7.04 -8.99 19.17
N GLY A 3 6.81 -9.27 17.88
CA GLY A 3 6.56 -10.64 17.47
C GLY A 3 6.75 -10.83 15.97
N GLN A 4 7.77 -11.59 15.59
CA GLN A 4 8.05 -11.85 14.19
C GLN A 4 6.85 -12.48 13.49
N GLY A 5 6.88 -12.50 12.17
CA GLY A 5 5.78 -13.08 11.41
C GLY A 5 6.21 -13.54 10.03
N ARG A 6 5.67 -14.66 9.58
CA ARG A 6 6.00 -15.21 8.27
C ARG A 6 5.46 -14.31 7.16
N ASP A 7 4.14 -14.13 7.16
CA ASP A 7 3.49 -13.30 6.15
C ASP A 7 4.06 -11.88 6.16
N TRP A 8 4.61 -11.48 7.30
CA TRP A 8 5.19 -10.15 7.45
C TRP A 8 6.49 -10.03 6.66
N LYS A 9 7.49 -10.82 7.05
CA LYS A 9 8.78 -10.80 6.39
C LYS A 9 8.66 -11.30 4.95
N MET A 10 7.66 -12.15 4.70
CA MET A 10 7.44 -12.68 3.36
C MET A 10 6.83 -11.62 2.45
N ALA A 11 5.86 -10.89 2.97
CA ALA A 11 5.20 -9.85 2.20
C ALA A 11 6.19 -8.76 1.77
N ILE A 12 7.03 -8.35 2.70
CA ILE A 12 8.03 -7.32 2.42
C ILE A 12 9.06 -7.81 1.41
N LYS A 13 9.67 -8.96 1.70
CA LYS A 13 10.67 -9.54 0.80
C LYS A 13 10.06 -9.84 -0.56
N ARG A 14 8.74 -9.98 -0.61
CA ARG A 14 8.05 -10.27 -1.85
C ARG A 14 7.75 -8.98 -2.63
N CYS A 15 6.98 -8.09 -2.01
CA CYS A 15 6.63 -6.83 -2.64
C CYS A 15 7.86 -5.97 -2.88
N SER A 16 8.95 -6.32 -2.21
CA SER A 16 10.20 -5.57 -2.34
C SER A 16 10.64 -5.51 -3.80
N ASN A 17 10.19 -6.49 -4.58
CA ASN A 17 10.55 -6.54 -6.00
C ASN A 17 9.43 -5.96 -6.86
N VAL A 18 8.69 -5.00 -6.29
CA VAL A 18 7.60 -4.36 -7.02
C VAL A 18 7.97 -2.93 -7.42
N ALA A 19 7.74 -2.60 -8.68
CA ALA A 19 8.05 -1.27 -9.19
C ALA A 19 6.90 -0.30 -8.93
N VAL A 20 7.20 0.78 -8.22
CA VAL A 20 6.19 1.78 -7.90
C VAL A 20 5.62 2.41 -9.17
N GLY A 21 6.46 2.55 -10.18
CA GLY A 21 6.02 3.14 -11.43
C GLY A 21 6.38 2.28 -12.63
N VAL A 22 5.59 1.23 -12.85
CA VAL A 22 5.82 0.33 -13.97
C VAL A 22 7.15 -0.42 -13.81
N GLY A 23 7.21 -1.62 -14.38
CA GLY A 23 8.42 -2.41 -14.29
C GLY A 23 9.39 -2.13 -15.43
N GLY A 24 10.34 -3.04 -15.62
CA GLY A 24 11.33 -2.86 -16.68
C GLY A 24 12.33 -1.78 -16.36
N LYS A 25 13.39 -2.16 -15.64
CA LYS A 25 14.44 -1.21 -15.26
C LYS A 25 13.83 0.03 -14.61
N SER A 26 13.03 -0.18 -13.57
CA SER A 26 12.39 0.92 -12.86
C SER A 26 12.82 0.93 -11.39
N LYS A 27 12.14 1.76 -10.59
CA LYS A 27 12.44 1.86 -9.17
C LYS A 27 11.42 1.11 -8.34
N LYS A 28 11.90 0.16 -7.54
CA LYS A 28 11.02 -0.64 -6.69
C LYS A 28 11.06 -0.14 -5.24
N PHE A 29 10.00 -0.43 -4.49
CA PHE A 29 9.92 -0.01 -3.10
C PHE A 29 10.25 -1.16 -2.16
N GLY A 30 10.79 -0.84 -0.99
CA GLY A 30 11.14 -1.87 -0.02
C GLY A 30 10.53 -1.61 1.34
N GLU A 31 11.01 -2.34 2.35
CA GLU A 31 10.49 -2.19 3.71
C GLU A 31 10.52 -0.73 4.14
N GLY A 32 11.50 0.01 3.64
CA GLY A 32 11.62 1.42 3.99
C GLY A 32 10.47 2.25 3.45
N ASN A 33 10.28 2.21 2.13
CA ASN A 33 9.21 2.97 1.50
C ASN A 33 7.84 2.54 2.04
N PHE A 34 7.73 1.25 2.37
CA PHE A 34 6.48 0.72 2.89
C PHE A 34 6.08 1.41 4.19
N ARG A 35 7.02 1.45 5.14
CA ARG A 35 6.77 2.07 6.43
C ARG A 35 6.43 3.54 6.26
N TRP A 36 7.12 4.20 5.34
CA TRP A 36 6.90 5.63 5.08
C TRP A 36 5.47 5.86 4.60
N ALA A 37 4.93 4.91 3.83
CA ALA A 37 3.58 5.02 3.30
C ALA A 37 2.55 4.85 4.42
N ILE A 38 2.63 3.72 5.12
CA ILE A 38 1.70 3.44 6.21
C ILE A 38 1.80 4.49 7.31
N ARG A 39 3.02 4.93 7.58
CA ARG A 39 3.26 5.94 8.61
C ARG A 39 2.59 7.26 8.24
N MET A 40 2.90 7.77 7.06
CA MET A 40 2.33 9.03 6.59
C MET A 40 0.81 8.90 6.44
N ALA A 41 0.38 7.86 5.74
CA ALA A 41 -1.04 7.62 5.51
C ALA A 41 -1.80 7.58 6.83
N ASN A 42 -1.14 7.11 7.87
CA ASN A 42 -1.76 7.02 9.19
C ASN A 42 -1.98 8.41 9.80
N VAL A 43 -0.91 9.17 9.92
CA VAL A 43 -0.98 10.52 10.47
C VAL A 43 -1.87 11.41 9.62
N SER A 44 -1.83 11.20 8.31
CA SER A 44 -2.62 11.99 7.38
C SER A 44 -4.12 11.78 7.63
N THR A 45 -4.47 10.63 8.19
CA THR A 45 -5.86 10.31 8.48
C THR A 45 -6.19 10.62 9.93
N GLY A 46 -5.46 11.56 10.52
CA GLY A 46 -5.70 11.94 11.91
C GLY A 46 -5.51 10.78 12.86
N ARG A 47 -4.80 9.75 12.41
CA ARG A 47 -4.55 8.58 13.23
C ARG A 47 -3.07 8.46 13.58
N GLU A 48 -2.79 8.09 14.83
CA GLU A 48 -1.41 7.95 15.29
C GLU A 48 -0.61 7.06 14.34
N PRO A 49 0.72 7.16 14.41
CA PRO A 49 1.63 6.38 13.57
C PRO A 49 1.64 4.90 13.95
N GLY A 50 1.12 4.60 15.14
CA GLY A 50 1.07 3.22 15.61
C GLY A 50 -0.11 2.46 15.02
N ASP A 51 -0.19 2.42 13.70
CA ASP A 51 -1.29 1.73 13.02
C ASP A 51 -0.74 0.65 12.10
N ILE A 52 -0.52 -0.54 12.65
CA ILE A 52 -0.01 -1.67 11.87
C ILE A 52 -0.99 -2.82 11.84
N PRO A 53 -2.07 -2.66 11.05
CA PRO A 53 -3.11 -3.68 10.91
C PRO A 53 -2.62 -4.92 10.16
N GLU A 54 -3.34 -6.02 10.31
CA GLU A 54 -2.97 -7.27 9.65
C GLU A 54 -4.18 -7.91 8.98
N THR A 55 -4.98 -7.09 8.30
CA THR A 55 -6.17 -7.57 7.62
C THR A 55 -6.42 -6.80 6.33
N LEU A 56 -6.90 -7.51 5.31
CA LEU A 56 -7.18 -6.89 4.02
C LEU A 56 -8.24 -5.80 4.15
N ASP A 57 -9.10 -5.95 5.14
CA ASP A 57 -10.16 -4.97 5.38
C ASP A 57 -9.58 -3.66 5.91
N GLN A 58 -8.60 -3.77 6.80
CA GLN A 58 -7.97 -2.59 7.38
C GLN A 58 -7.19 -1.81 6.32
N LEU A 59 -6.42 -2.52 5.51
CA LEU A 59 -5.64 -1.90 4.45
C LEU A 59 -6.54 -1.18 3.45
N ARG A 60 -7.62 -1.85 3.06
CA ARG A 60 -8.56 -1.27 2.10
C ARG A 60 -9.17 0.01 2.66
N LEU A 61 -9.46 0.02 3.96
CA LEU A 61 -10.05 1.18 4.61
C LEU A 61 -9.06 2.35 4.66
N VAL A 62 -7.83 2.05 5.08
CA VAL A 62 -6.80 3.06 5.18
C VAL A 62 -6.62 3.79 3.84
N ILE A 63 -6.67 3.03 2.76
CA ILE A 63 -6.52 3.59 1.42
C ILE A 63 -7.64 4.58 1.10
N CYS A 64 -8.88 4.10 1.23
CA CYS A 64 -10.05 4.93 0.95
C CYS A 64 -9.97 6.24 1.73
N ASP A 65 -9.36 6.19 2.91
CA ASP A 65 -9.22 7.37 3.75
C ASP A 65 -8.27 8.38 3.12
N LEU A 66 -7.03 7.97 2.92
CA LEU A 66 -6.02 8.83 2.33
C LEU A 66 -6.45 9.31 0.94
N GLN A 67 -6.94 8.38 0.14
CA GLN A 67 -7.39 8.71 -1.21
C GLN A 67 -8.54 9.72 -1.17
N GLU A 68 -9.43 9.55 -0.19
CA GLU A 68 -10.57 10.44 -0.05
C GLU A 68 -10.12 11.88 0.14
N ARG A 69 -9.19 12.09 1.07
CA ARG A 69 -8.67 13.42 1.36
C ARG A 69 -7.90 13.96 0.15
N ARG A 70 -6.86 13.23 -0.26
CA ARG A 70 -6.04 13.64 -1.38
C ARG A 70 -6.91 13.96 -2.60
N GLU A 71 -8.02 13.24 -2.73
CA GLU A 71 -8.93 13.45 -3.85
C GLU A 71 -9.58 14.82 -3.78
N LYS A 72 -10.21 15.12 -2.64
CA LYS A 72 -10.87 16.40 -2.45
C LYS A 72 -9.93 17.55 -2.78
N PHE A 73 -8.66 17.41 -2.40
CA PHE A 73 -7.67 18.44 -2.65
C PHE A 73 -7.15 18.35 -4.09
N GLY A 74 -7.24 17.16 -4.67
CA GLY A 74 -6.78 16.97 -6.03
C GLY A 74 -5.93 15.72 -6.19
N SER A 75 -4.66 15.90 -6.50
CA SER A 75 -3.74 14.78 -6.68
C SER A 75 -2.33 15.16 -6.26
N SER A 76 -1.56 14.17 -5.83
CA SER A 76 -0.18 14.39 -5.40
C SER A 76 0.61 13.10 -5.41
N LYS A 77 1.85 13.18 -5.86
CA LYS A 77 2.72 12.00 -5.92
C LYS A 77 2.91 11.39 -4.54
N GLU A 78 3.09 12.24 -3.53
CA GLU A 78 3.28 11.77 -2.16
C GLU A 78 2.17 10.82 -1.76
N ILE A 79 0.93 11.28 -1.86
CA ILE A 79 -0.23 10.47 -1.50
C ILE A 79 -0.39 9.30 -2.47
N ASP A 80 -0.35 9.59 -3.76
CA ASP A 80 -0.49 8.57 -4.79
C ASP A 80 0.48 7.40 -4.53
N MET A 81 1.66 7.73 -4.03
CA MET A 81 2.66 6.72 -3.73
C MET A 81 2.26 5.89 -2.52
N ALA A 82 2.00 6.56 -1.40
CA ALA A 82 1.61 5.89 -0.18
C ALA A 82 0.42 4.96 -0.42
N ILE A 83 -0.47 5.36 -1.32
CA ILE A 83 -1.64 4.56 -1.65
C ILE A 83 -1.25 3.28 -2.37
N VAL A 84 -0.59 3.43 -3.52
CA VAL A 84 -0.16 2.28 -4.30
C VAL A 84 0.76 1.37 -3.49
N THR A 85 1.36 1.92 -2.45
CA THR A 85 2.26 1.16 -1.58
C THR A 85 1.49 0.22 -0.67
N LEU A 86 0.51 0.77 0.04
CA LEU A 86 -0.31 -0.02 0.95
C LEU A 86 -1.24 -0.95 0.18
N LYS A 87 -1.53 -0.58 -1.06
CA LYS A 87 -2.41 -1.39 -1.90
C LYS A 87 -1.71 -2.67 -2.36
N VAL A 88 -0.57 -2.50 -3.05
CA VAL A 88 0.19 -3.63 -3.54
C VAL A 88 0.62 -4.54 -2.40
N PHE A 89 0.98 -3.93 -1.27
CA PHE A 89 1.42 -4.68 -0.10
C PHE A 89 0.27 -5.50 0.48
N ALA A 90 -0.92 -4.90 0.50
CA ALA A 90 -2.10 -5.56 1.03
C ALA A 90 -2.39 -6.85 0.26
N VAL A 91 -2.41 -6.76 -1.06
CA VAL A 91 -2.67 -7.91 -1.90
C VAL A 91 -1.49 -8.87 -1.93
N ALA A 92 -0.29 -8.30 -2.04
CA ALA A 92 0.93 -9.10 -2.07
C ALA A 92 1.21 -9.74 -0.72
N GLY A 93 0.47 -9.30 0.30
CA GLY A 93 0.65 -9.84 1.63
C GLY A 93 -0.52 -10.70 2.07
N LEU A 94 -1.68 -10.07 2.27
CA LEU A 94 -2.87 -10.78 2.69
C LEU A 94 -3.30 -11.81 1.65
N LEU A 95 -2.95 -11.54 0.39
CA LEU A 95 -3.30 -12.44 -0.70
C LEU A 95 -2.05 -13.12 -1.27
N ASN A 96 -0.90 -12.81 -0.67
CA ASN A 96 0.36 -13.38 -1.11
C ASN A 96 0.53 -13.23 -2.62
N MET A 97 -0.03 -12.15 -3.17
CA MET A 97 0.06 -11.88 -4.60
C MET A 97 1.49 -11.51 -4.99
N THR A 98 1.84 -11.75 -6.26
CA THR A 98 3.17 -11.43 -6.76
C THR A 98 3.12 -10.29 -7.76
N VAL A 99 2.50 -9.18 -7.37
CA VAL A 99 2.40 -8.02 -8.24
C VAL A 99 3.76 -7.61 -8.79
N SER A 100 3.76 -7.06 -10.00
CA SER A 100 5.00 -6.64 -10.64
C SER A 100 5.24 -5.15 -10.42
N THR A 101 4.15 -4.38 -10.31
CA THR A 101 4.24 -2.95 -10.11
C THR A 101 3.10 -2.45 -9.22
N ALA A 102 3.42 -1.51 -8.33
CA ALA A 102 2.43 -0.95 -7.42
C ALA A 102 1.19 -0.48 -8.19
N ALA A 103 1.42 0.02 -9.40
CA ALA A 103 0.33 0.51 -10.23
C ALA A 103 -0.65 -0.61 -10.57
N ALA A 104 -0.13 -1.70 -11.11
CA ALA A 104 -0.96 -2.84 -11.48
C ALA A 104 -1.75 -3.35 -10.28
N ALA A 105 -1.14 -3.29 -9.11
CA ALA A 105 -1.80 -3.74 -7.89
C ALA A 105 -3.06 -2.94 -7.61
N GLU A 106 -2.93 -1.62 -7.59
CA GLU A 106 -4.06 -0.73 -7.34
C GLU A 106 -5.20 -1.01 -8.31
N ASN A 107 -4.86 -1.18 -9.59
CA ASN A 107 -5.85 -1.44 -10.62
C ASN A 107 -6.62 -2.73 -10.30
N MET A 108 -5.90 -3.73 -9.79
CA MET A 108 -6.50 -5.01 -9.45
C MET A 108 -7.42 -4.87 -8.23
N TYR A 109 -6.92 -4.17 -7.21
CA TYR A 109 -7.69 -3.97 -5.99
C TYR A 109 -9.06 -3.39 -6.30
N SER A 110 -9.11 -2.43 -7.21
CA SER A 110 -10.36 -1.79 -7.60
C SER A 110 -11.09 -2.62 -8.65
N GLN A 111 -10.33 -3.29 -9.51
CA GLN A 111 -10.91 -4.12 -10.56
C GLN A 111 -11.79 -5.20 -9.97
N MET A 112 -11.47 -5.62 -8.74
CA MET A 112 -12.24 -6.66 -8.07
C MET A 112 -13.38 -6.06 -7.26
N GLY A 113 -13.24 -4.77 -6.92
CA GLY A 113 -14.28 -4.10 -6.14
C GLY A 113 -13.88 -3.89 -4.70
N LEU A 114 -12.57 -3.82 -4.46
CA LEU A 114 -12.05 -3.61 -3.11
C LEU A 114 -11.88 -2.13 -2.81
N ASP A 115 -11.41 -1.38 -3.79
CA ASP A 115 -11.20 0.06 -3.64
C ASP A 115 -12.50 0.74 -3.22
N THR A 116 -12.42 2.05 -3.01
CA THR A 116 -13.57 2.83 -2.61
C THR A 116 -14.76 2.59 -3.54
N ARG A 117 -14.46 2.44 -4.83
CA ARG A 117 -15.50 2.20 -5.83
C ARG A 117 -15.96 0.75 -5.79
N PRO A 118 -17.16 0.50 -6.35
CA PRO A 118 -17.75 -0.84 -6.39
C PRO A 118 -16.99 -1.78 -7.33
N GLY A 1 8.71 -7.41 18.79
CA GLY A 1 9.74 -7.99 19.64
C GLY A 1 9.76 -9.51 19.59
N ASN A 2 8.79 -10.13 20.24
CA ASN A 2 8.69 -11.58 20.27
C ASN A 2 7.53 -12.07 19.40
N GLY A 3 7.86 -12.54 18.20
CA GLY A 3 6.84 -13.03 17.29
C GLY A 3 7.37 -13.23 15.89
N GLN A 4 6.79 -14.18 15.17
CA GLN A 4 7.20 -14.47 13.80
C GLN A 4 6.01 -14.45 12.85
N GLY A 5 5.92 -13.40 12.05
CA GLY A 5 4.83 -13.28 11.11
C GLY A 5 5.19 -13.79 9.73
N ARG A 6 4.50 -14.84 9.29
CA ARG A 6 4.75 -15.44 7.98
C ARG A 6 4.39 -14.47 6.86
N ASP A 7 3.14 -14.01 6.86
CA ASP A 7 2.66 -13.08 5.86
C ASP A 7 3.42 -11.77 5.92
N TRP A 8 3.95 -11.45 7.10
CA TRP A 8 4.70 -10.21 7.29
C TRP A 8 5.99 -10.24 6.48
N LYS A 9 6.82 -11.25 6.73
CA LYS A 9 8.09 -11.39 6.02
C LYS A 9 7.86 -11.63 4.53
N MET A 10 6.88 -12.46 4.21
CA MET A 10 6.55 -12.77 2.83
C MET A 10 6.06 -11.52 2.10
N ALA A 11 5.35 -10.66 2.81
CA ALA A 11 4.82 -9.43 2.23
C ALA A 11 5.95 -8.50 1.82
N ILE A 12 6.85 -8.22 2.76
CA ILE A 12 7.98 -7.32 2.50
C ILE A 12 8.97 -7.97 1.53
N LYS A 13 9.22 -9.26 1.72
CA LYS A 13 10.14 -9.99 0.86
C LYS A 13 9.74 -9.86 -0.61
N ARG A 14 8.45 -9.98 -0.89
CA ARG A 14 7.95 -9.87 -2.25
C ARG A 14 7.82 -8.42 -2.66
N CYS A 15 7.43 -7.57 -1.72
CA CYS A 15 7.26 -6.15 -1.98
C CYS A 15 8.55 -5.55 -2.57
N SER A 16 9.68 -5.94 -1.99
CA SER A 16 10.97 -5.44 -2.45
C SER A 16 11.17 -5.71 -3.94
N ASN A 17 10.49 -6.74 -4.44
CA ASN A 17 10.60 -7.12 -5.84
C ASN A 17 9.44 -6.52 -6.65
N VAL A 18 8.91 -5.40 -6.16
CA VAL A 18 7.80 -4.73 -6.84
C VAL A 18 8.23 -3.37 -7.39
N ALA A 19 8.31 -3.28 -8.71
CA ALA A 19 8.71 -2.04 -9.36
C ALA A 19 7.66 -0.94 -9.16
N VAL A 20 8.06 0.13 -8.49
CA VAL A 20 7.16 1.24 -8.22
C VAL A 20 6.58 1.80 -9.52
N GLY A 21 7.31 1.61 -10.62
CA GLY A 21 6.84 2.09 -11.91
C GLY A 21 6.19 1.01 -12.74
N VAL A 22 6.80 0.67 -13.86
CA VAL A 22 6.27 -0.35 -14.75
C VAL A 22 7.40 -1.16 -15.41
N GLY A 23 8.35 -0.44 -16.01
CA GLY A 23 9.46 -1.09 -16.66
C GLY A 23 10.62 -0.15 -16.91
N GLY A 24 11.08 0.50 -15.84
CA GLY A 24 12.20 1.43 -15.97
C GLY A 24 13.54 0.75 -15.83
N LYS A 25 14.30 1.14 -14.81
CA LYS A 25 15.62 0.56 -14.58
C LYS A 25 15.82 0.26 -13.09
N SER A 26 15.18 -0.80 -12.62
CA SER A 26 15.28 -1.19 -11.22
C SER A 26 14.83 -0.06 -10.30
N LYS A 27 13.53 0.03 -10.08
CA LYS A 27 12.96 1.06 -9.23
C LYS A 27 11.83 0.51 -8.36
N LYS A 28 12.14 -0.54 -7.60
CA LYS A 28 11.16 -1.17 -6.73
C LYS A 28 11.21 -0.57 -5.32
N PHE A 29 10.12 -0.72 -4.58
CA PHE A 29 10.04 -0.20 -3.22
C PHE A 29 10.32 -1.30 -2.19
N GLY A 30 11.14 -0.98 -1.20
CA GLY A 30 11.47 -1.94 -0.17
C GLY A 30 10.72 -1.69 1.13
N GLU A 31 11.15 -2.35 2.20
CA GLU A 31 10.51 -2.20 3.50
C GLU A 31 10.51 -0.74 3.93
N GLY A 32 11.53 0.00 3.52
CA GLY A 32 11.62 1.40 3.89
C GLY A 32 10.48 2.22 3.31
N ASN A 33 10.32 2.17 1.99
CA ASN A 33 9.26 2.91 1.31
C ASN A 33 7.89 2.50 1.85
N PHE A 34 7.73 1.22 2.14
CA PHE A 34 6.47 0.70 2.66
C PHE A 34 6.07 1.42 3.94
N ARG A 35 7.01 1.52 4.87
CA ARG A 35 6.76 2.19 6.15
C ARG A 35 6.38 3.65 5.93
N TRP A 36 7.08 4.31 5.01
CA TRP A 36 6.83 5.71 4.71
C TRP A 36 5.39 5.90 4.23
N ALA A 37 4.87 4.91 3.51
CA ALA A 37 3.51 4.98 2.99
C ALA A 37 2.48 4.82 4.11
N ILE A 38 2.56 3.69 4.83
CA ILE A 38 1.65 3.42 5.93
C ILE A 38 1.75 4.50 7.00
N ARG A 39 2.96 5.01 7.21
CA ARG A 39 3.19 6.05 8.21
C ARG A 39 2.45 7.33 7.85
N MET A 40 2.73 7.85 6.66
CA MET A 40 2.08 9.08 6.19
C MET A 40 0.58 8.89 6.08
N ALA A 41 0.17 7.77 5.47
CA ALA A 41 -1.25 7.48 5.30
C ALA A 41 -1.96 7.39 6.64
N ASN A 42 -1.22 7.00 7.67
CA ASN A 42 -1.78 6.88 9.01
C ASN A 42 -2.01 8.25 9.65
N VAL A 43 -0.94 9.02 9.78
CA VAL A 43 -1.01 10.35 10.36
C VAL A 43 -1.92 11.26 9.54
N SER A 44 -1.87 11.10 8.22
CA SER A 44 -2.69 11.91 7.32
C SER A 44 -4.18 11.66 7.57
N THR A 45 -4.50 10.47 8.08
CA THR A 45 -5.88 10.11 8.38
C THR A 45 -6.22 10.35 9.84
N GLY A 46 -5.52 11.30 10.45
CA GLY A 46 -5.77 11.62 11.85
C GLY A 46 -5.54 10.42 12.75
N ARG A 47 -4.81 9.43 12.26
CA ARG A 47 -4.51 8.24 13.04
C ARG A 47 -3.06 8.20 13.48
N GLU A 48 -2.82 7.80 14.73
CA GLU A 48 -1.49 7.73 15.28
C GLU A 48 -0.57 6.93 14.36
N PRO A 49 0.75 7.13 14.53
CA PRO A 49 1.76 6.44 13.72
C PRO A 49 1.85 4.95 14.05
N GLY A 50 1.27 4.56 15.18
CA GLY A 50 1.29 3.17 15.58
C GLY A 50 0.14 2.38 15.00
N ASP A 51 -0.05 2.49 13.69
CA ASP A 51 -1.11 1.77 13.00
C ASP A 51 -0.55 0.67 12.11
N ILE A 52 -0.29 -0.48 12.70
CA ILE A 52 0.25 -1.62 11.95
C ILE A 52 -0.68 -2.82 12.04
N PRO A 53 -1.79 -2.76 11.29
CA PRO A 53 -2.78 -3.83 11.25
C PRO A 53 -2.26 -5.07 10.54
N GLU A 54 -3.15 -6.03 10.29
CA GLU A 54 -2.78 -7.27 9.62
C GLU A 54 -3.99 -7.92 8.97
N THR A 55 -5.00 -7.11 8.63
CA THR A 55 -6.21 -7.60 8.01
C THR A 55 -6.50 -6.87 6.71
N LEU A 56 -6.90 -7.61 5.69
CA LEU A 56 -7.22 -7.03 4.38
C LEU A 56 -8.25 -5.91 4.52
N ASP A 57 -9.11 -6.03 5.52
CA ASP A 57 -10.15 -5.04 5.77
C ASP A 57 -9.53 -3.73 6.25
N GLN A 58 -8.51 -3.84 7.08
CA GLN A 58 -7.84 -2.65 7.62
C GLN A 58 -7.10 -1.90 6.52
N LEU A 59 -6.42 -2.64 5.66
CA LEU A 59 -5.67 -2.05 4.56
C LEU A 59 -6.60 -1.32 3.59
N ARG A 60 -7.65 -2.03 3.16
CA ARG A 60 -8.62 -1.45 2.23
C ARG A 60 -9.26 -0.19 2.82
N LEU A 61 -9.47 -0.20 4.14
CA LEU A 61 -10.06 0.94 4.82
C LEU A 61 -9.12 2.14 4.83
N VAL A 62 -7.87 1.88 5.20
CA VAL A 62 -6.86 2.94 5.24
C VAL A 62 -6.74 3.65 3.90
N ILE A 63 -6.86 2.88 2.82
CA ILE A 63 -6.77 3.44 1.48
C ILE A 63 -7.93 4.39 1.19
N CYS A 64 -9.15 3.88 1.33
CA CYS A 64 -10.35 4.69 1.09
C CYS A 64 -10.30 5.98 1.88
N ASP A 65 -9.64 5.94 3.05
CA ASP A 65 -9.52 7.11 3.90
C ASP A 65 -8.64 8.17 3.25
N LEU A 66 -7.38 7.81 2.99
CA LEU A 66 -6.44 8.73 2.37
C LEU A 66 -6.93 9.18 1.00
N GLN A 67 -7.37 8.21 0.19
CA GLN A 67 -7.88 8.51 -1.14
C GLN A 67 -9.05 9.47 -1.08
N GLU A 68 -9.86 9.35 -0.03
CA GLU A 68 -11.02 10.21 0.13
C GLU A 68 -10.60 11.67 0.34
N ARG A 69 -9.70 11.89 1.30
CA ARG A 69 -9.22 13.23 1.60
C ARG A 69 -8.45 13.81 0.41
N ARG A 70 -7.42 13.08 -0.02
CA ARG A 70 -6.60 13.52 -1.14
C ARG A 70 -7.47 13.85 -2.35
N GLU A 71 -8.58 13.13 -2.50
CA GLU A 71 -9.50 13.35 -3.61
C GLU A 71 -10.16 14.73 -3.51
N LYS A 72 -10.77 15.00 -2.36
CA LYS A 72 -11.45 16.27 -2.13
C LYS A 72 -10.52 17.44 -2.44
N PHE A 73 -9.24 17.29 -2.07
CA PHE A 73 -8.25 18.33 -2.31
C PHE A 73 -7.75 18.28 -3.75
N GLY A 74 -7.83 17.10 -4.36
CA GLY A 74 -7.37 16.94 -5.73
C GLY A 74 -6.50 15.71 -5.91
N SER A 75 -5.22 15.93 -6.20
CA SER A 75 -4.29 14.84 -6.40
C SER A 75 -2.88 15.22 -5.95
N SER A 76 -2.09 14.22 -5.57
CA SER A 76 -0.73 14.45 -5.10
C SER A 76 0.09 13.17 -5.15
N LYS A 77 1.36 13.29 -5.51
CA LYS A 77 2.26 12.15 -5.59
C LYS A 77 2.42 11.49 -4.22
N GLU A 78 2.58 12.31 -3.19
CA GLU A 78 2.75 11.80 -1.83
C GLU A 78 1.65 10.82 -1.48
N ILE A 79 0.40 11.26 -1.62
CA ILE A 79 -0.75 10.41 -1.32
C ILE A 79 -0.88 9.28 -2.32
N ASP A 80 -0.77 9.62 -3.61
CA ASP A 80 -0.88 8.63 -4.67
C ASP A 80 0.06 7.45 -4.42
N MET A 81 1.27 7.76 -3.95
CA MET A 81 2.27 6.74 -3.67
C MET A 81 1.86 5.89 -2.47
N ALA A 82 1.50 6.56 -1.37
CA ALA A 82 1.09 5.87 -0.16
C ALA A 82 -0.06 4.92 -0.44
N ILE A 83 -1.04 5.38 -1.21
CA ILE A 83 -2.20 4.57 -1.55
C ILE A 83 -1.79 3.32 -2.31
N VAL A 84 -0.97 3.50 -3.35
CA VAL A 84 -0.50 2.38 -4.15
C VAL A 84 0.31 1.41 -3.32
N THR A 85 1.30 1.94 -2.59
CA THR A 85 2.15 1.11 -1.74
C THR A 85 1.33 0.28 -0.77
N LEU A 86 0.18 0.83 -0.36
CA LEU A 86 -0.70 0.13 0.57
C LEU A 86 -1.36 -1.08 -0.09
N LYS A 87 -1.97 -0.84 -1.25
CA LYS A 87 -2.64 -1.92 -1.98
C LYS A 87 -1.67 -3.04 -2.31
N VAL A 88 -0.45 -2.67 -2.70
CA VAL A 88 0.58 -3.66 -3.04
C VAL A 88 0.89 -4.55 -1.85
N PHE A 89 1.27 -3.93 -0.73
CA PHE A 89 1.60 -4.67 0.48
C PHE A 89 0.39 -5.44 0.99
N ALA A 90 -0.79 -4.85 0.83
CA ALA A 90 -2.03 -5.49 1.28
C ALA A 90 -2.32 -6.74 0.47
N VAL A 91 -2.26 -6.62 -0.86
CA VAL A 91 -2.53 -7.74 -1.74
C VAL A 91 -1.41 -8.78 -1.66
N ALA A 92 -0.19 -8.35 -1.93
CA ALA A 92 0.97 -9.23 -1.89
C ALA A 92 1.22 -9.73 -0.47
N GLY A 93 0.58 -9.09 0.50
CA GLY A 93 0.75 -9.48 1.89
C GLY A 93 -0.37 -10.39 2.37
N LEU A 94 -1.55 -9.81 2.57
CA LEU A 94 -2.70 -10.57 3.04
C LEU A 94 -3.06 -11.68 2.05
N LEU A 95 -3.05 -11.34 0.77
CA LEU A 95 -3.37 -12.31 -0.28
C LEU A 95 -2.12 -13.06 -0.73
N ASN A 96 -0.98 -12.70 -0.14
CA ASN A 96 0.28 -13.36 -0.48
C ASN A 96 0.49 -13.38 -1.99
N MET A 97 -0.05 -12.38 -2.68
CA MET A 97 0.09 -12.27 -4.12
C MET A 97 1.52 -11.88 -4.51
N THR A 98 1.87 -12.13 -5.77
CA THR A 98 3.20 -11.81 -6.26
C THR A 98 3.16 -10.60 -7.19
N VAL A 99 2.80 -9.45 -6.64
CA VAL A 99 2.72 -8.23 -7.42
C VAL A 99 4.03 -7.97 -8.17
N SER A 100 3.90 -7.58 -9.44
CA SER A 100 5.07 -7.31 -10.26
C SER A 100 5.47 -5.84 -10.17
N THR A 101 4.48 -4.96 -10.18
CA THR A 101 4.72 -3.52 -10.09
C THR A 101 3.68 -2.84 -9.22
N ALA A 102 4.09 -1.78 -8.54
CA ALA A 102 3.19 -1.03 -7.66
C ALA A 102 1.91 -0.64 -8.40
N ALA A 103 2.06 -0.30 -9.68
CA ALA A 103 0.91 0.10 -10.49
C ALA A 103 -0.02 -1.08 -10.73
N ALA A 104 0.55 -2.27 -10.90
CA ALA A 104 -0.23 -3.48 -11.13
C ALA A 104 -1.14 -3.77 -9.95
N ALA A 105 -0.61 -3.65 -8.74
CA ALA A 105 -1.38 -3.89 -7.53
C ALA A 105 -2.53 -2.90 -7.40
N GLU A 106 -2.21 -1.61 -7.47
CA GLU A 106 -3.21 -0.57 -7.36
C GLU A 106 -4.37 -0.81 -8.33
N ASN A 107 -4.04 -1.32 -9.51
CA ASN A 107 -5.05 -1.60 -10.53
C ASN A 107 -5.93 -2.78 -10.12
N MET A 108 -5.31 -3.79 -9.51
CA MET A 108 -6.04 -4.97 -9.07
C MET A 108 -7.00 -4.62 -7.95
N TYR A 109 -6.51 -3.89 -6.96
CA TYR A 109 -7.33 -3.49 -5.82
C TYR A 109 -8.46 -2.57 -6.26
N SER A 110 -8.13 -1.60 -7.10
CA SER A 110 -9.12 -0.64 -7.60
C SER A 110 -10.15 -1.34 -8.48
N GLN A 111 -9.66 -2.12 -9.44
CA GLN A 111 -10.53 -2.84 -10.35
C GLN A 111 -11.37 -3.87 -9.61
N MET A 112 -10.80 -4.45 -8.55
CA MET A 112 -11.50 -5.45 -7.76
C MET A 112 -12.75 -4.85 -7.12
N GLY A 113 -12.76 -3.54 -6.96
CA GLY A 113 -13.90 -2.86 -6.35
C GLY A 113 -13.57 -2.29 -4.99
N LEU A 114 -12.31 -1.94 -4.78
CA LEU A 114 -11.88 -1.37 -3.50
C LEU A 114 -11.46 0.09 -3.67
N ASP A 115 -11.17 0.48 -4.91
CA ASP A 115 -10.76 1.85 -5.21
C ASP A 115 -11.10 2.21 -6.65
N THR A 116 -11.12 3.52 -6.93
CA THR A 116 -11.44 4.00 -8.26
C THR A 116 -10.47 5.09 -8.71
N ARG A 117 -9.71 4.81 -9.77
CA ARG A 117 -8.74 5.77 -10.29
C ARG A 117 -8.19 5.31 -11.64
N PRO A 118 -9.04 5.36 -12.68
CA PRO A 118 -8.66 4.95 -14.02
C PRO A 118 -7.66 5.90 -14.66
N GLY A 1 9.03 -6.59 18.45
CA GLY A 1 8.82 -6.34 19.86
C GLY A 1 8.86 -7.61 20.69
N ASN A 2 7.80 -8.40 20.58
CA ASN A 2 7.72 -9.66 21.33
C ASN A 2 7.12 -10.77 20.47
N GLY A 3 7.35 -10.69 19.16
CA GLY A 3 6.84 -11.69 18.25
C GLY A 3 7.32 -11.48 16.83
N GLN A 4 6.79 -12.28 15.91
CA GLN A 4 7.18 -12.19 14.51
C GLN A 4 5.97 -12.43 13.60
N GLY A 5 5.84 -11.58 12.57
CA GLY A 5 4.72 -11.72 11.65
C GLY A 5 5.13 -12.42 10.36
N ARG A 6 4.55 -13.59 10.12
CA ARG A 6 4.85 -14.36 8.91
C ARG A 6 4.44 -13.59 7.67
N ASP A 7 3.21 -13.11 7.65
CA ASP A 7 2.69 -12.35 6.51
C ASP A 7 3.47 -11.06 6.31
N TRP A 8 3.95 -10.49 7.42
CA TRP A 8 4.72 -9.25 7.37
C TRP A 8 6.01 -9.44 6.59
N LYS A 9 6.81 -10.41 6.99
CA LYS A 9 8.08 -10.70 6.33
C LYS A 9 7.85 -11.14 4.89
N MET A 10 6.89 -12.05 4.69
CA MET A 10 6.57 -12.55 3.36
C MET A 10 6.06 -11.43 2.47
N ALA A 11 5.40 -10.45 3.08
CA ALA A 11 4.85 -9.32 2.34
C ALA A 11 5.97 -8.47 1.74
N ILE A 12 6.88 -8.03 2.59
CA ILE A 12 8.00 -7.20 2.15
C ILE A 12 9.00 -8.01 1.33
N LYS A 13 9.14 -9.29 1.68
CA LYS A 13 10.05 -10.18 0.97
C LYS A 13 9.64 -10.33 -0.49
N ARG A 14 8.34 -10.41 -0.74
CA ARG A 14 7.82 -10.56 -2.09
C ARG A 14 7.59 -9.20 -2.72
N CYS A 15 7.24 -8.22 -1.91
CA CYS A 15 6.99 -6.87 -2.40
C CYS A 15 8.26 -6.25 -2.96
N SER A 16 9.40 -6.71 -2.48
CA SER A 16 10.69 -6.20 -2.92
C SER A 16 10.85 -6.36 -4.43
N ASN A 17 10.11 -7.31 -4.99
CA ASN A 17 10.16 -7.57 -6.43
C ASN A 17 9.04 -6.83 -7.16
N VAL A 18 8.58 -5.74 -6.57
CA VAL A 18 7.52 -4.93 -7.16
C VAL A 18 8.08 -3.68 -7.83
N ALA A 19 7.89 -3.57 -9.13
CA ALA A 19 8.36 -2.41 -9.88
C ALA A 19 7.48 -1.20 -9.64
N VAL A 20 7.87 -0.35 -8.69
CA VAL A 20 7.11 0.84 -8.36
C VAL A 20 6.93 1.73 -9.59
N GLY A 21 7.84 1.58 -10.55
CA GLY A 21 7.76 2.39 -11.76
C GLY A 21 7.33 1.56 -12.97
N VAL A 22 6.04 1.26 -13.03
CA VAL A 22 5.48 0.48 -14.14
C VAL A 22 5.89 1.08 -15.48
N GLY A 23 6.30 0.21 -16.40
CA GLY A 23 6.71 0.67 -17.73
C GLY A 23 8.21 0.65 -17.90
N GLY A 24 8.94 0.64 -16.78
CA GLY A 24 10.39 0.63 -16.84
C GLY A 24 11.01 0.16 -15.54
N LYS A 25 11.24 -1.14 -15.42
CA LYS A 25 11.83 -1.70 -14.22
C LYS A 25 13.13 -1.00 -13.87
N SER A 26 13.24 -0.54 -12.63
CA SER A 26 14.43 0.17 -12.17
C SER A 26 14.33 0.51 -10.68
N LYS A 27 13.12 0.87 -10.25
CA LYS A 27 12.88 1.21 -8.86
C LYS A 27 11.91 0.24 -8.21
N LYS A 28 12.43 -0.64 -7.36
CA LYS A 28 11.61 -1.63 -6.68
C LYS A 28 11.28 -1.16 -5.26
N PHE A 29 10.18 -1.69 -4.72
CA PHE A 29 9.75 -1.33 -3.38
C PHE A 29 10.77 -1.76 -2.34
N GLY A 30 10.46 -1.54 -1.07
CA GLY A 30 11.36 -1.92 0.00
C GLY A 30 10.77 -1.66 1.38
N GLU A 31 11.43 -2.18 2.41
CA GLU A 31 10.97 -2.01 3.78
C GLU A 31 10.87 -0.52 4.13
N GLY A 32 11.85 0.25 3.68
CA GLY A 32 11.86 1.68 3.96
C GLY A 32 10.70 2.40 3.31
N ASN A 33 10.57 2.25 1.99
CA ASN A 33 9.50 2.90 1.26
C ASN A 33 8.14 2.53 1.83
N PHE A 34 7.94 1.24 2.07
CA PHE A 34 6.68 0.75 2.62
C PHE A 34 6.34 1.48 3.91
N ARG A 35 7.32 1.62 4.79
CA ARG A 35 7.11 2.29 6.07
C ARG A 35 6.70 3.75 5.85
N TRP A 36 7.39 4.42 4.93
CA TRP A 36 7.09 5.81 4.63
C TRP A 36 5.64 5.98 4.21
N ALA A 37 5.10 4.99 3.51
CA ALA A 37 3.72 5.03 3.04
C ALA A 37 2.74 4.89 4.22
N ILE A 38 2.87 3.78 4.95
CA ILE A 38 2.01 3.52 6.09
C ILE A 38 2.12 4.63 7.12
N ARG A 39 3.34 5.12 7.34
CA ARG A 39 3.59 6.19 8.30
C ARG A 39 2.78 7.44 7.95
N MET A 40 2.91 7.87 6.69
CA MET A 40 2.20 9.06 6.23
C MET A 40 0.70 8.80 6.16
N ALA A 41 0.33 7.59 5.73
CA ALA A 41 -1.07 7.22 5.62
C ALA A 41 -1.77 7.25 6.97
N ASN A 42 -1.08 6.74 8.00
CA ASN A 42 -1.63 6.71 9.35
C ASN A 42 -1.84 8.12 9.87
N VAL A 43 -0.76 8.91 9.88
CA VAL A 43 -0.83 10.28 10.36
C VAL A 43 -1.86 11.09 9.59
N SER A 44 -1.88 10.91 8.28
CA SER A 44 -2.81 11.62 7.41
C SER A 44 -4.25 11.19 7.69
N THR A 45 -4.40 9.99 8.22
CA THR A 45 -5.73 9.46 8.53
C THR A 45 -6.05 9.64 10.01
N GLY A 46 -5.37 10.58 10.65
CA GLY A 46 -5.60 10.84 12.06
C GLY A 46 -5.51 9.58 12.90
N ARG A 47 -4.74 8.61 12.44
CA ARG A 47 -4.59 7.35 13.16
C ARG A 47 -3.47 7.45 14.19
N GLU A 48 -3.68 6.79 15.34
CA GLU A 48 -2.68 6.80 16.41
C GLU A 48 -1.30 6.42 15.88
N PRO A 49 -0.27 6.78 16.65
CA PRO A 49 1.13 6.48 16.28
C PRO A 49 1.44 4.99 16.38
N GLY A 50 1.04 4.37 17.49
CA GLY A 50 1.29 2.96 17.69
C GLY A 50 0.20 2.10 17.11
N ASP A 51 -0.18 2.36 15.87
CA ASP A 51 -1.23 1.59 15.20
C ASP A 51 -0.67 0.83 14.00
N ILE A 52 -0.33 -0.43 14.21
CA ILE A 52 0.22 -1.26 13.14
C ILE A 52 -0.69 -2.43 12.84
N PRO A 53 -1.88 -2.15 12.28
CA PRO A 53 -2.86 -3.18 11.93
C PRO A 53 -2.41 -4.04 10.76
N GLU A 54 -2.74 -5.33 10.82
CA GLU A 54 -2.37 -6.26 9.76
C GLU A 54 -3.57 -7.10 9.32
N THR A 55 -4.48 -6.47 8.59
CA THR A 55 -5.68 -7.14 8.10
C THR A 55 -6.11 -6.60 6.74
N LEU A 56 -6.43 -7.51 5.82
CA LEU A 56 -6.85 -7.12 4.48
C LEU A 56 -7.99 -6.11 4.54
N ASP A 57 -8.82 -6.22 5.57
CA ASP A 57 -9.95 -5.30 5.74
C ASP A 57 -9.46 -3.90 6.10
N GLN A 58 -8.45 -3.84 6.96
CA GLN A 58 -7.89 -2.56 7.38
C GLN A 58 -7.16 -1.88 6.24
N LEU A 59 -6.20 -2.59 5.65
CA LEU A 59 -5.42 -2.05 4.54
C LEU A 59 -6.33 -1.51 3.44
N ARG A 60 -7.40 -2.24 3.16
CA ARG A 60 -8.35 -1.83 2.13
C ARG A 60 -9.03 -0.51 2.51
N LEU A 61 -9.51 -0.43 3.74
CA LEU A 61 -10.16 0.78 4.23
C LEU A 61 -9.20 1.96 4.24
N VAL A 62 -7.99 1.71 4.72
CA VAL A 62 -6.96 2.76 4.78
C VAL A 62 -6.75 3.41 3.42
N ILE A 63 -6.69 2.58 2.38
CA ILE A 63 -6.49 3.08 1.03
C ILE A 63 -7.63 3.99 0.60
N CYS A 64 -8.86 3.50 0.75
CA CYS A 64 -10.05 4.27 0.37
C CYS A 64 -10.09 5.59 1.14
N ASP A 65 -9.52 5.59 2.33
CA ASP A 65 -9.49 6.80 3.17
C ASP A 65 -8.49 7.80 2.63
N LEU A 66 -7.21 7.41 2.60
CA LEU A 66 -6.15 8.27 2.11
C LEU A 66 -6.50 8.83 0.73
N GLN A 67 -7.06 7.97 -0.12
CA GLN A 67 -7.44 8.38 -1.47
C GLN A 67 -8.61 9.36 -1.44
N GLU A 68 -9.62 9.04 -0.64
CA GLU A 68 -10.80 9.90 -0.52
C GLU A 68 -10.40 11.33 -0.21
N ARG A 69 -9.40 11.49 0.66
CA ARG A 69 -8.92 12.80 1.05
C ARG A 69 -8.16 13.47 -0.10
N ARG A 70 -7.28 12.72 -0.74
CA ARG A 70 -6.50 13.23 -1.85
C ARG A 70 -7.40 13.84 -2.92
N GLU A 71 -8.52 13.17 -3.19
CA GLU A 71 -9.46 13.65 -4.19
C GLU A 71 -10.16 14.92 -3.72
N LYS A 72 -10.69 14.88 -2.50
CA LYS A 72 -11.39 16.03 -1.93
C LYS A 72 -10.52 17.29 -2.03
N PHE A 73 -9.21 17.10 -1.98
CA PHE A 73 -8.27 18.22 -2.06
C PHE A 73 -7.82 18.45 -3.50
N GLY A 74 -7.87 17.40 -4.31
CA GLY A 74 -7.46 17.50 -5.70
C GLY A 74 -6.55 16.37 -6.12
N SER A 75 -5.25 16.54 -5.91
CA SER A 75 -4.28 15.52 -6.27
C SER A 75 -2.96 15.72 -5.51
N SER A 76 -2.08 14.73 -5.60
CA SER A 76 -0.80 14.79 -4.93
C SER A 76 0.05 13.57 -5.25
N LYS A 77 1.29 13.80 -5.68
CA LYS A 77 2.20 12.72 -6.03
C LYS A 77 2.54 11.89 -4.79
N GLU A 78 2.87 12.57 -3.70
CA GLU A 78 3.23 11.89 -2.47
C GLU A 78 2.06 11.03 -1.97
N ILE A 79 0.90 11.65 -1.86
CA ILE A 79 -0.30 10.94 -1.39
C ILE A 79 -0.60 9.74 -2.28
N ASP A 80 -0.60 9.96 -3.59
CA ASP A 80 -0.88 8.89 -4.55
C ASP A 80 0.02 7.69 -4.30
N MET A 81 1.28 7.96 -3.99
CA MET A 81 2.25 6.89 -3.72
C MET A 81 1.83 6.07 -2.50
N ALA A 82 1.58 6.76 -1.39
CA ALA A 82 1.16 6.10 -0.16
C ALA A 82 -0.01 5.16 -0.41
N ILE A 83 -0.91 5.57 -1.30
CA ILE A 83 -2.08 4.76 -1.62
C ILE A 83 -1.68 3.45 -2.30
N VAL A 84 -0.97 3.57 -3.41
CA VAL A 84 -0.52 2.39 -4.16
C VAL A 84 0.32 1.48 -3.28
N THR A 85 1.16 2.09 -2.44
CA THR A 85 2.03 1.33 -1.55
C THR A 85 1.21 0.43 -0.62
N LEU A 86 0.16 0.99 -0.04
CA LEU A 86 -0.69 0.23 0.87
C LEU A 86 -1.37 -0.93 0.14
N LYS A 87 -1.79 -0.67 -1.10
CA LYS A 87 -2.45 -1.70 -1.90
C LYS A 87 -1.48 -2.80 -2.29
N VAL A 88 -0.37 -2.42 -2.91
CA VAL A 88 0.65 -3.38 -3.33
C VAL A 88 1.05 -4.29 -2.17
N PHE A 89 1.07 -3.72 -0.97
CA PHE A 89 1.45 -4.48 0.23
C PHE A 89 0.27 -5.29 0.75
N ALA A 90 -0.92 -4.72 0.63
CA ALA A 90 -2.14 -5.38 1.09
C ALA A 90 -2.43 -6.62 0.26
N VAL A 91 -2.27 -6.51 -1.05
CA VAL A 91 -2.51 -7.62 -1.96
C VAL A 91 -1.35 -8.61 -1.93
N ALA A 92 -0.15 -8.12 -2.19
CA ALA A 92 1.04 -8.96 -2.20
C ALA A 92 1.35 -9.48 -0.79
N GLY A 93 0.68 -8.91 0.20
CA GLY A 93 0.90 -9.33 1.58
C GLY A 93 -0.16 -10.31 2.05
N LEU A 94 -1.36 -9.80 2.29
CA LEU A 94 -2.46 -10.64 2.77
C LEU A 94 -2.78 -11.72 1.75
N LEU A 95 -2.80 -11.36 0.47
CA LEU A 95 -3.09 -12.31 -0.60
C LEU A 95 -1.81 -12.98 -1.09
N ASN A 96 -0.68 -12.57 -0.54
CA ASN A 96 0.61 -13.14 -0.93
C ASN A 96 0.77 -13.11 -2.44
N MET A 97 0.15 -12.13 -3.08
CA MET A 97 0.24 -11.99 -4.53
C MET A 97 1.62 -11.53 -4.96
N THR A 98 1.99 -11.80 -6.21
CA THR A 98 3.29 -11.40 -6.73
C THR A 98 3.17 -10.18 -7.62
N VAL A 99 2.81 -9.05 -7.03
CA VAL A 99 2.67 -7.80 -7.77
C VAL A 99 3.92 -7.51 -8.60
N SER A 100 3.71 -7.22 -9.88
CA SER A 100 4.81 -6.93 -10.79
C SER A 100 5.10 -5.43 -10.83
N THR A 101 4.05 -4.63 -10.69
CA THR A 101 4.19 -3.18 -10.72
C THR A 101 3.18 -2.52 -9.79
N ALA A 102 3.57 -1.41 -9.18
CA ALA A 102 2.70 -0.68 -8.27
C ALA A 102 1.35 -0.38 -8.93
N ALA A 103 1.37 -0.11 -10.22
CA ALA A 103 0.16 0.19 -10.97
C ALA A 103 -0.72 -1.05 -11.10
N ALA A 104 -0.08 -2.20 -11.24
CA ALA A 104 -0.79 -3.47 -11.38
C ALA A 104 -1.58 -3.79 -10.12
N ALA A 105 -0.97 -3.53 -8.97
CA ALA A 105 -1.61 -3.80 -7.68
C ALA A 105 -2.81 -2.89 -7.47
N GLU A 106 -2.58 -1.58 -7.57
CA GLU A 106 -3.64 -0.59 -7.40
C GLU A 106 -4.76 -0.81 -8.41
N ASN A 107 -4.41 -1.38 -9.56
CA ASN A 107 -5.39 -1.63 -10.61
C ASN A 107 -6.23 -2.85 -10.27
N MET A 108 -5.63 -3.82 -9.61
CA MET A 108 -6.33 -5.04 -9.22
C MET A 108 -7.31 -4.77 -8.09
N TYR A 109 -6.83 -4.12 -7.04
CA TYR A 109 -7.67 -3.79 -5.89
C TYR A 109 -8.81 -2.86 -6.29
N SER A 110 -8.48 -1.80 -7.01
CA SER A 110 -9.47 -0.83 -7.47
C SER A 110 -10.52 -1.50 -8.34
N GLN A 111 -10.07 -2.26 -9.33
CA GLN A 111 -10.97 -2.95 -10.24
C GLN A 111 -11.82 -3.98 -9.48
N MET A 112 -11.20 -4.68 -8.55
CA MET A 112 -11.89 -5.68 -7.75
C MET A 112 -13.01 -5.05 -6.92
N GLY A 113 -12.92 -3.74 -6.73
CA GLY A 113 -13.92 -3.04 -5.95
C GLY A 113 -13.47 -2.76 -4.54
N LEU A 114 -12.16 -2.68 -4.34
CA LEU A 114 -11.60 -2.43 -3.02
C LEU A 114 -11.06 -1.00 -2.92
N ASP A 115 -10.69 -0.44 -4.08
CA ASP A 115 -10.17 0.93 -4.11
C ASP A 115 -10.94 1.77 -5.12
N THR A 116 -11.03 3.08 -4.86
CA THR A 116 -11.74 3.99 -5.74
C THR A 116 -10.82 4.51 -6.84
N ARG A 117 -11.42 5.15 -7.84
CA ARG A 117 -10.65 5.71 -8.95
C ARG A 117 -10.74 7.24 -8.96
N PRO A 118 -9.74 7.87 -9.61
CA PRO A 118 -9.68 9.33 -9.70
C PRO A 118 -10.77 9.91 -10.60
N GLY A 1 7.58 -4.19 16.85
CA GLY A 1 8.76 -4.19 17.70
C GLY A 1 9.91 -4.97 17.10
N ASN A 2 9.94 -6.27 17.35
CA ASN A 2 11.00 -7.13 16.83
C ASN A 2 10.51 -7.91 15.60
N GLY A 3 11.43 -8.65 14.99
CA GLY A 3 11.07 -9.44 13.82
C GLY A 3 10.71 -10.87 14.15
N GLN A 4 9.46 -11.24 13.90
CA GLN A 4 8.99 -12.59 14.18
C GLN A 4 7.61 -12.83 13.58
N GLY A 5 7.53 -12.73 12.25
CA GLY A 5 6.26 -12.94 11.57
C GLY A 5 6.44 -13.48 10.17
N ARG A 6 5.74 -14.56 9.86
CA ARG A 6 5.82 -15.18 8.55
C ARG A 6 5.18 -14.28 7.48
N ASP A 7 3.89 -13.99 7.67
CA ASP A 7 3.17 -13.15 6.73
C ASP A 7 3.82 -11.78 6.60
N TRP A 8 4.55 -11.37 7.63
CA TRP A 8 5.23 -10.08 7.63
C TRP A 8 6.43 -10.11 6.70
N LYS A 9 7.42 -10.93 7.03
CA LYS A 9 8.63 -11.06 6.21
C LYS A 9 8.29 -11.53 4.81
N MET A 10 7.30 -12.42 4.71
CA MET A 10 6.89 -12.96 3.43
C MET A 10 6.24 -11.87 2.57
N ALA A 11 5.49 -10.99 3.21
CA ALA A 11 4.82 -9.90 2.50
C ALA A 11 5.83 -8.94 1.87
N ILE A 12 6.81 -8.54 2.67
CA ILE A 12 7.85 -7.62 2.19
C ILE A 12 8.81 -8.33 1.24
N LYS A 13 9.18 -9.56 1.59
CA LYS A 13 10.09 -10.35 0.76
C LYS A 13 9.59 -10.43 -0.67
N ARG A 14 8.29 -10.64 -0.83
CA ARG A 14 7.69 -10.74 -2.16
C ARG A 14 7.57 -9.38 -2.81
N CYS A 15 7.20 -8.37 -2.01
CA CYS A 15 7.06 -7.01 -2.52
C CYS A 15 8.37 -6.50 -3.11
N SER A 16 9.48 -7.09 -2.64
CA SER A 16 10.80 -6.69 -3.12
C SER A 16 10.88 -6.80 -4.64
N ASN A 17 10.06 -7.67 -5.22
CA ASN A 17 10.04 -7.87 -6.66
C ASN A 17 8.95 -7.02 -7.32
N VAL A 18 8.62 -5.90 -6.68
CA VAL A 18 7.60 -5.00 -7.20
C VAL A 18 8.22 -3.71 -7.71
N ALA A 19 7.71 -3.20 -8.83
CA ALA A 19 8.21 -1.97 -9.42
C ALA A 19 7.33 -0.78 -9.04
N VAL A 20 7.77 -0.01 -8.05
CA VAL A 20 7.03 1.15 -7.61
C VAL A 20 6.77 2.12 -8.75
N GLY A 21 7.64 2.09 -9.75
CA GLY A 21 7.49 2.97 -10.89
C GLY A 21 6.69 2.34 -12.01
N VAL A 22 7.31 1.41 -12.74
CA VAL A 22 6.64 0.74 -13.85
C VAL A 22 7.53 -0.35 -14.45
N GLY A 23 8.83 -0.07 -14.51
CA GLY A 23 9.76 -1.03 -15.06
C GLY A 23 11.04 -1.14 -14.24
N GLY A 24 12.17 -0.87 -14.88
CA GLY A 24 13.44 -0.95 -14.18
C GLY A 24 13.70 0.27 -13.31
N LYS A 25 14.78 0.99 -13.60
CA LYS A 25 15.13 2.18 -12.85
C LYS A 25 15.28 1.85 -11.36
N SER A 26 15.55 2.88 -10.55
CA SER A 26 15.72 2.70 -9.12
C SER A 26 14.42 3.03 -8.38
N LYS A 27 13.39 2.22 -8.61
CA LYS A 27 12.10 2.43 -7.97
C LYS A 27 11.46 1.09 -7.61
N LYS A 28 12.07 0.38 -6.67
CA LYS A 28 11.55 -0.92 -6.24
C LYS A 28 11.01 -0.83 -4.81
N PHE A 29 10.10 -1.74 -4.48
CA PHE A 29 9.51 -1.77 -3.14
C PHE A 29 10.58 -2.01 -2.08
N GLY A 30 10.14 -2.24 -0.84
CA GLY A 30 11.07 -2.48 0.24
C GLY A 30 10.46 -2.20 1.60
N GLU A 31 11.15 -2.61 2.66
CA GLU A 31 10.67 -2.40 4.02
C GLU A 31 10.49 -0.91 4.31
N GLY A 32 11.49 -0.12 3.92
CA GLY A 32 11.43 1.32 4.15
C GLY A 32 10.32 1.97 3.36
N ASN A 33 10.14 1.55 2.11
CA ASN A 33 9.11 2.11 1.25
C ASN A 33 7.73 1.90 1.84
N PHE A 34 7.41 0.65 2.18
CA PHE A 34 6.11 0.31 2.76
C PHE A 34 5.85 1.14 4.01
N ARG A 35 6.86 1.24 4.88
CA ARG A 35 6.73 1.99 6.11
C ARG A 35 6.48 3.48 5.82
N TRP A 36 7.19 4.00 4.83
CA TRP A 36 7.05 5.41 4.44
C TRP A 36 5.60 5.74 4.12
N ALA A 37 4.96 4.87 3.34
CA ALA A 37 3.57 5.07 2.97
C ALA A 37 2.64 4.98 4.18
N ILE A 38 2.94 4.05 5.07
CA ILE A 38 2.15 3.87 6.28
C ILE A 38 2.18 5.11 7.16
N ARG A 39 3.38 5.56 7.50
CA ARG A 39 3.56 6.74 8.33
C ARG A 39 2.82 7.93 7.75
N MET A 40 2.94 8.11 6.43
CA MET A 40 2.28 9.21 5.75
C MET A 40 0.77 8.99 5.67
N ALA A 41 0.37 7.73 5.67
CA ALA A 41 -1.04 7.38 5.61
C ALA A 41 -1.75 7.69 6.94
N ASN A 42 -1.15 7.21 8.03
CA ASN A 42 -1.73 7.43 9.35
C ASN A 42 -1.79 8.92 9.69
N VAL A 43 -0.65 9.59 9.56
CA VAL A 43 -0.57 11.02 9.84
C VAL A 43 -1.57 11.80 8.99
N SER A 44 -1.65 11.46 7.71
CA SER A 44 -2.56 12.13 6.80
C SER A 44 -4.02 11.82 7.17
N THR A 45 -4.23 10.68 7.81
CA THR A 45 -5.57 10.27 8.22
C THR A 45 -5.86 10.67 9.66
N GLY A 46 -5.06 11.61 10.17
CA GLY A 46 -5.26 12.06 11.54
C GLY A 46 -5.32 10.93 12.53
N ARG A 47 -4.65 9.83 12.21
CA ARG A 47 -4.63 8.66 13.08
C ARG A 47 -3.34 8.61 13.90
N GLU A 48 -3.47 8.34 15.19
CA GLU A 48 -2.32 8.26 16.09
C GLU A 48 -1.28 7.30 15.54
N PRO A 49 -0.04 7.44 16.03
CA PRO A 49 1.08 6.59 15.61
C PRO A 49 0.93 5.15 16.11
N GLY A 50 0.04 4.96 17.06
CA GLY A 50 -0.18 3.63 17.62
C GLY A 50 -1.19 2.83 16.82
N ASP A 51 -1.03 2.80 15.51
CA ASP A 51 -1.94 2.07 14.64
C ASP A 51 -1.16 1.21 13.64
N ILE A 52 -1.06 -0.08 13.93
CA ILE A 52 -0.36 -1.01 13.07
C ILE A 52 -1.18 -2.27 12.82
N PRO A 53 -2.22 -2.15 12.00
CA PRO A 53 -3.10 -3.27 11.65
C PRO A 53 -2.41 -4.31 10.78
N GLU A 54 -3.19 -5.26 10.27
CA GLU A 54 -2.64 -6.31 9.42
C GLU A 54 -3.76 -7.22 8.91
N THR A 55 -4.74 -6.62 8.23
CA THR A 55 -5.87 -7.38 7.69
C THR A 55 -6.34 -6.78 6.37
N LEU A 56 -6.73 -7.64 5.45
CA LEU A 56 -7.21 -7.20 4.14
C LEU A 56 -8.31 -6.15 4.29
N ASP A 57 -9.13 -6.30 5.33
CA ASP A 57 -10.21 -5.36 5.59
C ASP A 57 -9.66 -3.99 5.98
N GLN A 58 -8.64 -3.99 6.84
CA GLN A 58 -8.03 -2.76 7.30
C GLN A 58 -7.36 -2.02 6.15
N LEU A 59 -6.59 -2.76 5.34
CA LEU A 59 -5.90 -2.18 4.19
C LEU A 59 -6.88 -1.50 3.24
N ARG A 60 -8.00 -2.17 2.98
CA ARG A 60 -9.01 -1.63 2.08
C ARG A 60 -9.59 -0.32 2.64
N LEU A 61 -9.84 -0.29 3.94
CA LEU A 61 -10.38 0.89 4.59
C LEU A 61 -9.38 2.03 4.57
N VAL A 62 -8.14 1.73 4.92
CA VAL A 62 -7.07 2.73 4.94
C VAL A 62 -6.97 3.45 3.61
N ILE A 63 -7.08 2.69 2.52
CA ILE A 63 -7.00 3.25 1.17
C ILE A 63 -8.14 4.23 0.92
N CYS A 64 -9.38 3.75 1.12
CA CYS A 64 -10.56 4.58 0.91
C CYS A 64 -10.44 5.90 1.67
N ASP A 65 -9.73 5.85 2.80
CA ASP A 65 -9.55 7.05 3.62
C ASP A 65 -8.63 8.04 2.94
N LEU A 66 -7.38 7.61 2.70
CA LEU A 66 -6.40 8.47 2.05
C LEU A 66 -6.90 8.94 0.68
N GLN A 67 -7.38 7.98 -0.12
CA GLN A 67 -7.87 8.29 -1.45
C GLN A 67 -8.97 9.35 -1.39
N GLU A 68 -9.88 9.21 -0.42
CA GLU A 68 -10.98 10.14 -0.25
C GLU A 68 -10.46 11.57 -0.05
N ARG A 69 -9.48 11.71 0.84
CA ARG A 69 -8.89 13.02 1.13
C ARG A 69 -8.11 13.53 -0.07
N ARG A 70 -7.40 12.63 -0.74
CA ARG A 70 -6.60 12.99 -1.90
C ARG A 70 -7.49 13.55 -3.01
N GLU A 71 -8.72 13.04 -3.10
CA GLU A 71 -9.65 13.50 -4.11
C GLU A 71 -10.18 14.90 -3.80
N LYS A 72 -10.73 15.05 -2.60
CA LYS A 72 -11.27 16.34 -2.17
C LYS A 72 -10.24 17.45 -2.35
N PHE A 73 -8.97 17.11 -2.16
CA PHE A 73 -7.89 18.08 -2.30
C PHE A 73 -7.40 18.13 -3.75
N GLY A 74 -7.58 17.03 -4.47
CA GLY A 74 -7.15 16.97 -5.86
C GLY A 74 -6.30 15.75 -6.15
N SER A 75 -4.99 15.87 -5.93
CA SER A 75 -4.07 14.77 -6.18
C SER A 75 -2.65 15.14 -5.78
N SER A 76 -1.75 14.18 -5.85
CA SER A 76 -0.35 14.41 -5.49
C SER A 76 0.48 13.14 -5.67
N LYS A 77 1.66 13.30 -6.25
CA LYS A 77 2.56 12.16 -6.48
C LYS A 77 2.83 11.41 -5.18
N GLU A 78 3.08 12.15 -4.11
CA GLU A 78 3.36 11.56 -2.81
C GLU A 78 2.18 10.71 -2.33
N ILE A 79 0.99 11.30 -2.37
CA ILE A 79 -0.22 10.60 -1.95
C ILE A 79 -0.48 9.38 -2.82
N ASP A 80 -0.42 9.58 -4.13
CA ASP A 80 -0.65 8.49 -5.08
C ASP A 80 0.22 7.28 -4.74
N MET A 81 1.46 7.54 -4.32
CA MET A 81 2.39 6.48 -3.98
C MET A 81 1.92 5.74 -2.73
N ALA A 82 1.61 6.49 -1.68
CA ALA A 82 1.15 5.90 -0.42
C ALA A 82 -0.02 4.95 -0.66
N ILE A 83 -0.88 5.31 -1.61
CA ILE A 83 -2.04 4.48 -1.94
C ILE A 83 -1.61 3.16 -2.57
N VAL A 84 -0.92 3.25 -3.71
CA VAL A 84 -0.46 2.07 -4.41
C VAL A 84 0.43 1.21 -3.52
N THR A 85 1.12 1.86 -2.58
CA THR A 85 2.01 1.16 -1.66
C THR A 85 1.22 0.21 -0.75
N LEU A 86 0.25 0.77 -0.03
CA LEU A 86 -0.58 -0.02 0.88
C LEU A 86 -1.26 -1.16 0.13
N LYS A 87 -1.65 -0.90 -1.11
CA LYS A 87 -2.31 -1.91 -1.94
C LYS A 87 -1.38 -3.09 -2.22
N VAL A 88 -0.21 -2.78 -2.77
CA VAL A 88 0.77 -3.81 -3.10
C VAL A 88 1.04 -4.71 -1.89
N PHE A 89 1.18 -4.09 -0.72
CA PHE A 89 1.45 -4.82 0.51
C PHE A 89 0.25 -5.69 0.89
N ALA A 90 -0.95 -5.14 0.71
CA ALA A 90 -2.18 -5.86 1.03
C ALA A 90 -2.37 -7.07 0.13
N VAL A 91 -2.23 -6.86 -1.18
CA VAL A 91 -2.38 -7.93 -2.15
C VAL A 91 -1.22 -8.92 -2.06
N ALA A 92 -0.01 -8.42 -2.25
CA ALA A 92 1.18 -9.26 -2.18
C ALA A 92 1.36 -9.85 -0.79
N GLY A 93 0.66 -9.28 0.18
CA GLY A 93 0.75 -9.76 1.55
C GLY A 93 -0.35 -10.76 1.89
N LEU A 94 -1.57 -10.25 2.04
CA LEU A 94 -2.71 -11.09 2.37
C LEU A 94 -2.95 -12.14 1.29
N LEU A 95 -2.92 -11.70 0.04
CA LEU A 95 -3.14 -12.60 -1.09
C LEU A 95 -1.84 -13.30 -1.49
N ASN A 96 -0.77 -12.98 -0.77
CA ASN A 96 0.54 -13.58 -1.05
C ASN A 96 0.90 -13.44 -2.52
N MET A 97 0.39 -12.39 -3.16
CA MET A 97 0.67 -12.14 -4.56
C MET A 97 2.01 -11.44 -4.74
N THR A 98 2.29 -11.02 -5.98
CA THR A 98 3.55 -10.34 -6.28
C THR A 98 3.42 -9.49 -7.55
N VAL A 99 2.66 -8.40 -7.45
CA VAL A 99 2.47 -7.51 -8.57
C VAL A 99 3.80 -7.10 -9.20
N SER A 100 3.79 -6.87 -10.50
CA SER A 100 5.01 -6.47 -11.22
C SER A 100 5.27 -4.98 -11.04
N THR A 101 4.21 -4.21 -10.84
CA THR A 101 4.33 -2.77 -10.66
C THR A 101 3.30 -2.25 -9.66
N ALA A 102 3.70 -1.30 -8.84
CA ALA A 102 2.82 -0.72 -7.84
C ALA A 102 1.52 -0.24 -8.48
N ALA A 103 1.62 0.24 -9.71
CA ALA A 103 0.45 0.74 -10.44
C ALA A 103 -0.54 -0.40 -10.73
N ALA A 104 0.00 -1.56 -11.08
CA ALA A 104 -0.82 -2.72 -11.38
C ALA A 104 -1.59 -3.19 -10.14
N ALA A 105 -0.91 -3.20 -9.01
CA ALA A 105 -1.52 -3.62 -7.75
C ALA A 105 -2.72 -2.74 -7.40
N GLU A 106 -2.51 -1.42 -7.41
CA GLU A 106 -3.56 -0.48 -7.09
C GLU A 106 -4.75 -0.66 -8.03
N ASN A 107 -4.46 -0.90 -9.31
CA ASN A 107 -5.52 -1.08 -10.31
C ASN A 107 -6.34 -2.33 -10.00
N MET A 108 -5.67 -3.38 -9.54
CA MET A 108 -6.35 -4.63 -9.20
C MET A 108 -7.33 -4.42 -8.05
N TYR A 109 -6.91 -3.65 -7.06
CA TYR A 109 -7.74 -3.38 -5.89
C TYR A 109 -9.03 -2.66 -6.31
N SER A 110 -8.88 -1.58 -7.06
CA SER A 110 -10.03 -0.81 -7.52
C SER A 110 -10.87 -1.61 -8.50
N GLN A 111 -10.20 -2.32 -9.41
CA GLN A 111 -10.89 -3.13 -10.40
C GLN A 111 -11.75 -4.19 -9.74
N MET A 112 -11.25 -4.76 -8.64
CA MET A 112 -11.98 -5.78 -7.90
C MET A 112 -13.15 -5.18 -7.13
N GLY A 113 -13.06 -3.88 -6.86
CA GLY A 113 -14.11 -3.21 -6.12
C GLY A 113 -13.72 -2.90 -4.69
N LEU A 114 -12.42 -2.86 -4.43
CA LEU A 114 -11.91 -2.58 -3.10
C LEU A 114 -11.63 -1.09 -2.92
N ASP A 115 -11.08 -0.47 -3.95
CA ASP A 115 -10.77 0.96 -3.91
C ASP A 115 -11.86 1.77 -4.61
N THR A 116 -12.21 2.90 -4.03
CA THR A 116 -13.23 3.78 -4.59
C THR A 116 -12.64 4.69 -5.66
N ARG A 117 -13.41 4.92 -6.73
CA ARG A 117 -12.97 5.78 -7.82
C ARG A 117 -13.91 6.96 -8.01
N PRO A 118 -13.41 8.03 -8.61
CA PRO A 118 -14.20 9.24 -8.87
C PRO A 118 -15.27 9.02 -9.93
N GLY A 1 9.18 -7.30 17.98
CA GLY A 1 10.56 -7.34 18.45
C GLY A 1 11.51 -7.87 17.39
N ASN A 2 11.14 -9.00 16.79
CA ASN A 2 11.98 -9.62 15.77
C ASN A 2 11.17 -9.90 14.50
N GLY A 3 10.13 -9.09 14.29
CA GLY A 3 9.29 -9.27 13.11
C GLY A 3 8.71 -10.66 13.02
N GLN A 4 8.41 -11.26 14.17
CA GLN A 4 7.85 -12.60 14.22
C GLN A 4 6.56 -12.67 13.39
N GLY A 5 6.63 -13.35 12.26
CA GLY A 5 5.47 -13.48 11.40
C GLY A 5 5.83 -13.83 9.98
N ARG A 6 5.57 -15.08 9.59
CA ARG A 6 5.87 -15.54 8.24
C ARG A 6 5.24 -14.63 7.20
N ASP A 7 3.98 -14.25 7.43
CA ASP A 7 3.26 -13.38 6.52
C ASP A 7 3.99 -12.06 6.33
N TRP A 8 4.51 -11.51 7.42
CA TRP A 8 5.24 -10.24 7.38
C TRP A 8 6.49 -10.37 6.52
N LYS A 9 7.34 -11.33 6.87
CA LYS A 9 8.58 -11.56 6.14
C LYS A 9 8.30 -11.85 4.66
N MET A 10 7.16 -12.49 4.40
CA MET A 10 6.78 -12.83 3.03
C MET A 10 6.19 -11.61 2.32
N ALA A 11 5.63 -10.70 3.10
CA ALA A 11 5.04 -9.48 2.54
C ALA A 11 6.12 -8.50 2.07
N ILE A 12 7.09 -8.25 2.94
CA ILE A 12 8.18 -7.34 2.61
C ILE A 12 9.12 -7.94 1.56
N LYS A 13 9.48 -9.21 1.76
CA LYS A 13 10.36 -9.91 0.85
C LYS A 13 9.77 -9.94 -0.56
N ARG A 14 8.51 -10.35 -0.64
CA ARG A 14 7.81 -10.43 -1.94
C ARG A 14 7.61 -9.03 -2.52
N CYS A 15 7.26 -8.08 -1.66
CA CYS A 15 7.03 -6.71 -2.10
C CYS A 15 8.30 -6.11 -2.70
N SER A 16 9.45 -6.61 -2.27
CA SER A 16 10.73 -6.12 -2.77
C SER A 16 10.80 -6.19 -4.29
N ASN A 17 10.12 -7.19 -4.85
CA ASN A 17 10.10 -7.38 -6.30
C ASN A 17 9.18 -6.35 -6.97
N VAL A 18 8.18 -5.88 -6.21
CA VAL A 18 7.24 -4.90 -6.73
C VAL A 18 7.95 -3.62 -7.17
N ALA A 19 7.55 -3.08 -8.31
CA ALA A 19 8.16 -1.86 -8.83
C ALA A 19 7.20 -0.69 -8.72
N VAL A 20 7.49 0.23 -7.79
CA VAL A 20 6.65 1.40 -7.58
C VAL A 20 6.50 2.21 -8.87
N GLY A 21 7.48 2.08 -9.75
CA GLY A 21 7.44 2.80 -11.01
C GLY A 21 7.65 1.90 -12.21
N VAL A 22 6.56 1.43 -12.81
CA VAL A 22 6.64 0.55 -13.97
C VAL A 22 7.49 1.17 -15.07
N GLY A 23 8.42 0.38 -15.61
CA GLY A 23 9.28 0.86 -16.67
C GLY A 23 10.24 1.93 -16.18
N GLY A 24 10.93 2.58 -17.12
CA GLY A 24 11.86 3.62 -16.76
C GLY A 24 12.95 3.14 -15.82
N LYS A 25 13.14 3.86 -14.72
CA LYS A 25 14.14 3.50 -13.73
C LYS A 25 13.80 2.17 -13.07
N SER A 26 12.52 1.85 -13.04
CA SER A 26 12.05 0.60 -12.43
C SER A 26 12.53 0.49 -10.99
N LYS A 27 12.04 1.38 -10.14
CA LYS A 27 12.42 1.38 -8.73
C LYS A 27 11.59 0.37 -7.95
N LYS A 28 12.26 -0.64 -7.40
CA LYS A 28 11.59 -1.67 -6.62
C LYS A 28 11.15 -1.13 -5.26
N PHE A 29 10.47 -1.98 -4.49
CA PHE A 29 10.00 -1.58 -3.17
C PHE A 29 10.98 -2.01 -2.08
N GLY A 30 10.63 -1.73 -0.83
CA GLY A 30 11.49 -2.09 0.27
C GLY A 30 10.84 -1.84 1.62
N GLU A 31 11.47 -2.35 2.68
CA GLU A 31 10.95 -2.18 4.03
C GLU A 31 10.83 -0.70 4.38
N GLY A 32 11.83 0.08 3.99
CA GLY A 32 11.82 1.50 4.28
C GLY A 32 10.68 2.22 3.59
N ASN A 33 10.58 2.05 2.27
CA ASN A 33 9.54 2.69 1.49
C ASN A 33 8.15 2.30 2.01
N PHE A 34 7.95 1.01 2.23
CA PHE A 34 6.67 0.52 2.74
C PHE A 34 6.27 1.24 4.02
N ARG A 35 7.24 1.42 4.91
CA ARG A 35 7.00 2.10 6.17
C ARG A 35 6.63 3.56 5.96
N TRP A 36 7.28 4.18 4.98
CA TRP A 36 7.02 5.59 4.66
C TRP A 36 5.58 5.79 4.20
N ALA A 37 5.04 4.79 3.52
CA ALA A 37 3.68 4.85 3.02
C ALA A 37 2.67 4.73 4.17
N ILE A 38 2.81 3.65 4.94
CA ILE A 38 1.91 3.42 6.07
C ILE A 38 2.03 4.51 7.12
N ARG A 39 3.26 4.98 7.33
CA ARG A 39 3.53 6.03 8.30
C ARG A 39 2.83 7.33 7.91
N MET A 40 3.13 7.79 6.69
CA MET A 40 2.53 9.03 6.19
C MET A 40 1.02 8.89 6.05
N ALA A 41 0.58 7.78 5.44
CA ALA A 41 -0.84 7.52 5.26
C ALA A 41 -1.58 7.57 6.58
N ASN A 42 -0.90 7.16 7.65
CA ASN A 42 -1.51 7.15 8.98
C ASN A 42 -1.72 8.58 9.50
N VAL A 43 -0.63 9.34 9.56
CA VAL A 43 -0.68 10.72 10.03
C VAL A 43 -1.58 11.57 9.14
N SER A 44 -1.58 11.27 7.84
CA SER A 44 -2.39 12.01 6.89
C SER A 44 -3.88 11.79 7.15
N THR A 45 -4.20 10.66 7.76
CA THR A 45 -5.59 10.33 8.08
C THR A 45 -5.93 10.70 9.51
N GLY A 46 -5.16 11.63 10.08
CA GLY A 46 -5.40 12.06 11.45
C GLY A 46 -5.49 10.90 12.41
N ARG A 47 -4.81 9.80 12.09
CA ARG A 47 -4.83 8.62 12.94
C ARG A 47 -3.57 8.56 13.81
N GLU A 48 -3.75 8.27 15.09
CA GLU A 48 -2.63 8.20 16.02
C GLU A 48 -1.56 7.27 15.50
N PRO A 49 -0.33 7.41 16.04
CA PRO A 49 0.81 6.59 15.64
C PRO A 49 0.67 5.14 16.10
N GLY A 50 -0.27 4.90 16.99
CA GLY A 50 -0.49 3.55 17.49
C GLY A 50 -1.45 2.76 16.63
N ASP A 51 -1.21 2.76 15.32
CA ASP A 51 -2.05 2.04 14.39
C ASP A 51 -1.21 1.14 13.47
N ILE A 52 -0.98 -0.09 13.92
CA ILE A 52 -0.19 -1.05 13.14
C ILE A 52 -1.05 -2.21 12.68
N PRO A 53 -1.90 -1.96 11.67
CA PRO A 53 -2.79 -2.97 11.11
C PRO A 53 -2.03 -4.04 10.32
N GLU A 54 -2.77 -4.95 9.69
CA GLU A 54 -2.17 -6.01 8.91
C GLU A 54 -3.24 -6.89 8.27
N THR A 55 -4.35 -6.28 7.90
CA THR A 55 -5.45 -7.01 7.28
C THR A 55 -5.86 -6.37 5.95
N LEU A 56 -6.64 -7.10 5.17
CA LEU A 56 -7.11 -6.60 3.87
C LEU A 56 -8.11 -5.47 4.06
N ASP A 57 -8.88 -5.53 5.13
CA ASP A 57 -9.88 -4.51 5.43
C ASP A 57 -9.22 -3.24 5.95
N GLN A 58 -8.25 -3.41 6.86
CA GLN A 58 -7.54 -2.27 7.44
C GLN A 58 -6.80 -1.49 6.36
N LEU A 59 -6.20 -2.22 5.42
CA LEU A 59 -5.44 -1.60 4.34
C LEU A 59 -6.37 -0.84 3.40
N ARG A 60 -7.36 -1.55 2.86
CA ARG A 60 -8.32 -0.95 1.94
C ARG A 60 -9.03 0.23 2.59
N LEU A 61 -9.06 0.24 3.92
CA LEU A 61 -9.71 1.31 4.67
C LEU A 61 -8.85 2.57 4.67
N VAL A 62 -7.65 2.45 5.24
CA VAL A 62 -6.73 3.58 5.32
C VAL A 62 -6.52 4.21 3.95
N ILE A 63 -6.64 3.41 2.91
CA ILE A 63 -6.47 3.89 1.54
C ILE A 63 -7.65 4.76 1.12
N CYS A 64 -8.85 4.19 1.15
CA CYS A 64 -10.05 4.91 0.76
C CYS A 64 -10.20 6.19 1.58
N ASP A 65 -9.62 6.19 2.79
CA ASP A 65 -9.69 7.35 3.67
C ASP A 65 -8.75 8.44 3.18
N LEU A 66 -7.45 8.17 3.24
CA LEU A 66 -6.45 9.14 2.82
C LEU A 66 -6.69 9.58 1.38
N GLN A 67 -7.15 8.64 0.55
CA GLN A 67 -7.43 8.94 -0.85
C GLN A 67 -8.63 9.87 -0.99
N GLU A 68 -9.65 9.62 -0.19
CA GLU A 68 -10.87 10.43 -0.22
C GLU A 68 -10.55 11.89 0.09
N ARG A 69 -9.69 12.11 1.07
CA ARG A 69 -9.31 13.46 1.47
C ARG A 69 -8.52 14.14 0.35
N ARG A 70 -7.40 13.55 -0.02
CA ARG A 70 -6.56 14.11 -1.08
C ARG A 70 -7.34 14.25 -2.38
N GLU A 71 -8.39 13.43 -2.53
CA GLU A 71 -9.21 13.47 -3.73
C GLU A 71 -10.00 14.77 -3.82
N LYS A 72 -10.78 15.06 -2.77
CA LYS A 72 -11.58 16.27 -2.72
C LYS A 72 -10.70 17.52 -2.87
N PHE A 73 -9.50 17.46 -2.30
CA PHE A 73 -8.57 18.57 -2.38
C PHE A 73 -7.85 18.59 -3.73
N GLY A 74 -7.78 17.43 -4.38
CA GLY A 74 -7.13 17.34 -5.66
C GLY A 74 -6.28 16.08 -5.79
N SER A 75 -4.97 16.26 -5.88
CA SER A 75 -4.06 15.14 -6.01
C SER A 75 -2.69 15.47 -5.40
N SER A 76 -1.89 14.44 -5.18
CA SER A 76 -0.56 14.62 -4.60
C SER A 76 0.32 13.41 -4.88
N LYS A 77 1.61 13.66 -5.07
CA LYS A 77 2.58 12.60 -5.35
C LYS A 77 2.72 11.67 -4.15
N GLU A 78 3.05 12.26 -3.00
CA GLU A 78 3.22 11.48 -1.78
C GLU A 78 1.98 10.65 -1.47
N ILE A 79 0.82 11.23 -1.74
CA ILE A 79 -0.45 10.55 -1.50
C ILE A 79 -0.63 9.36 -2.44
N ASP A 80 -0.62 9.64 -3.74
CA ASP A 80 -0.78 8.58 -4.74
C ASP A 80 0.22 7.45 -4.50
N MET A 81 1.40 7.80 -4.01
CA MET A 81 2.44 6.81 -3.73
C MET A 81 2.04 5.93 -2.54
N ALA A 82 1.79 6.56 -1.40
CA ALA A 82 1.40 5.83 -0.19
C ALA A 82 0.24 4.89 -0.47
N ILE A 83 -0.62 5.29 -1.41
CA ILE A 83 -1.78 4.48 -1.77
C ILE A 83 -1.36 3.20 -2.49
N VAL A 84 -0.67 3.36 -3.62
CA VAL A 84 -0.21 2.22 -4.40
C VAL A 84 0.72 1.33 -3.57
N THR A 85 1.29 1.89 -2.52
CA THR A 85 2.18 1.14 -1.65
C THR A 85 1.41 0.17 -0.76
N LEU A 86 0.42 0.70 -0.04
CA LEU A 86 -0.39 -0.13 0.85
C LEU A 86 -1.31 -1.04 0.05
N LYS A 87 -1.57 -0.66 -1.20
CA LYS A 87 -2.43 -1.46 -2.07
C LYS A 87 -1.73 -2.72 -2.53
N VAL A 88 -0.57 -2.55 -3.19
CA VAL A 88 0.20 -3.69 -3.68
C VAL A 88 0.62 -4.59 -2.54
N PHE A 89 0.98 -4.00 -1.41
CA PHE A 89 1.42 -4.75 -0.24
C PHE A 89 0.26 -5.55 0.34
N ALA A 90 -0.92 -4.96 0.35
CA ALA A 90 -2.11 -5.62 0.88
C ALA A 90 -2.40 -6.90 0.11
N VAL A 91 -2.42 -6.81 -1.22
CA VAL A 91 -2.70 -7.97 -2.06
C VAL A 91 -1.50 -8.92 -2.08
N ALA A 92 -0.31 -8.36 -2.20
CA ALA A 92 0.92 -9.15 -2.23
C ALA A 92 1.19 -9.79 -0.87
N GLY A 93 0.46 -9.36 0.14
CA GLY A 93 0.63 -9.90 1.48
C GLY A 93 -0.54 -10.75 1.92
N LEU A 94 -1.69 -10.11 2.11
CA LEU A 94 -2.89 -10.82 2.54
C LEU A 94 -3.31 -11.85 1.50
N LEU A 95 -2.98 -11.60 0.24
CA LEU A 95 -3.32 -12.50 -0.85
C LEU A 95 -2.07 -13.17 -1.41
N ASN A 96 -0.92 -12.86 -0.81
CA ASN A 96 0.34 -13.44 -1.26
C ASN A 96 0.52 -13.28 -2.77
N MET A 97 -0.05 -12.20 -3.32
CA MET A 97 0.04 -11.93 -4.74
C MET A 97 1.47 -11.57 -5.13
N THR A 98 1.80 -11.79 -6.40
CA THR A 98 3.14 -11.49 -6.90
C THR A 98 3.12 -10.27 -7.82
N VAL A 99 2.54 -9.18 -7.34
CA VAL A 99 2.46 -7.95 -8.12
C VAL A 99 3.82 -7.56 -8.67
N SER A 100 3.83 -7.00 -9.88
CA SER A 100 5.08 -6.59 -10.52
C SER A 100 5.29 -5.09 -10.35
N THR A 101 4.20 -4.34 -10.27
CA THR A 101 4.26 -2.89 -10.10
C THR A 101 3.12 -2.39 -9.24
N ALA A 102 3.41 -1.38 -8.41
CA ALA A 102 2.41 -0.80 -7.53
C ALA A 102 1.15 -0.41 -8.31
N ALA A 103 1.35 0.05 -9.54
CA ALA A 103 0.25 0.45 -10.40
C ALA A 103 -0.66 -0.73 -10.72
N ALA A 104 -0.08 -1.78 -11.29
CA ALA A 104 -0.84 -2.97 -11.65
C ALA A 104 -1.65 -3.49 -10.46
N ALA A 105 -1.09 -3.34 -9.26
CA ALA A 105 -1.75 -3.79 -8.04
C ALA A 105 -3.03 -3.01 -7.80
N GLU A 106 -2.92 -1.69 -7.74
CA GLU A 106 -4.07 -0.83 -7.52
C GLU A 106 -5.19 -1.15 -8.49
N ASN A 107 -4.82 -1.45 -9.73
CA ASN A 107 -5.79 -1.78 -10.77
C ASN A 107 -6.55 -3.05 -10.41
N MET A 108 -5.82 -4.08 -10.02
CA MET A 108 -6.43 -5.36 -9.65
C MET A 108 -7.27 -5.21 -8.38
N TYR A 109 -6.82 -4.36 -7.46
CA TYR A 109 -7.52 -4.13 -6.21
C TYR A 109 -8.94 -3.61 -6.48
N SER A 110 -9.04 -2.58 -7.30
CA SER A 110 -10.34 -1.98 -7.63
C SER A 110 -11.10 -2.85 -8.63
N GLN A 111 -10.38 -3.37 -9.63
CA GLN A 111 -10.98 -4.22 -10.64
C GLN A 111 -11.60 -5.47 -10.01
N MET A 112 -10.96 -5.97 -8.96
CA MET A 112 -11.45 -7.16 -8.26
C MET A 112 -12.69 -6.83 -7.44
N GLY A 113 -12.83 -5.57 -7.06
CA GLY A 113 -13.99 -5.16 -6.28
C GLY A 113 -13.61 -4.74 -4.87
N LEU A 114 -12.34 -4.41 -4.67
CA LEU A 114 -11.86 -4.00 -3.36
C LEU A 114 -11.85 -2.47 -3.24
N ASP A 115 -11.11 -1.82 -4.14
CA ASP A 115 -11.02 -0.36 -4.14
C ASP A 115 -12.14 0.25 -4.97
N THR A 116 -12.85 1.21 -4.39
CA THR A 116 -13.94 1.87 -5.08
C THR A 116 -13.94 3.37 -4.81
N ARG A 117 -14.56 4.14 -5.69
CA ARG A 117 -14.62 5.58 -5.54
C ARG A 117 -16.05 6.09 -5.78
N PRO A 118 -16.34 7.31 -5.29
CA PRO A 118 -17.66 7.93 -5.45
C PRO A 118 -17.94 8.33 -6.88
N GLY A 1 1.29 -10.32 17.92
CA GLY A 1 1.51 -11.40 18.85
C GLY A 1 1.84 -12.71 18.16
N ASN A 2 2.32 -12.61 16.92
CA ASN A 2 2.68 -13.79 16.14
C ASN A 2 4.19 -13.96 16.08
N GLY A 3 4.92 -12.85 16.20
CA GLY A 3 6.36 -12.90 16.16
C GLY A 3 6.91 -12.76 14.75
N GLN A 4 7.43 -13.85 14.21
CA GLN A 4 7.99 -13.84 12.86
C GLN A 4 6.94 -13.38 11.84
N GLY A 5 5.87 -14.15 11.73
CA GLY A 5 4.81 -13.81 10.79
C GLY A 5 5.21 -14.07 9.35
N ARG A 6 4.60 -15.08 8.74
CA ARG A 6 4.89 -15.43 7.35
C ARG A 6 4.44 -14.33 6.41
N ASP A 7 3.17 -13.98 6.47
CA ASP A 7 2.61 -12.94 5.61
C ASP A 7 3.36 -11.63 5.79
N TRP A 8 3.99 -11.46 6.96
CA TRP A 8 4.75 -10.26 7.25
C TRP A 8 6.09 -10.25 6.51
N LYS A 9 6.96 -11.18 6.89
CA LYS A 9 8.27 -11.28 6.25
C LYS A 9 8.14 -11.49 4.75
N MET A 10 7.14 -12.26 4.35
CA MET A 10 6.89 -12.54 2.94
C MET A 10 6.48 -11.28 2.20
N ALA A 11 5.56 -10.52 2.80
CA ALA A 11 5.09 -9.28 2.20
C ALA A 11 6.23 -8.34 1.90
N ILE A 12 7.16 -8.20 2.85
CA ILE A 12 8.30 -7.32 2.67
C ILE A 12 9.27 -7.89 1.64
N LYS A 13 9.41 -9.21 1.62
CA LYS A 13 10.30 -9.87 0.67
C LYS A 13 9.78 -9.72 -0.76
N ARG A 14 8.48 -9.92 -0.95
CA ARG A 14 7.87 -9.81 -2.26
C ARG A 14 7.93 -8.37 -2.76
N CYS A 15 7.48 -7.44 -1.94
CA CYS A 15 7.49 -6.03 -2.29
C CYS A 15 8.90 -5.50 -2.43
N SER A 16 9.85 -6.19 -1.80
CA SER A 16 11.25 -5.79 -1.84
C SER A 16 11.78 -5.83 -3.27
N ASN A 17 11.07 -6.53 -4.15
CA ASN A 17 11.46 -6.65 -5.54
C ASN A 17 10.29 -6.32 -6.47
N VAL A 18 9.46 -5.38 -6.06
CA VAL A 18 8.30 -4.98 -6.85
C VAL A 18 8.53 -3.61 -7.48
N ALA A 19 8.15 -3.49 -8.75
CA ALA A 19 8.30 -2.22 -9.47
C ALA A 19 7.19 -1.25 -9.12
N VAL A 20 7.54 -0.21 -8.37
CA VAL A 20 6.56 0.79 -7.96
C VAL A 20 5.88 1.42 -9.17
N GLY A 21 6.56 1.39 -10.31
CA GLY A 21 6.00 1.96 -11.52
C GLY A 21 6.13 1.02 -12.71
N VAL A 22 5.04 0.85 -13.45
CA VAL A 22 5.03 -0.02 -14.61
C VAL A 22 6.10 0.39 -15.61
N GLY A 23 6.86 -0.58 -16.11
CA GLY A 23 7.91 -0.29 -17.08
C GLY A 23 9.15 0.27 -16.42
N GLY A 24 9.49 -0.25 -15.25
CA GLY A 24 10.67 0.23 -14.55
C GLY A 24 11.43 -0.90 -13.86
N LYS A 25 12.75 -0.88 -13.99
CA LYS A 25 13.59 -1.91 -13.39
C LYS A 25 14.62 -1.28 -12.46
N SER A 26 14.16 -0.43 -11.54
CA SER A 26 15.05 0.24 -10.60
C SER A 26 14.26 0.79 -9.41
N LYS A 27 13.23 1.58 -9.71
CA LYS A 27 12.40 2.18 -8.67
C LYS A 27 11.44 1.14 -8.08
N LYS A 28 11.94 0.36 -7.13
CA LYS A 28 11.14 -0.67 -6.48
C LYS A 28 10.88 -0.31 -5.01
N PHE A 29 9.95 -1.03 -4.39
CA PHE A 29 9.61 -0.80 -2.99
C PHE A 29 10.45 -1.68 -2.08
N GLY A 30 10.41 -1.38 -0.78
CA GLY A 30 11.17 -2.16 0.18
C GLY A 30 10.68 -1.97 1.60
N GLU A 31 11.47 -2.44 2.56
CA GLU A 31 11.10 -2.31 3.97
C GLU A 31 11.00 -0.84 4.38
N GLY A 32 12.08 -0.10 4.15
CA GLY A 32 12.10 1.31 4.49
C GLY A 32 11.04 2.11 3.75
N ASN A 33 10.99 1.95 2.44
CA ASN A 33 10.01 2.65 1.61
C ASN A 33 8.58 2.34 2.07
N PHE A 34 8.30 1.05 2.22
CA PHE A 34 6.97 0.62 2.66
C PHE A 34 6.55 1.34 3.92
N ARG A 35 7.47 1.47 4.87
CA ARG A 35 7.18 2.14 6.13
C ARG A 35 6.78 3.60 5.89
N TRP A 36 7.56 4.29 5.07
CA TRP A 36 7.29 5.69 4.76
C TRP A 36 5.87 5.86 4.22
N ALA A 37 5.41 4.87 3.46
CA ALA A 37 4.06 4.91 2.89
C ALA A 37 3.00 4.67 3.95
N ILE A 38 3.01 3.47 4.54
CA ILE A 38 2.06 3.12 5.58
C ILE A 38 2.03 4.18 6.68
N ARG A 39 3.21 4.70 7.03
CA ARG A 39 3.32 5.70 8.07
C ARG A 39 2.60 6.99 7.66
N MET A 40 3.00 7.54 6.52
CA MET A 40 2.39 8.77 6.01
C MET A 40 0.88 8.60 5.84
N ALA A 41 0.48 7.47 5.27
CA ALA A 41 -0.94 7.18 5.05
C ALA A 41 -1.72 7.27 6.35
N ASN A 42 -1.14 6.74 7.43
CA ASN A 42 -1.79 6.75 8.73
C ASN A 42 -1.98 8.19 9.23
N VAL A 43 -0.89 8.94 9.27
CA VAL A 43 -0.95 10.33 9.72
C VAL A 43 -1.89 11.15 8.86
N SER A 44 -1.79 10.98 7.54
CA SER A 44 -2.64 11.70 6.61
C SER A 44 -4.11 11.51 6.94
N THR A 45 -4.42 10.38 7.56
CA THR A 45 -5.80 10.07 7.93
C THR A 45 -6.07 10.40 9.39
N GLY A 46 -5.00 10.48 10.19
CA GLY A 46 -5.14 10.80 11.60
C GLY A 46 -5.53 9.60 12.43
N ARG A 47 -5.13 8.40 11.97
CA ARG A 47 -5.45 7.17 12.68
C ARG A 47 -4.35 6.83 13.69
N GLU A 48 -3.94 7.82 14.47
CA GLU A 48 -2.90 7.62 15.48
C GLU A 48 -1.58 7.26 14.81
N PRO A 49 -0.48 7.44 15.55
CA PRO A 49 0.87 7.15 15.06
C PRO A 49 1.11 5.65 14.90
N GLY A 50 0.77 4.89 15.93
CA GLY A 50 0.95 3.45 15.89
C GLY A 50 -0.21 2.74 15.23
N ASP A 51 -0.35 2.91 13.92
CA ASP A 51 -1.43 2.27 13.17
C ASP A 51 -0.88 1.23 12.20
N ILE A 52 -0.45 0.09 12.74
CA ILE A 52 0.10 -0.98 11.92
C ILE A 52 -0.75 -2.24 12.03
N PRO A 53 -1.90 -2.23 11.34
CA PRO A 53 -2.84 -3.37 11.35
C PRO A 53 -2.28 -4.56 10.57
N GLU A 54 -3.12 -5.56 10.37
CA GLU A 54 -2.72 -6.77 9.65
C GLU A 54 -3.94 -7.50 9.08
N THR A 55 -4.79 -6.77 8.39
CA THR A 55 -5.99 -7.34 7.80
C THR A 55 -6.33 -6.68 6.47
N LEU A 56 -6.80 -7.48 5.52
CA LEU A 56 -7.15 -6.96 4.20
C LEU A 56 -8.20 -5.86 4.31
N ASP A 57 -8.98 -5.89 5.39
CA ASP A 57 -10.02 -4.89 5.62
C ASP A 57 -9.40 -3.57 6.06
N GLN A 58 -8.45 -3.64 6.99
CA GLN A 58 -7.79 -2.44 7.50
C GLN A 58 -7.04 -1.72 6.38
N LEU A 59 -6.40 -2.50 5.51
CA LEU A 59 -5.64 -1.92 4.40
C LEU A 59 -6.57 -1.24 3.40
N ARG A 60 -7.62 -1.95 2.99
CA ARG A 60 -8.58 -1.41 2.04
C ARG A 60 -9.15 -0.08 2.53
N LEU A 61 -9.35 0.03 3.84
CA LEU A 61 -9.87 1.24 4.44
C LEU A 61 -8.87 2.38 4.33
N VAL A 62 -7.60 2.08 4.63
CA VAL A 62 -6.54 3.08 4.56
C VAL A 62 -6.47 3.71 3.17
N ILE A 63 -6.64 2.89 2.14
CA ILE A 63 -6.60 3.38 0.77
C ILE A 63 -7.75 4.34 0.49
N CYS A 64 -8.97 3.88 0.72
CA CYS A 64 -10.16 4.70 0.49
C CYS A 64 -10.07 6.01 1.27
N ASP A 65 -9.66 5.93 2.52
CA ASP A 65 -9.53 7.10 3.37
C ASP A 65 -8.53 8.10 2.77
N LEU A 66 -7.38 7.59 2.35
CA LEU A 66 -6.34 8.42 1.76
C LEU A 66 -6.81 9.03 0.44
N GLN A 67 -7.46 8.21 -0.37
CA GLN A 67 -7.97 8.65 -1.67
C GLN A 67 -9.07 9.70 -1.49
N GLU A 68 -9.91 9.51 -0.48
CA GLU A 68 -10.99 10.44 -0.20
C GLU A 68 -10.46 11.83 0.12
N ARG A 69 -9.49 11.89 1.03
CA ARG A 69 -8.89 13.16 1.43
C ARG A 69 -8.11 13.78 0.26
N ARG A 70 -7.29 12.95 -0.39
CA ARG A 70 -6.48 13.42 -1.51
C ARG A 70 -7.36 13.92 -2.65
N GLU A 71 -8.52 13.28 -2.81
CA GLU A 71 -9.46 13.66 -3.86
C GLU A 71 -10.02 15.06 -3.61
N LYS A 72 -10.64 15.23 -2.44
CA LYS A 72 -11.23 16.51 -2.08
C LYS A 72 -10.22 17.64 -2.23
N PHE A 73 -8.96 17.36 -1.87
CA PHE A 73 -7.90 18.35 -1.97
C PHE A 73 -7.42 18.49 -3.41
N GLY A 74 -7.56 17.42 -4.19
CA GLY A 74 -7.14 17.44 -5.57
C GLY A 74 -6.27 16.26 -5.93
N SER A 75 -4.96 16.50 -6.03
CA SER A 75 -4.02 15.44 -6.37
C SER A 75 -2.68 15.66 -5.65
N SER A 76 -1.99 14.55 -5.38
CA SER A 76 -0.71 14.61 -4.69
C SER A 76 0.13 13.37 -4.98
N LYS A 77 1.42 13.58 -5.22
CA LYS A 77 2.33 12.47 -5.52
C LYS A 77 2.65 11.68 -4.25
N GLU A 78 3.05 12.39 -3.20
CA GLU A 78 3.40 11.75 -1.93
C GLU A 78 2.23 10.90 -1.42
N ILE A 79 1.03 11.48 -1.49
CA ILE A 79 -0.17 10.77 -1.03
C ILE A 79 -0.48 9.57 -1.93
N ASP A 80 -0.67 9.84 -3.22
CA ASP A 80 -0.96 8.79 -4.18
C ASP A 80 0.05 7.66 -4.08
N MET A 81 1.30 8.00 -3.82
CA MET A 81 2.36 7.03 -3.69
C MET A 81 2.12 6.11 -2.50
N ALA A 82 1.97 6.71 -1.32
CA ALA A 82 1.72 5.94 -0.11
C ALA A 82 0.58 4.95 -0.29
N ILE A 83 -0.43 5.35 -1.07
CA ILE A 83 -1.57 4.50 -1.33
C ILE A 83 -1.18 3.26 -2.11
N VAL A 84 -0.59 3.47 -3.28
CA VAL A 84 -0.16 2.36 -4.13
C VAL A 84 0.71 1.37 -3.35
N THR A 85 1.43 1.89 -2.35
CA THR A 85 2.30 1.06 -1.53
C THR A 85 1.48 0.12 -0.66
N LEU A 86 0.58 0.68 0.15
CA LEU A 86 -0.26 -0.11 1.04
C LEU A 86 -1.06 -1.14 0.25
N LYS A 87 -1.29 -0.86 -1.03
CA LYS A 87 -2.04 -1.76 -1.89
C LYS A 87 -1.21 -2.99 -2.24
N VAL A 88 -0.12 -2.78 -2.97
CA VAL A 88 0.75 -3.87 -3.37
C VAL A 88 1.15 -4.73 -2.16
N PHE A 89 1.28 -4.09 -1.01
CA PHE A 89 1.65 -4.79 0.22
C PHE A 89 0.46 -5.53 0.80
N ALA A 90 -0.72 -4.93 0.68
CA ALA A 90 -1.94 -5.54 1.20
C ALA A 90 -2.29 -6.81 0.44
N VAL A 91 -2.29 -6.72 -0.89
CA VAL A 91 -2.61 -7.86 -1.74
C VAL A 91 -1.51 -8.90 -1.68
N ALA A 92 -0.29 -8.50 -2.02
CA ALA A 92 0.86 -9.40 -2.01
C ALA A 92 1.16 -9.88 -0.60
N GLY A 93 0.59 -9.19 0.39
CA GLY A 93 0.81 -9.56 1.78
C GLY A 93 -0.30 -10.44 2.32
N LEU A 94 -1.47 -9.85 2.56
CA LEU A 94 -2.60 -10.59 3.08
C LEU A 94 -3.03 -11.70 2.13
N LEU A 95 -3.10 -11.38 0.84
CA LEU A 95 -3.48 -12.37 -0.16
C LEU A 95 -2.27 -13.16 -0.64
N ASN A 96 -1.11 -12.84 -0.08
CA ASN A 96 0.13 -13.53 -0.45
C ASN A 96 0.31 -13.55 -1.96
N MET A 97 -0.22 -12.54 -2.63
CA MET A 97 -0.11 -12.45 -4.08
C MET A 97 1.34 -12.27 -4.51
N THR A 98 1.56 -12.14 -5.81
CA THR A 98 2.91 -11.97 -6.34
C THR A 98 2.92 -10.93 -7.47
N VAL A 99 2.29 -9.78 -7.21
CA VAL A 99 2.23 -8.71 -8.21
C VAL A 99 3.62 -8.38 -8.73
N SER A 100 3.67 -7.87 -9.96
CA SER A 100 4.94 -7.50 -10.59
C SER A 100 5.21 -6.01 -10.42
N THR A 101 4.15 -5.21 -10.46
CA THR A 101 4.27 -3.76 -10.32
C THR A 101 3.22 -3.21 -9.38
N ALA A 102 3.62 -2.26 -8.54
CA ALA A 102 2.69 -1.64 -7.59
C ALA A 102 1.44 -1.14 -8.30
N ALA A 103 1.61 -0.69 -9.53
CA ALA A 103 0.48 -0.17 -10.31
C ALA A 103 -0.56 -1.26 -10.56
N ALA A 104 -0.10 -2.43 -11.03
CA ALA A 104 -0.99 -3.54 -11.30
C ALA A 104 -1.72 -3.98 -10.04
N ALA A 105 -1.03 -3.91 -8.91
CA ALA A 105 -1.62 -4.30 -7.63
C ALA A 105 -2.83 -3.43 -7.30
N GLU A 106 -2.65 -2.13 -7.35
CA GLU A 106 -3.74 -1.20 -7.05
C GLU A 106 -4.89 -1.37 -8.03
N ASN A 107 -4.56 -1.70 -9.28
CA ASN A 107 -5.56 -1.90 -10.32
C ASN A 107 -6.53 -3.01 -9.93
N MET A 108 -5.98 -4.15 -9.53
CA MET A 108 -6.80 -5.30 -9.13
C MET A 108 -7.61 -4.98 -7.89
N TYR A 109 -6.99 -4.28 -6.95
CA TYR A 109 -7.66 -3.91 -5.70
C TYR A 109 -8.83 -2.99 -5.97
N SER A 110 -8.57 -1.92 -6.71
CA SER A 110 -9.62 -0.95 -7.03
C SER A 110 -10.68 -1.57 -7.93
N GLN A 111 -10.22 -2.31 -8.95
CA GLN A 111 -11.13 -2.96 -9.89
C GLN A 111 -11.97 -4.02 -9.18
N MET A 112 -11.40 -4.61 -8.13
CA MET A 112 -12.10 -5.65 -7.37
C MET A 112 -13.26 -5.05 -6.59
N GLY A 113 -13.20 -3.75 -6.33
CA GLY A 113 -14.26 -3.09 -5.60
C GLY A 113 -13.81 -2.64 -4.23
N LEU A 114 -12.51 -2.45 -4.06
CA LEU A 114 -11.95 -2.01 -2.78
C LEU A 114 -11.65 -0.52 -2.79
N ASP A 115 -11.45 0.03 -3.98
CA ASP A 115 -11.14 1.44 -4.13
C ASP A 115 -11.92 2.05 -5.30
N THR A 116 -12.73 3.05 -5.01
CA THR A 116 -13.52 3.72 -6.03
C THR A 116 -12.64 4.28 -7.14
N ARG A 117 -13.21 4.43 -8.33
CA ARG A 117 -12.47 4.96 -9.47
C ARG A 117 -13.30 6.01 -10.21
N PRO A 118 -13.50 7.17 -9.57
CA PRO A 118 -14.28 8.27 -10.15
C PRO A 118 -13.55 8.93 -11.32
N GLY A 1 2.64 -9.61 18.31
CA GLY A 1 2.35 -10.40 19.49
C GLY A 1 3.57 -11.17 19.97
N ASN A 2 4.14 -11.99 19.09
CA ASN A 2 5.32 -12.78 19.44
C ASN A 2 5.91 -13.44 18.19
N GLY A 3 7.23 -13.32 18.04
CA GLY A 3 7.90 -13.91 16.89
C GLY A 3 7.67 -13.12 15.62
N GLN A 4 8.21 -13.61 14.51
CA GLN A 4 8.07 -12.95 13.22
C GLN A 4 6.90 -13.53 12.43
N GLY A 5 6.02 -12.66 11.95
CA GLY A 5 4.87 -13.10 11.18
C GLY A 5 5.25 -13.54 9.78
N ARG A 6 4.54 -14.53 9.26
CA ARG A 6 4.80 -15.04 7.92
C ARG A 6 4.41 -14.01 6.85
N ASP A 7 3.16 -13.60 6.86
CA ASP A 7 2.66 -12.61 5.91
C ASP A 7 3.43 -11.31 6.03
N TRP A 8 3.97 -11.05 7.21
CA TRP A 8 4.72 -9.83 7.46
C TRP A 8 6.06 -9.85 6.72
N LYS A 9 6.90 -10.82 7.06
CA LYS A 9 8.21 -10.96 6.42
C LYS A 9 8.06 -11.30 4.94
N MET A 10 7.01 -12.05 4.61
CA MET A 10 6.76 -12.44 3.23
C MET A 10 6.33 -11.25 2.40
N ALA A 11 5.62 -10.32 3.03
CA ALA A 11 5.14 -9.12 2.35
C ALA A 11 6.29 -8.18 2.01
N ILE A 12 7.14 -7.91 2.99
CA ILE A 12 8.29 -7.04 2.81
C ILE A 12 9.26 -7.63 1.78
N LYS A 13 9.58 -8.90 1.94
CA LYS A 13 10.50 -9.58 1.04
C LYS A 13 9.94 -9.60 -0.38
N ARG A 14 8.71 -10.07 -0.53
CA ARG A 14 8.06 -10.13 -1.83
C ARG A 14 7.94 -8.74 -2.46
N CYS A 15 7.37 -7.82 -1.69
CA CYS A 15 7.19 -6.45 -2.18
C CYS A 15 8.51 -5.86 -2.68
N SER A 16 9.61 -6.29 -2.06
CA SER A 16 10.93 -5.81 -2.45
C SER A 16 11.20 -6.06 -3.92
N ASN A 17 10.53 -7.08 -4.47
CA ASN A 17 10.69 -7.43 -5.88
C ASN A 17 9.55 -6.84 -6.72
N VAL A 18 8.97 -5.75 -6.23
CA VAL A 18 7.88 -5.09 -6.94
C VAL A 18 8.29 -3.71 -7.43
N ALA A 19 8.01 -3.42 -8.69
CA ALA A 19 8.35 -2.13 -9.27
C ALA A 19 7.31 -1.08 -8.91
N VAL A 20 7.68 -0.17 -8.00
CA VAL A 20 6.78 0.89 -7.57
C VAL A 20 6.32 1.73 -8.75
N GLY A 21 7.18 1.85 -9.76
CA GLY A 21 6.85 2.63 -10.93
C GLY A 21 6.51 1.76 -12.13
N VAL A 22 5.29 1.92 -12.64
CA VAL A 22 4.85 1.14 -13.80
C VAL A 22 5.60 1.56 -15.06
N GLY A 23 5.97 2.83 -15.12
CA GLY A 23 6.68 3.33 -16.28
C GLY A 23 7.53 4.54 -15.96
N GLY A 24 8.81 4.50 -16.34
CA GLY A 24 9.69 5.61 -16.07
C GLY A 24 11.08 5.15 -15.63
N LYS A 25 11.13 4.50 -14.47
CA LYS A 25 12.39 4.00 -13.94
C LYS A 25 12.17 2.76 -13.08
N SER A 26 13.11 1.82 -13.14
CA SER A 26 13.02 0.58 -12.37
C SER A 26 13.35 0.83 -10.90
N LYS A 27 12.31 0.93 -10.08
CA LYS A 27 12.49 1.17 -8.65
C LYS A 27 11.75 0.11 -7.84
N LYS A 28 12.50 -0.77 -7.18
CA LYS A 28 11.91 -1.81 -6.35
C LYS A 28 11.53 -1.27 -4.98
N PHE A 29 10.51 -1.87 -4.38
CA PHE A 29 10.04 -1.45 -3.06
C PHE A 29 11.02 -1.88 -1.98
N GLY A 30 10.67 -1.61 -0.72
CA GLY A 30 11.54 -1.97 0.38
C GLY A 30 10.91 -1.69 1.73
N GLU A 31 11.52 -2.19 2.79
CA GLU A 31 11.01 -1.99 4.15
C GLU A 31 10.89 -0.50 4.47
N GLY A 32 11.91 0.26 4.08
CA GLY A 32 11.91 1.69 4.33
C GLY A 32 10.77 2.41 3.63
N ASN A 33 10.65 2.16 2.32
CA ASN A 33 9.59 2.80 1.53
C ASN A 33 8.21 2.43 2.09
N PHE A 34 7.99 1.14 2.29
CA PHE A 34 6.70 0.67 2.81
C PHE A 34 6.32 1.42 4.09
N ARG A 35 7.32 1.64 4.95
CA ARG A 35 7.10 2.33 6.20
C ARG A 35 6.72 3.80 5.96
N TRP A 36 7.40 4.42 5.00
CA TRP A 36 7.14 5.81 4.66
C TRP A 36 5.69 6.00 4.21
N ALA A 37 5.13 4.98 3.57
CA ALA A 37 3.76 5.03 3.09
C ALA A 37 2.77 4.90 4.24
N ILE A 38 2.88 3.81 4.99
CA ILE A 38 1.99 3.57 6.12
C ILE A 38 2.12 4.68 7.17
N ARG A 39 3.34 5.14 7.38
CA ARG A 39 3.60 6.20 8.34
C ARG A 39 2.90 7.49 7.95
N MET A 40 3.16 7.95 6.73
CA MET A 40 2.55 9.17 6.22
C MET A 40 1.04 9.01 6.10
N ALA A 41 0.60 8.00 5.37
CA ALA A 41 -0.82 7.74 5.18
C ALA A 41 -1.55 7.68 6.51
N ASN A 42 -0.84 7.25 7.55
CA ASN A 42 -1.41 7.15 8.88
C ASN A 42 -1.70 8.53 9.47
N VAL A 43 -0.64 9.33 9.61
CA VAL A 43 -0.78 10.67 10.16
C VAL A 43 -1.71 11.53 9.30
N SER A 44 -1.55 11.42 7.98
CA SER A 44 -2.36 12.19 7.06
C SER A 44 -3.85 11.92 7.29
N THR A 45 -4.15 10.74 7.85
CA THR A 45 -5.53 10.36 8.11
C THR A 45 -5.87 10.56 9.59
N GLY A 46 -4.84 10.63 10.43
CA GLY A 46 -5.05 10.82 11.85
C GLY A 46 -5.50 9.54 12.54
N ARG A 47 -5.01 8.40 12.05
CA ARG A 47 -5.37 7.12 12.63
C ARG A 47 -4.30 6.64 13.62
N GLU A 48 -3.90 7.54 14.51
CA GLU A 48 -2.89 7.22 15.51
C GLU A 48 -1.55 6.92 14.85
N PRO A 49 -0.45 7.15 15.60
CA PRO A 49 0.90 6.91 15.10
C PRO A 49 1.20 5.42 14.93
N GLY A 50 0.89 4.63 15.96
CA GLY A 50 1.13 3.21 15.91
C GLY A 50 0.02 2.45 15.21
N ASP A 51 -0.02 2.56 13.89
CA ASP A 51 -1.05 1.89 13.10
C ASP A 51 -0.43 0.82 12.21
N ILE A 52 -0.42 -0.42 12.68
CA ILE A 52 0.14 -1.53 11.93
C ILE A 52 -0.80 -2.73 11.94
N PRO A 53 -1.88 -2.64 11.16
CA PRO A 53 -2.88 -3.71 11.06
C PRO A 53 -2.34 -4.94 10.32
N GLU A 54 -3.21 -5.91 10.10
CA GLU A 54 -2.82 -7.14 9.41
C GLU A 54 -4.02 -7.82 8.78
N THR A 55 -4.83 -7.03 8.07
CA THR A 55 -6.02 -7.56 7.41
C THR A 55 -6.29 -6.84 6.09
N LEU A 56 -6.61 -7.61 5.06
CA LEU A 56 -6.88 -7.05 3.74
C LEU A 56 -7.98 -5.99 3.82
N ASP A 57 -8.88 -6.15 4.78
CA ASP A 57 -9.98 -5.20 4.96
C ASP A 57 -9.46 -3.87 5.49
N GLN A 58 -8.62 -3.92 6.52
CA GLN A 58 -8.06 -2.72 7.11
C GLN A 58 -7.27 -1.93 6.08
N LEU A 59 -6.59 -2.63 5.19
CA LEU A 59 -5.79 -1.99 4.15
C LEU A 59 -6.69 -1.25 3.16
N ARG A 60 -7.73 -1.93 2.70
CA ARG A 60 -8.67 -1.34 1.75
C ARG A 60 -9.24 -0.04 2.29
N LEU A 61 -9.55 -0.02 3.56
CA LEU A 61 -10.12 1.17 4.21
C LEU A 61 -9.09 2.31 4.23
N VAL A 62 -7.86 1.98 4.57
CA VAL A 62 -6.79 2.97 4.63
C VAL A 62 -6.66 3.71 3.29
N ILE A 63 -6.75 2.96 2.20
CA ILE A 63 -6.64 3.54 0.87
C ILE A 63 -7.78 4.53 0.61
N CYS A 64 -9.01 4.06 0.78
CA CYS A 64 -10.18 4.90 0.57
C CYS A 64 -10.06 6.21 1.34
N ASP A 65 -9.41 6.15 2.50
CA ASP A 65 -9.22 7.33 3.34
C ASP A 65 -8.28 8.33 2.67
N LEU A 66 -7.11 7.85 2.25
CA LEU A 66 -6.13 8.71 1.60
C LEU A 66 -6.67 9.26 0.28
N GLN A 67 -7.30 8.40 -0.51
CA GLN A 67 -7.86 8.80 -1.78
C GLN A 67 -8.86 9.95 -1.60
N GLU A 68 -9.71 9.82 -0.59
CA GLU A 68 -10.72 10.83 -0.31
C GLU A 68 -10.06 12.18 -0.02
N ARG A 69 -9.10 12.18 0.89
CA ARG A 69 -8.39 13.41 1.26
C ARG A 69 -7.60 13.95 0.07
N ARG A 70 -7.04 13.05 -0.73
CA ARG A 70 -6.26 13.44 -1.89
C ARG A 70 -7.11 14.25 -2.87
N GLU A 71 -8.27 13.71 -3.23
CA GLU A 71 -9.18 14.39 -4.15
C GLU A 71 -9.57 15.76 -3.63
N LYS A 72 -9.99 15.81 -2.37
CA LYS A 72 -10.40 17.06 -1.74
C LYS A 72 -9.30 18.11 -1.87
N PHE A 73 -8.05 17.67 -1.77
CA PHE A 73 -6.92 18.57 -1.87
C PHE A 73 -6.59 18.87 -3.33
N GLY A 74 -6.92 17.93 -4.21
CA GLY A 74 -6.66 18.11 -5.63
C GLY A 74 -5.48 17.29 -6.10
N SER A 75 -5.59 15.97 -5.96
CA SER A 75 -4.52 15.07 -6.38
C SER A 75 -3.24 15.34 -5.59
N SER A 76 -2.28 14.42 -5.69
CA SER A 76 -1.02 14.57 -4.98
C SER A 76 -0.09 13.40 -5.31
N LYS A 77 1.20 13.70 -5.45
CA LYS A 77 2.19 12.67 -5.75
C LYS A 77 2.51 11.84 -4.51
N GLU A 78 2.84 12.52 -3.42
CA GLU A 78 3.16 11.84 -2.17
C GLU A 78 2.00 10.96 -1.71
N ILE A 79 0.80 11.50 -1.77
CA ILE A 79 -0.39 10.77 -1.36
C ILE A 79 -0.62 9.55 -2.25
N ASP A 80 -0.68 9.77 -3.55
CA ASP A 80 -0.88 8.69 -4.50
C ASP A 80 0.13 7.56 -4.27
N MET A 81 1.31 7.93 -3.81
CA MET A 81 2.36 6.95 -3.55
C MET A 81 1.99 6.05 -2.38
N ALA A 82 1.75 6.67 -1.22
CA ALA A 82 1.38 5.93 -0.02
C ALA A 82 0.22 4.99 -0.30
N ILE A 83 -0.66 5.38 -1.22
CA ILE A 83 -1.81 4.57 -1.57
C ILE A 83 -1.38 3.29 -2.29
N VAL A 84 -0.72 3.45 -3.43
CA VAL A 84 -0.25 2.31 -4.21
C VAL A 84 0.66 1.42 -3.38
N THR A 85 1.27 1.99 -2.35
CA THR A 85 2.18 1.25 -1.48
C THR A 85 1.42 0.28 -0.60
N LEU A 86 0.40 0.79 0.08
CA LEU A 86 -0.42 -0.03 0.97
C LEU A 86 -1.20 -1.08 0.18
N LYS A 87 -1.45 -0.78 -1.09
CA LYS A 87 -2.19 -1.69 -1.96
C LYS A 87 -1.35 -2.92 -2.29
N VAL A 88 -0.23 -2.69 -2.97
CA VAL A 88 0.66 -3.79 -3.35
C VAL A 88 1.03 -4.64 -2.14
N PHE A 89 1.28 -3.99 -1.01
CA PHE A 89 1.64 -4.69 0.22
C PHE A 89 0.47 -5.53 0.72
N ALA A 90 -0.75 -5.01 0.57
CA ALA A 90 -1.94 -5.71 1.01
C ALA A 90 -2.14 -7.00 0.23
N VAL A 91 -2.11 -6.90 -1.09
CA VAL A 91 -2.29 -8.06 -1.96
C VAL A 91 -1.08 -8.99 -1.89
N ALA A 92 0.09 -8.43 -2.15
CA ALA A 92 1.34 -9.21 -2.12
C ALA A 92 1.61 -9.71 -0.71
N GLY A 93 0.91 -9.16 0.28
CA GLY A 93 1.11 -9.58 1.65
C GLY A 93 0.03 -10.54 2.12
N LEU A 94 -1.17 -10.03 2.34
CA LEU A 94 -2.28 -10.86 2.79
C LEU A 94 -2.58 -11.97 1.80
N LEU A 95 -2.56 -11.63 0.50
CA LEU A 95 -2.82 -12.60 -0.55
C LEU A 95 -1.53 -13.28 -1.00
N ASN A 96 -0.41 -12.82 -0.46
CA ASN A 96 0.90 -13.39 -0.81
C ASN A 96 1.07 -13.45 -2.32
N MET A 97 0.45 -12.51 -3.03
CA MET A 97 0.55 -12.45 -4.48
C MET A 97 1.40 -11.28 -4.94
N THR A 98 2.69 -11.54 -5.17
CA THR A 98 3.61 -10.51 -5.62
C THR A 98 3.19 -9.92 -6.96
N VAL A 99 2.80 -8.65 -6.95
CA VAL A 99 2.38 -7.98 -8.17
C VAL A 99 3.57 -7.43 -8.94
N SER A 100 3.40 -7.28 -10.25
CA SER A 100 4.47 -6.77 -11.11
C SER A 100 4.87 -5.36 -10.70
N THR A 101 3.88 -4.49 -10.53
CA THR A 101 4.13 -3.12 -10.14
C THR A 101 3.07 -2.63 -9.16
N ALA A 102 3.45 -1.65 -8.32
CA ALA A 102 2.53 -1.10 -7.34
C ALA A 102 1.22 -0.67 -7.99
N ALA A 103 1.32 -0.08 -9.19
CA ALA A 103 0.14 0.38 -9.91
C ALA A 103 -0.77 -0.80 -10.28
N ALA A 104 -0.16 -1.87 -10.78
CA ALA A 104 -0.92 -3.06 -11.17
C ALA A 104 -1.74 -3.59 -10.01
N ALA A 105 -1.15 -3.58 -8.82
CA ALA A 105 -1.83 -4.06 -7.62
C ALA A 105 -3.04 -3.20 -7.29
N GLU A 106 -2.85 -1.88 -7.33
CA GLU A 106 -3.93 -0.94 -7.03
C GLU A 106 -5.13 -1.20 -7.93
N ASN A 107 -4.86 -1.42 -9.22
CA ASN A 107 -5.93 -1.67 -10.18
C ASN A 107 -6.70 -2.94 -9.82
N MET A 108 -5.97 -4.02 -9.59
CA MET A 108 -6.59 -5.29 -9.23
C MET A 108 -7.48 -5.14 -8.00
N TYR A 109 -7.07 -4.27 -7.09
CA TYR A 109 -7.82 -4.04 -5.86
C TYR A 109 -9.19 -3.43 -6.17
N SER A 110 -9.18 -2.30 -6.88
CA SER A 110 -10.42 -1.63 -7.24
C SER A 110 -11.27 -2.49 -8.16
N GLN A 111 -10.62 -3.11 -9.15
CA GLN A 111 -11.32 -3.98 -10.10
C GLN A 111 -11.92 -5.19 -9.39
N MET A 112 -11.27 -5.61 -8.31
CA MET A 112 -11.73 -6.77 -7.55
C MET A 112 -13.03 -6.44 -6.81
N GLY A 113 -13.26 -5.15 -6.56
CA GLY A 113 -14.46 -4.74 -5.86
C GLY A 113 -14.16 -4.16 -4.49
N LEU A 114 -12.94 -3.69 -4.30
CA LEU A 114 -12.52 -3.11 -3.03
C LEU A 114 -12.58 -1.59 -3.08
N ASP A 115 -12.52 -1.04 -4.28
CA ASP A 115 -12.57 0.41 -4.46
C ASP A 115 -13.07 0.76 -5.86
N THR A 116 -13.50 2.01 -6.04
CA THR A 116 -14.00 2.47 -7.32
C THR A 116 -13.52 3.89 -7.62
N ARG A 117 -13.72 4.33 -8.86
CA ARG A 117 -13.31 5.66 -9.28
C ARG A 117 -14.43 6.36 -10.02
N PRO A 118 -15.48 6.76 -9.28
CA PRO A 118 -16.64 7.46 -9.85
C PRO A 118 -16.29 8.87 -10.30
N GLY A 1 7.45 -6.22 19.29
CA GLY A 1 8.53 -5.70 20.10
C GLY A 1 9.80 -6.52 19.95
N ASN A 2 9.69 -7.83 20.16
CA ASN A 2 10.84 -8.72 20.06
C ASN A 2 10.55 -9.88 19.11
N GLY A 3 11.59 -10.58 18.69
CA GLY A 3 11.43 -11.71 17.79
C GLY A 3 11.24 -11.27 16.34
N GLN A 4 10.54 -12.09 15.56
CA GLN A 4 10.30 -11.79 14.16
C GLN A 4 9.11 -12.58 13.64
N GLY A 5 8.40 -12.01 12.67
CA GLY A 5 7.25 -12.68 12.10
C GLY A 5 7.51 -13.17 10.68
N ARG A 6 7.05 -14.38 10.38
CA ARG A 6 7.22 -14.96 9.06
C ARG A 6 6.42 -14.20 8.02
N ASP A 7 5.11 -14.12 8.23
CA ASP A 7 4.22 -13.42 7.31
C ASP A 7 4.65 -11.97 7.14
N TRP A 8 5.36 -11.45 8.13
CA TRP A 8 5.82 -10.06 8.10
C TRP A 8 6.98 -9.90 7.12
N LYS A 9 8.11 -10.54 7.43
CA LYS A 9 9.28 -10.47 6.57
C LYS A 9 8.99 -11.04 5.19
N MET A 10 8.14 -12.07 5.15
CA MET A 10 7.78 -12.71 3.89
C MET A 10 6.95 -11.76 3.03
N ALA A 11 6.03 -11.04 3.66
CA ALA A 11 5.17 -10.10 2.95
C ALA A 11 5.99 -9.00 2.28
N ILE A 12 6.94 -8.44 3.03
CA ILE A 12 7.80 -7.38 2.51
C ILE A 12 8.88 -7.94 1.61
N LYS A 13 9.24 -9.21 1.82
CA LYS A 13 10.25 -9.87 1.02
C LYS A 13 9.83 -9.96 -0.44
N ARG A 14 8.59 -10.42 -0.66
CA ARG A 14 8.06 -10.57 -2.01
C ARG A 14 7.54 -9.24 -2.53
N CYS A 15 6.91 -8.46 -1.64
CA CYS A 15 6.36 -7.17 -2.01
C CYS A 15 7.44 -6.25 -2.58
N SER A 16 8.67 -6.43 -2.09
CA SER A 16 9.80 -5.62 -2.54
C SER A 16 10.06 -5.84 -4.03
N ASN A 17 9.88 -7.09 -4.47
CA ASN A 17 10.10 -7.44 -5.87
C ASN A 17 9.22 -6.59 -6.79
N VAL A 18 8.11 -6.11 -6.25
CA VAL A 18 7.17 -5.30 -7.02
C VAL A 18 7.87 -4.07 -7.61
N ALA A 19 7.56 -3.78 -8.87
CA ALA A 19 8.16 -2.63 -9.55
C ALA A 19 7.37 -1.35 -9.28
N VAL A 20 7.80 -0.60 -8.26
CA VAL A 20 7.13 0.64 -7.89
C VAL A 20 7.11 1.62 -9.06
N GLY A 21 8.19 1.61 -9.85
CA GLY A 21 8.28 2.51 -10.98
C GLY A 21 7.43 2.05 -12.15
N VAL A 22 7.07 0.76 -12.14
CA VAL A 22 6.26 0.20 -13.22
C VAL A 22 6.99 0.24 -14.54
N GLY A 23 7.96 -0.66 -14.70
CA GLY A 23 8.73 -0.71 -15.93
C GLY A 23 9.82 0.35 -15.98
N GLY A 24 10.59 0.35 -17.07
CA GLY A 24 11.67 1.32 -17.21
C GLY A 24 12.77 1.10 -16.19
N LYS A 25 12.85 2.00 -15.21
CA LYS A 25 13.87 1.91 -14.17
C LYS A 25 13.65 0.67 -13.31
N SER A 26 14.61 0.39 -12.43
CA SER A 26 14.53 -0.77 -11.55
C SER A 26 14.22 -0.33 -10.12
N LYS A 27 13.06 0.29 -9.93
CA LYS A 27 12.64 0.76 -8.61
C LYS A 27 11.75 -0.28 -7.93
N LYS A 28 12.36 -1.14 -7.12
CA LYS A 28 11.62 -2.17 -6.41
C LYS A 28 11.24 -1.69 -5.01
N PHE A 29 10.12 -2.20 -4.49
CA PHE A 29 9.64 -1.83 -3.17
C PHE A 29 10.60 -2.33 -2.09
N GLY A 30 10.24 -2.10 -0.83
CA GLY A 30 11.07 -2.53 0.27
C GLY A 30 10.52 -2.11 1.62
N GLU A 31 11.09 -2.66 2.69
CA GLU A 31 10.65 -2.32 4.05
C GLU A 31 10.70 -0.82 4.28
N GLY A 32 11.64 -0.15 3.61
CA GLY A 32 11.78 1.28 3.76
C GLY A 32 10.62 2.05 3.17
N ASN A 33 10.40 1.86 1.88
CA ASN A 33 9.30 2.54 1.19
C ASN A 33 7.95 2.15 1.78
N PHE A 34 7.79 0.87 2.08
CA PHE A 34 6.55 0.36 2.65
C PHE A 34 6.21 1.09 3.94
N ARG A 35 7.20 1.23 4.83
CA ARG A 35 7.01 1.92 6.09
C ARG A 35 6.66 3.38 5.88
N TRP A 36 7.36 4.02 4.96
CA TRP A 36 7.13 5.43 4.66
C TRP A 36 5.65 5.68 4.33
N ALA A 37 5.06 4.78 3.56
CA ALA A 37 3.66 4.90 3.19
C ALA A 37 2.75 4.66 4.38
N ILE A 38 3.12 3.71 5.22
CA ILE A 38 2.33 3.38 6.40
C ILE A 38 2.26 4.57 7.36
N ARG A 39 3.44 5.09 7.74
CA ARG A 39 3.51 6.22 8.65
C ARG A 39 2.74 7.41 8.09
N MET A 40 2.92 7.68 6.80
CA MET A 40 2.24 8.80 6.15
C MET A 40 0.73 8.58 6.14
N ALA A 41 0.30 7.46 5.55
CA ALA A 41 -1.11 7.13 5.47
C ALA A 41 -1.75 7.11 6.85
N ASN A 42 -0.94 6.87 7.87
CA ASN A 42 -1.42 6.83 9.25
C ASN A 42 -1.76 8.22 9.76
N VAL A 43 -0.73 9.07 9.86
CA VAL A 43 -0.91 10.43 10.33
C VAL A 43 -1.85 11.21 9.43
N SER A 44 -1.67 11.04 8.12
CA SER A 44 -2.51 11.73 7.13
C SER A 44 -3.98 11.42 7.36
N THR A 45 -4.26 10.28 7.99
CA THR A 45 -5.62 9.87 8.28
C THR A 45 -5.99 10.13 9.74
N GLY A 46 -4.96 10.28 10.57
CA GLY A 46 -5.19 10.53 11.99
C GLY A 46 -5.62 9.28 12.73
N ARG A 47 -5.10 8.13 12.31
CA ARG A 47 -5.43 6.86 12.95
C ARG A 47 -4.46 6.54 14.08
N GLU A 48 -4.22 7.53 14.93
CA GLU A 48 -3.31 7.36 16.06
C GLU A 48 -1.89 7.08 15.58
N PRO A 49 -0.91 7.29 16.46
CA PRO A 49 0.50 7.07 16.15
C PRO A 49 0.84 5.59 16.00
N GLY A 50 0.38 4.79 16.95
CA GLY A 50 0.63 3.36 16.91
C GLY A 50 -0.40 2.61 16.10
N ASP A 51 -0.41 2.85 14.78
CA ASP A 51 -1.35 2.19 13.90
C ASP A 51 -0.66 1.10 13.08
N ILE A 52 -0.78 -0.14 13.54
CA ILE A 52 -0.17 -1.26 12.85
C ILE A 52 -1.21 -2.31 12.45
N PRO A 53 -2.00 -1.97 11.41
CA PRO A 53 -3.05 -2.86 10.91
C PRO A 53 -2.48 -4.10 10.20
N GLU A 54 -3.18 -5.22 10.34
CA GLU A 54 -2.74 -6.47 9.74
C GLU A 54 -3.93 -7.24 9.17
N THR A 55 -4.78 -6.54 8.42
CA THR A 55 -5.96 -7.15 7.82
C THR A 55 -6.27 -6.53 6.47
N LEU A 56 -6.61 -7.36 5.49
CA LEU A 56 -6.93 -6.89 4.15
C LEU A 56 -7.99 -5.79 4.20
N ASP A 57 -8.88 -5.89 5.19
CA ASP A 57 -9.95 -4.90 5.36
C ASP A 57 -9.37 -3.55 5.79
N GLN A 58 -8.36 -3.59 6.64
CA GLN A 58 -7.73 -2.37 7.13
C GLN A 58 -7.02 -1.63 6.00
N LEU A 59 -6.33 -2.38 5.14
CA LEU A 59 -5.62 -1.79 4.02
C LEU A 59 -6.58 -1.09 3.07
N ARG A 60 -7.59 -1.83 2.61
CA ARG A 60 -8.58 -1.29 1.69
C ARG A 60 -9.27 -0.06 2.30
N LEU A 61 -9.43 -0.08 3.62
CA LEU A 61 -10.07 1.03 4.32
C LEU A 61 -9.19 2.27 4.29
N VAL A 62 -7.94 2.11 4.69
CA VAL A 62 -6.99 3.23 4.71
C VAL A 62 -6.89 3.88 3.34
N ILE A 63 -7.03 3.08 2.29
CA ILE A 63 -6.95 3.59 0.92
C ILE A 63 -8.12 4.51 0.62
N CYS A 64 -9.34 3.99 0.75
CA CYS A 64 -10.53 4.78 0.49
C CYS A 64 -10.52 6.09 1.28
N ASP A 65 -9.89 6.06 2.45
CA ASP A 65 -9.80 7.24 3.30
C ASP A 65 -8.80 8.24 2.71
N LEU A 66 -7.53 7.84 2.68
CA LEU A 66 -6.48 8.69 2.16
C LEU A 66 -6.84 9.22 0.78
N GLN A 67 -7.44 8.36 -0.04
CA GLN A 67 -7.84 8.74 -1.39
C GLN A 67 -8.97 9.77 -1.35
N GLU A 68 -9.90 9.58 -0.42
CA GLU A 68 -11.03 10.49 -0.30
C GLU A 68 -10.56 11.92 -0.02
N ARG A 69 -9.59 12.04 0.88
CA ARG A 69 -9.05 13.34 1.23
C ARG A 69 -8.27 13.95 0.08
N ARG A 70 -7.21 13.25 -0.36
CA ARG A 70 -6.39 13.72 -1.46
C ARG A 70 -7.25 14.07 -2.68
N GLU A 71 -8.36 13.37 -2.82
CA GLU A 71 -9.28 13.60 -3.94
C GLU A 71 -9.96 14.96 -3.82
N LYS A 72 -10.59 15.19 -2.67
CA LYS A 72 -11.28 16.46 -2.43
C LYS A 72 -10.37 17.63 -2.69
N PHE A 73 -9.10 17.50 -2.30
CA PHE A 73 -8.12 18.56 -2.50
C PHE A 73 -7.57 18.54 -3.93
N GLY A 74 -7.62 17.36 -4.55
CA GLY A 74 -7.12 17.23 -5.91
C GLY A 74 -6.23 16.02 -6.08
N SER A 75 -4.94 16.25 -6.26
CA SER A 75 -3.98 15.17 -6.44
C SER A 75 -2.69 15.44 -5.65
N SER A 76 -1.89 14.40 -5.48
CA SER A 76 -0.64 14.51 -4.73
C SER A 76 0.25 13.29 -4.98
N LYS A 77 1.49 13.54 -5.39
CA LYS A 77 2.44 12.46 -5.65
C LYS A 77 2.69 11.65 -4.38
N GLU A 78 2.80 12.34 -3.25
CA GLU A 78 3.04 11.66 -1.97
C GLU A 78 1.87 10.76 -1.60
N ILE A 79 0.66 11.26 -1.79
CA ILE A 79 -0.54 10.49 -1.48
C ILE A 79 -0.70 9.31 -2.44
N ASP A 80 -0.62 9.59 -3.73
CA ASP A 80 -0.74 8.55 -4.74
C ASP A 80 0.19 7.38 -4.46
N MET A 81 1.39 7.71 -3.98
CA MET A 81 2.38 6.68 -3.67
C MET A 81 1.98 5.89 -2.43
N ALA A 82 1.62 6.61 -1.37
CA ALA A 82 1.21 5.98 -0.12
C ALA A 82 0.03 5.05 -0.34
N ILE A 83 -0.96 5.50 -1.09
CA ILE A 83 -2.14 4.70 -1.39
C ILE A 83 -1.77 3.42 -2.11
N VAL A 84 -1.02 3.55 -3.20
CA VAL A 84 -0.59 2.40 -3.99
C VAL A 84 0.28 1.47 -3.16
N THR A 85 1.18 2.04 -2.36
CA THR A 85 2.06 1.25 -1.52
C THR A 85 1.28 0.31 -0.62
N LEU A 86 0.19 0.82 -0.05
CA LEU A 86 -0.66 0.03 0.84
C LEU A 86 -1.39 -1.07 0.06
N LYS A 87 -1.88 -0.71 -1.12
CA LYS A 87 -2.60 -1.66 -1.97
C LYS A 87 -1.68 -2.79 -2.41
N VAL A 88 -0.48 -2.44 -2.87
CA VAL A 88 0.49 -3.44 -3.32
C VAL A 88 0.82 -4.42 -2.21
N PHE A 89 1.23 -3.89 -1.06
CA PHE A 89 1.58 -4.73 0.08
C PHE A 89 0.36 -5.48 0.60
N ALA A 90 -0.81 -4.87 0.45
CA ALA A 90 -2.05 -5.48 0.90
C ALA A 90 -2.31 -6.80 0.19
N VAL A 91 -2.36 -6.76 -1.14
CA VAL A 91 -2.60 -7.95 -1.94
C VAL A 91 -1.37 -8.86 -1.95
N ALA A 92 -0.19 -8.25 -2.08
CA ALA A 92 1.06 -9.00 -2.09
C ALA A 92 1.35 -9.63 -0.74
N GLY A 93 0.61 -9.17 0.29
CA GLY A 93 0.81 -9.71 1.62
C GLY A 93 -0.34 -10.60 2.06
N LEU A 94 -1.52 -10.00 2.25
CA LEU A 94 -2.69 -10.74 2.67
C LEU A 94 -3.05 -11.82 1.67
N LEU A 95 -2.78 -11.56 0.40
CA LEU A 95 -3.06 -12.52 -0.67
C LEU A 95 -1.79 -13.20 -1.15
N ASN A 96 -0.65 -12.77 -0.59
CA ASN A 96 0.64 -13.33 -0.98
C ASN A 96 0.81 -13.33 -2.49
N MET A 97 0.20 -12.35 -3.14
CA MET A 97 0.29 -12.24 -4.60
C MET A 97 1.13 -11.02 -5.00
N THR A 98 2.45 -11.17 -4.95
CA THR A 98 3.35 -10.09 -5.31
C THR A 98 3.09 -9.59 -6.72
N VAL A 99 2.36 -8.47 -6.82
CA VAL A 99 2.04 -7.90 -8.11
C VAL A 99 3.30 -7.66 -8.94
N SER A 100 3.11 -7.22 -10.18
CA SER A 100 4.23 -6.95 -11.07
C SER A 100 4.70 -5.50 -10.95
N THR A 101 3.74 -4.60 -10.79
CA THR A 101 4.05 -3.18 -10.65
C THR A 101 3.07 -2.49 -9.71
N ALA A 102 3.53 -1.42 -9.07
CA ALA A 102 2.70 -0.66 -8.14
C ALA A 102 1.37 -0.28 -8.79
N ALA A 103 1.42 0.08 -10.06
CA ALA A 103 0.22 0.47 -10.80
C ALA A 103 -0.74 -0.71 -10.94
N ALA A 104 -0.18 -1.88 -11.22
CA ALA A 104 -0.99 -3.09 -11.39
C ALA A 104 -1.80 -3.39 -10.12
N ALA A 105 -1.16 -3.21 -8.96
CA ALA A 105 -1.80 -3.46 -7.69
C ALA A 105 -2.97 -2.50 -7.47
N GLU A 106 -2.69 -1.20 -7.58
CA GLU A 106 -3.72 -0.19 -7.39
C GLU A 106 -4.90 -0.42 -8.34
N ASN A 107 -4.60 -0.85 -9.56
CA ASN A 107 -5.63 -1.12 -10.55
C ASN A 107 -6.36 -2.42 -10.25
N MET A 108 -5.63 -3.38 -9.70
CA MET A 108 -6.22 -4.68 -9.36
C MET A 108 -7.30 -4.52 -8.30
N TYR A 109 -6.97 -3.82 -7.22
CA TYR A 109 -7.91 -3.59 -6.12
C TYR A 109 -9.06 -2.71 -6.58
N SER A 110 -8.73 -1.61 -7.25
CA SER A 110 -9.75 -0.67 -7.73
C SER A 110 -10.70 -1.37 -8.70
N GLN A 111 -10.14 -2.03 -9.71
CA GLN A 111 -10.94 -2.73 -10.71
C GLN A 111 -11.72 -3.88 -10.06
N MET A 112 -11.16 -4.45 -9.00
CA MET A 112 -11.79 -5.56 -8.30
C MET A 112 -13.09 -5.11 -7.65
N GLY A 113 -13.19 -3.82 -7.37
CA GLY A 113 -14.40 -3.28 -6.75
C GLY A 113 -14.13 -2.74 -5.36
N LEU A 114 -12.89 -2.31 -5.12
CA LEU A 114 -12.51 -1.77 -3.82
C LEU A 114 -12.35 -0.26 -3.89
N ASP A 115 -12.06 0.25 -5.08
CA ASP A 115 -11.89 1.68 -5.29
C ASP A 115 -12.30 2.08 -6.70
N THR A 116 -12.33 3.38 -6.95
CA THR A 116 -12.71 3.90 -8.26
C THR A 116 -11.48 4.11 -9.14
N ARG A 117 -11.70 4.29 -10.43
CA ARG A 117 -10.61 4.51 -11.38
C ARG A 117 -10.72 5.88 -12.04
N PRO A 118 -10.48 6.94 -11.24
CA PRO A 118 -10.54 8.32 -11.72
C PRO A 118 -9.40 8.66 -12.68
N GLY A 1 8.33 -6.31 16.65
CA GLY A 1 9.71 -6.56 17.03
C GLY A 1 9.84 -7.76 17.96
N ASN A 2 8.93 -7.84 18.92
CA ASN A 2 8.95 -8.93 19.90
C ASN A 2 8.98 -10.29 19.20
N GLY A 3 8.26 -10.38 18.08
CA GLY A 3 8.21 -11.63 17.33
C GLY A 3 7.90 -11.40 15.87
N GLN A 4 8.88 -11.67 15.01
CA GLN A 4 8.70 -11.50 13.57
C GLN A 4 7.60 -12.42 13.04
N GLY A 5 6.66 -11.85 12.31
CA GLY A 5 5.57 -12.64 11.75
C GLY A 5 5.91 -13.21 10.39
N ARG A 6 5.50 -14.45 10.15
CA ARG A 6 5.76 -15.11 8.87
C ARG A 6 5.21 -14.29 7.72
N ASP A 7 3.98 -13.80 7.86
CA ASP A 7 3.34 -13.00 6.83
C ASP A 7 3.99 -11.62 6.74
N TRP A 8 4.54 -11.16 7.86
CA TRP A 8 5.18 -9.85 7.91
C TRP A 8 6.51 -9.86 7.14
N LYS A 9 7.45 -10.67 7.62
CA LYS A 9 8.76 -10.78 6.99
C LYS A 9 8.62 -11.16 5.52
N MET A 10 7.72 -12.10 5.25
CA MET A 10 7.49 -12.56 3.87
C MET A 10 6.90 -11.45 3.02
N ALA A 11 6.06 -10.62 3.64
CA ALA A 11 5.42 -9.51 2.93
C ALA A 11 6.47 -8.52 2.41
N ILE A 12 7.44 -8.20 3.26
CA ILE A 12 8.49 -7.26 2.90
C ILE A 12 9.35 -7.82 1.77
N LYS A 13 9.80 -9.06 1.93
CA LYS A 13 10.63 -9.72 0.93
C LYS A 13 9.89 -9.83 -0.40
N ARG A 14 8.66 -10.34 -0.34
CA ARG A 14 7.84 -10.50 -1.53
C ARG A 14 7.55 -9.16 -2.18
N CYS A 15 6.99 -8.24 -1.41
CA CYS A 15 6.66 -6.91 -1.91
C CYS A 15 7.88 -6.25 -2.53
N SER A 16 9.06 -6.63 -2.07
CA SER A 16 10.31 -6.07 -2.59
C SER A 16 10.41 -6.26 -4.09
N ASN A 17 9.73 -7.29 -4.60
CA ASN A 17 9.75 -7.59 -6.03
C ASN A 17 8.86 -6.60 -6.79
N VAL A 18 7.89 -6.03 -6.10
CA VAL A 18 6.98 -5.07 -6.71
C VAL A 18 7.74 -3.97 -7.44
N ALA A 19 7.49 -3.86 -8.74
CA ALA A 19 8.15 -2.85 -9.56
C ALA A 19 7.44 -1.50 -9.45
N VAL A 20 7.85 -0.70 -8.47
CA VAL A 20 7.25 0.62 -8.27
C VAL A 20 7.35 1.46 -9.53
N GLY A 21 8.32 1.16 -10.38
CA GLY A 21 8.50 1.91 -11.61
C GLY A 21 8.14 1.09 -12.84
N VAL A 22 6.85 1.06 -13.17
CA VAL A 22 6.38 0.31 -14.33
C VAL A 22 7.18 0.68 -15.57
N GLY A 23 7.66 1.91 -15.62
CA GLY A 23 8.43 2.36 -16.77
C GLY A 23 9.75 3.00 -16.36
N GLY A 24 10.77 2.81 -17.19
CA GLY A 24 12.08 3.38 -16.89
C GLY A 24 13.11 2.32 -16.57
N LYS A 25 12.96 1.69 -15.41
CA LYS A 25 13.88 0.65 -14.98
C LYS A 25 13.14 -0.46 -14.23
N SER A 26 12.74 -0.17 -13.00
CA SER A 26 12.02 -1.15 -12.19
C SER A 26 11.61 -0.54 -10.85
N LYS A 27 12.58 0.03 -10.14
CA LYS A 27 12.31 0.65 -8.84
C LYS A 27 11.58 -0.31 -7.92
N LYS A 28 12.27 -1.35 -7.47
CA LYS A 28 11.69 -2.35 -6.58
C LYS A 28 11.43 -1.75 -5.20
N PHE A 29 10.31 -2.13 -4.59
CA PHE A 29 9.95 -1.63 -3.27
C PHE A 29 10.93 -2.15 -2.21
N GLY A 30 10.67 -1.79 -0.96
CA GLY A 30 11.53 -2.22 0.13
C GLY A 30 10.88 -2.06 1.48
N GLU A 31 11.67 -2.21 2.54
CA GLU A 31 11.16 -2.08 3.90
C GLU A 31 11.03 -0.60 4.29
N GLY A 32 12.10 0.15 4.07
CA GLY A 32 12.08 1.56 4.40
C GLY A 32 10.97 2.32 3.70
N ASN A 33 10.83 2.08 2.40
CA ASN A 33 9.81 2.74 1.60
C ASN A 33 8.42 2.44 2.14
N PHE A 34 8.14 1.14 2.34
CA PHE A 34 6.84 0.72 2.85
C PHE A 34 6.48 1.47 4.13
N ARG A 35 7.48 1.66 4.99
CA ARG A 35 7.28 2.36 6.25
C ARG A 35 6.86 3.80 6.01
N TRP A 36 7.56 4.47 5.10
CA TRP A 36 7.26 5.86 4.78
C TRP A 36 5.82 6.03 4.33
N ALA A 37 5.31 5.02 3.63
CA ALA A 37 3.93 5.05 3.14
C ALA A 37 2.94 4.90 4.29
N ILE A 38 3.05 3.81 5.03
CA ILE A 38 2.16 3.56 6.16
C ILE A 38 2.24 4.68 7.18
N ARG A 39 3.45 5.19 7.41
CA ARG A 39 3.67 6.27 8.36
C ARG A 39 2.87 7.51 7.97
N MET A 40 3.01 7.93 6.72
CA MET A 40 2.30 9.09 6.22
C MET A 40 0.79 8.82 6.13
N ALA A 41 0.44 7.61 5.70
CA ALA A 41 -0.95 7.22 5.57
C ALA A 41 -1.67 7.28 6.92
N ASN A 42 -1.00 6.79 7.96
CA ASN A 42 -1.57 6.78 9.31
C ASN A 42 -1.79 8.21 9.81
N VAL A 43 -0.72 8.99 9.82
CA VAL A 43 -0.80 10.38 10.28
C VAL A 43 -1.79 11.18 9.44
N SER A 44 -1.79 10.93 8.13
CA SER A 44 -2.69 11.64 7.22
C SER A 44 -4.14 11.26 7.50
N THR A 45 -4.34 10.07 8.06
CA THR A 45 -5.68 9.59 8.37
C THR A 45 -6.05 9.89 9.82
N GLY A 46 -5.33 10.83 10.43
CA GLY A 46 -5.60 11.20 11.81
C GLY A 46 -5.62 9.99 12.73
N ARG A 47 -4.87 8.96 12.36
CA ARG A 47 -4.80 7.74 13.16
C ARG A 47 -3.60 7.78 14.10
N GLU A 48 -3.82 7.39 15.35
CA GLU A 48 -2.76 7.38 16.34
C GLU A 48 -1.55 6.60 15.84
N PRO A 49 -0.38 6.85 16.47
CA PRO A 49 0.87 6.18 16.09
C PRO A 49 0.87 4.71 16.46
N GLY A 50 0.07 4.35 17.46
CA GLY A 50 -0.01 2.96 17.88
C GLY A 50 -1.03 2.17 17.10
N ASP A 51 -0.97 2.26 15.78
CA ASP A 51 -1.90 1.55 14.91
C ASP A 51 -1.14 0.81 13.81
N ILE A 52 -0.83 -0.46 14.06
CA ILE A 52 -0.12 -1.27 13.10
C ILE A 52 -0.89 -2.54 12.76
N PRO A 53 -2.04 -2.38 12.09
CA PRO A 53 -2.90 -3.50 11.69
C PRO A 53 -2.27 -4.36 10.61
N GLU A 54 -3.05 -5.28 10.06
CA GLU A 54 -2.57 -6.17 9.01
C GLU A 54 -3.69 -7.06 8.48
N THR A 55 -4.62 -6.44 7.76
CA THR A 55 -5.75 -7.18 7.20
C THR A 55 -6.20 -6.55 5.88
N LEU A 56 -6.70 -7.39 4.98
CA LEU A 56 -7.17 -6.92 3.68
C LEU A 56 -8.30 -5.91 3.85
N ASP A 57 -9.09 -6.07 4.90
CA ASP A 57 -10.20 -5.17 5.17
C ASP A 57 -9.70 -3.81 5.64
N GLN A 58 -8.75 -3.83 6.59
CA GLN A 58 -8.19 -2.61 7.13
C GLN A 58 -7.48 -1.81 6.05
N LEU A 59 -6.55 -2.45 5.36
CA LEU A 59 -5.79 -1.80 4.29
C LEU A 59 -6.73 -1.20 3.25
N ARG A 60 -7.74 -1.98 2.86
CA ARG A 60 -8.71 -1.52 1.87
C ARG A 60 -9.39 -0.23 2.32
N LEU A 61 -9.83 -0.21 3.58
CA LEU A 61 -10.50 0.96 4.12
C LEU A 61 -9.54 2.16 4.18
N VAL A 62 -8.28 1.89 4.54
CA VAL A 62 -7.28 2.94 4.62
C VAL A 62 -7.16 3.69 3.30
N ILE A 63 -7.11 2.96 2.21
CA ILE A 63 -7.00 3.55 0.89
C ILE A 63 -8.21 4.43 0.57
N CYS A 64 -9.40 3.85 0.73
CA CYS A 64 -10.63 4.58 0.47
C CYS A 64 -10.67 5.89 1.23
N ASP A 65 -10.03 5.91 2.40
CA ASP A 65 -9.99 7.11 3.23
C ASP A 65 -8.95 8.09 2.70
N LEU A 66 -7.69 7.67 2.67
CA LEU A 66 -6.61 8.52 2.20
C LEU A 66 -6.92 9.09 0.82
N GLN A 67 -7.55 8.27 -0.02
CA GLN A 67 -7.90 8.71 -1.36
C GLN A 67 -9.07 9.67 -1.33
N GLU A 68 -10.09 9.35 -0.53
CA GLU A 68 -11.27 10.19 -0.40
C GLU A 68 -10.88 11.63 -0.08
N ARG A 69 -9.87 11.78 0.77
CA ARG A 69 -9.40 13.10 1.17
C ARG A 69 -8.61 13.76 0.05
N ARG A 70 -7.55 13.09 -0.39
CA ARG A 70 -6.71 13.62 -1.46
C ARG A 70 -7.54 13.98 -2.68
N GLU A 71 -8.66 13.28 -2.86
CA GLU A 71 -9.54 13.54 -3.99
C GLU A 71 -10.33 14.83 -3.78
N LYS A 72 -11.02 14.92 -2.64
CA LYS A 72 -11.81 16.10 -2.33
C LYS A 72 -10.98 17.37 -2.47
N PHE A 73 -9.68 17.25 -2.21
CA PHE A 73 -8.77 18.39 -2.31
C PHE A 73 -8.15 18.47 -3.70
N GLY A 74 -8.05 17.33 -4.37
CA GLY A 74 -7.47 17.29 -5.70
C GLY A 74 -6.62 16.06 -5.92
N SER A 75 -5.30 16.27 -5.97
CA SER A 75 -4.36 15.17 -6.19
C SER A 75 -3.02 15.46 -5.51
N SER A 76 -2.14 14.47 -5.52
CA SER A 76 -0.82 14.61 -4.91
C SER A 76 0.05 13.39 -5.19
N LYS A 77 1.30 13.65 -5.55
CA LYS A 77 2.24 12.57 -5.86
C LYS A 77 2.58 11.78 -4.60
N GLU A 78 2.86 12.49 -3.51
CA GLU A 78 3.20 11.86 -2.24
C GLU A 78 2.04 11.00 -1.73
N ILE A 79 0.83 11.55 -1.79
CA ILE A 79 -0.35 10.84 -1.33
C ILE A 79 -0.61 9.60 -2.18
N ASP A 80 -0.72 9.80 -3.50
CA ASP A 80 -0.96 8.71 -4.42
C ASP A 80 0.04 7.58 -4.21
N MET A 81 1.27 7.95 -3.86
CA MET A 81 2.33 6.97 -3.62
C MET A 81 2.00 6.09 -2.42
N ALA A 82 1.77 6.72 -1.28
CA ALA A 82 1.44 6.00 -0.06
C ALA A 82 0.28 5.03 -0.29
N ILE A 83 -0.65 5.42 -1.15
CA ILE A 83 -1.80 4.59 -1.47
C ILE A 83 -1.39 3.30 -2.16
N VAL A 84 -0.70 3.44 -3.29
CA VAL A 84 -0.23 2.29 -4.04
C VAL A 84 0.62 1.36 -3.18
N THR A 85 1.33 1.95 -2.22
CA THR A 85 2.18 1.19 -1.32
C THR A 85 1.36 0.24 -0.44
N LEU A 86 0.34 0.79 0.21
CA LEU A 86 -0.53 0.00 1.08
C LEU A 86 -1.27 -1.06 0.27
N LYS A 87 -1.49 -0.79 -1.00
CA LYS A 87 -2.19 -1.71 -1.88
C LYS A 87 -1.29 -2.88 -2.28
N VAL A 88 -0.20 -2.57 -2.96
CA VAL A 88 0.75 -3.58 -3.40
C VAL A 88 1.17 -4.48 -2.23
N PHE A 89 1.23 -3.89 -1.04
CA PHE A 89 1.61 -4.63 0.15
C PHE A 89 0.45 -5.47 0.67
N ALA A 90 -0.75 -4.92 0.58
CA ALA A 90 -1.95 -5.61 1.04
C ALA A 90 -2.22 -6.85 0.20
N VAL A 91 -2.20 -6.68 -1.12
CA VAL A 91 -2.45 -7.77 -2.04
C VAL A 91 -1.31 -8.78 -2.02
N ALA A 92 -0.10 -8.30 -2.30
CA ALA A 92 1.08 -9.15 -2.31
C ALA A 92 1.39 -9.69 -0.91
N GLY A 93 0.74 -9.10 0.09
CA GLY A 93 0.96 -9.52 1.47
C GLY A 93 -0.11 -10.47 1.95
N LEU A 94 -1.31 -9.94 2.19
CA LEU A 94 -2.42 -10.75 2.66
C LEU A 94 -2.78 -11.84 1.66
N LEU A 95 -2.79 -11.47 0.38
CA LEU A 95 -3.10 -12.42 -0.68
C LEU A 95 -1.85 -13.13 -1.18
N ASN A 96 -0.70 -12.74 -0.62
CA ASN A 96 0.58 -13.34 -1.01
C ASN A 96 0.75 -13.31 -2.52
N MET A 97 0.15 -12.31 -3.17
CA MET A 97 0.25 -12.17 -4.61
C MET A 97 1.62 -11.65 -5.02
N THR A 98 1.90 -11.70 -6.33
CA THR A 98 3.17 -11.23 -6.84
C THR A 98 3.00 -10.02 -7.75
N VAL A 99 2.64 -8.89 -7.14
CA VAL A 99 2.43 -7.66 -7.89
C VAL A 99 3.62 -7.35 -8.79
N SER A 100 3.38 -7.28 -10.09
CA SER A 100 4.43 -7.01 -11.06
C SER A 100 4.84 -5.54 -10.99
N THR A 101 3.86 -4.66 -10.86
CA THR A 101 4.11 -3.22 -10.80
C THR A 101 3.14 -2.54 -9.86
N ALA A 102 3.57 -1.42 -9.27
CA ALA A 102 2.74 -0.67 -8.34
C ALA A 102 1.40 -0.32 -8.98
N ALA A 103 1.42 -0.01 -10.27
CA ALA A 103 0.20 0.33 -10.99
C ALA A 103 -0.70 -0.88 -11.16
N ALA A 104 -0.10 -2.04 -11.35
CA ALA A 104 -0.85 -3.28 -11.51
C ALA A 104 -1.66 -3.61 -10.27
N ALA A 105 -1.05 -3.43 -9.10
CA ALA A 105 -1.71 -3.70 -7.84
C ALA A 105 -2.86 -2.73 -7.60
N GLU A 106 -2.56 -1.43 -7.66
CA GLU A 106 -3.56 -0.40 -7.45
C GLU A 106 -4.76 -0.61 -8.38
N ASN A 107 -4.49 -1.14 -9.56
CA ASN A 107 -5.54 -1.39 -10.55
C ASN A 107 -6.45 -2.52 -10.10
N MET A 108 -5.84 -3.64 -9.69
CA MET A 108 -6.61 -4.80 -9.24
C MET A 108 -7.38 -4.47 -7.97
N TYR A 109 -6.77 -3.68 -7.09
CA TYR A 109 -7.41 -3.30 -5.84
C TYR A 109 -8.67 -2.48 -6.10
N SER A 110 -8.54 -1.42 -6.87
CA SER A 110 -9.67 -0.56 -7.19
C SER A 110 -10.69 -1.29 -8.07
N GLN A 111 -10.18 -2.04 -9.04
CA GLN A 111 -11.03 -2.79 -9.95
C GLN A 111 -11.80 -3.87 -9.20
N MET A 112 -11.19 -4.39 -8.13
CA MET A 112 -11.82 -5.43 -7.32
C MET A 112 -13.00 -4.87 -6.53
N GLY A 113 -13.02 -3.56 -6.34
CA GLY A 113 -14.09 -2.93 -5.60
C GLY A 113 -13.65 -2.44 -4.23
N LEU A 114 -12.36 -2.18 -4.09
CA LEU A 114 -11.81 -1.71 -2.82
C LEU A 114 -11.56 -0.21 -2.85
N ASP A 115 -11.43 0.33 -4.06
CA ASP A 115 -11.19 1.76 -4.23
C ASP A 115 -11.89 2.28 -5.49
N THR A 116 -12.35 3.52 -5.43
CA THR A 116 -13.03 4.14 -6.57
C THR A 116 -14.30 3.36 -6.92
N ARG A 117 -15.10 3.93 -7.82
CA ARG A 117 -16.35 3.30 -8.24
C ARG A 117 -16.07 2.12 -9.17
N PRO A 118 -17.05 1.23 -9.31
CA PRO A 118 -16.94 0.04 -10.17
C PRO A 118 -16.92 0.40 -11.65
N GLY A 1 11.21 -3.89 14.64
CA GLY A 1 12.27 -2.93 14.81
C GLY A 1 13.64 -3.53 14.57
N ASN A 2 13.89 -4.70 15.17
CA ASN A 2 15.17 -5.37 15.02
C ASN A 2 15.08 -6.50 14.00
N GLY A 3 13.90 -7.13 13.93
CA GLY A 3 13.71 -8.22 13.00
C GLY A 3 12.83 -9.32 13.56
N GLN A 4 11.53 -9.10 13.55
CA GLN A 4 10.58 -10.09 14.08
C GLN A 4 9.33 -10.17 13.21
N GLY A 5 8.73 -11.35 13.15
CA GLY A 5 7.53 -11.53 12.35
C GLY A 5 7.83 -12.24 11.04
N ARG A 6 7.31 -13.45 10.89
CA ARG A 6 7.52 -14.23 9.67
C ARG A 6 6.75 -13.62 8.50
N ASP A 7 5.43 -13.56 8.63
CA ASP A 7 4.58 -13.01 7.58
C ASP A 7 4.95 -11.56 7.30
N TRP A 8 5.60 -10.92 8.26
CA TRP A 8 6.01 -9.52 8.12
C TRP A 8 7.18 -9.40 7.14
N LYS A 9 8.31 -9.99 7.51
CA LYS A 9 9.50 -9.96 6.66
C LYS A 9 9.27 -10.72 5.36
N MET A 10 8.50 -11.80 5.45
CA MET A 10 8.20 -12.62 4.27
C MET A 10 7.38 -11.83 3.26
N ALA A 11 6.42 -11.04 3.76
CA ALA A 11 5.57 -10.25 2.90
C ALA A 11 6.36 -9.18 2.16
N ILE A 12 7.17 -8.42 2.91
CA ILE A 12 7.99 -7.37 2.32
C ILE A 12 9.07 -7.95 1.42
N LYS A 13 9.72 -9.02 1.90
CA LYS A 13 10.78 -9.67 1.14
C LYS A 13 10.27 -10.10 -0.24
N ARG A 14 9.10 -10.72 -0.27
CA ARG A 14 8.50 -11.18 -1.52
C ARG A 14 7.88 -10.01 -2.29
N CYS A 15 7.43 -8.99 -1.55
CA CYS A 15 6.81 -7.82 -2.15
C CYS A 15 7.83 -7.04 -2.98
N SER A 16 9.10 -7.17 -2.62
CA SER A 16 10.17 -6.47 -3.33
C SER A 16 10.20 -6.87 -4.80
N ASN A 17 9.59 -8.02 -5.11
CA ASN A 17 9.54 -8.51 -6.49
C ASN A 17 8.86 -7.50 -7.40
N VAL A 18 7.79 -6.88 -6.91
CA VAL A 18 7.05 -5.89 -7.68
C VAL A 18 7.85 -4.61 -7.85
N ALA A 19 7.56 -3.87 -8.92
CA ALA A 19 8.25 -2.62 -9.18
C ALA A 19 7.40 -1.42 -8.77
N VAL A 20 7.88 -0.66 -7.80
CA VAL A 20 7.16 0.52 -7.32
C VAL A 20 6.88 1.49 -8.46
N GLY A 21 7.71 1.44 -9.50
CA GLY A 21 7.53 2.32 -10.64
C GLY A 21 6.76 1.66 -11.76
N VAL A 22 7.41 1.49 -12.92
CA VAL A 22 6.79 0.87 -14.08
C VAL A 22 7.78 0.73 -15.22
N GLY A 23 8.64 1.73 -15.38
CA GLY A 23 9.63 1.70 -16.45
C GLY A 23 10.77 2.66 -16.21
N GLY A 24 11.77 2.62 -17.09
CA GLY A 24 12.92 3.50 -16.94
C GLY A 24 13.88 3.02 -15.88
N LYS A 25 13.99 3.78 -14.80
CA LYS A 25 14.89 3.43 -13.70
C LYS A 25 14.38 2.20 -12.94
N SER A 26 15.27 1.56 -12.19
CA SER A 26 14.90 0.38 -11.42
C SER A 26 14.32 0.77 -10.07
N LYS A 27 13.05 0.47 -9.86
CA LYS A 27 12.36 0.78 -8.62
C LYS A 27 11.57 -0.42 -8.11
N LYS A 28 12.10 -1.08 -7.08
CA LYS A 28 11.45 -2.24 -6.50
C LYS A 28 11.00 -1.96 -5.07
N PHE A 29 9.93 -2.63 -4.64
CA PHE A 29 9.41 -2.45 -3.28
C PHE A 29 10.52 -2.62 -2.24
N GLY A 30 10.22 -2.25 -1.00
CA GLY A 30 11.20 -2.37 0.06
C GLY A 30 10.57 -2.28 1.44
N GLU A 31 11.40 -2.16 2.46
CA GLU A 31 10.93 -2.06 3.83
C GLU A 31 10.71 -0.62 4.23
N GLY A 32 11.76 0.18 4.14
CA GLY A 32 11.67 1.59 4.50
C GLY A 32 10.58 2.32 3.72
N ASN A 33 10.48 2.02 2.43
CA ASN A 33 9.48 2.65 1.58
C ASN A 33 8.07 2.36 2.09
N PHE A 34 7.79 1.09 2.33
CA PHE A 34 6.48 0.69 2.82
C PHE A 34 6.11 1.44 4.09
N ARG A 35 7.07 1.57 5.00
CA ARG A 35 6.86 2.27 6.26
C ARG A 35 6.49 3.73 6.01
N TRP A 36 7.18 4.35 5.05
CA TRP A 36 6.92 5.75 4.72
C TRP A 36 5.49 5.94 4.24
N ALA A 37 4.98 4.96 3.50
CA ALA A 37 3.62 5.03 2.98
C ALA A 37 2.60 4.90 4.11
N ILE A 38 2.67 3.79 4.84
CA ILE A 38 1.75 3.54 5.95
C ILE A 38 1.84 4.65 6.99
N ARG A 39 3.06 5.12 7.24
CA ARG A 39 3.28 6.18 8.22
C ARG A 39 2.51 7.44 7.84
N MET A 40 2.67 7.88 6.60
CA MET A 40 2.00 9.07 6.11
C MET A 40 0.49 8.86 6.05
N ALA A 41 0.08 7.70 5.51
CA ALA A 41 -1.33 7.38 5.40
C ALA A 41 -1.99 7.32 6.77
N ASN A 42 -1.25 6.86 7.77
CA ASN A 42 -1.77 6.75 9.13
C ASN A 42 -2.03 8.14 9.71
N VAL A 43 -0.98 8.96 9.79
CA VAL A 43 -1.08 10.30 10.33
C VAL A 43 -2.06 11.15 9.50
N SER A 44 -2.08 10.90 8.19
CA SER A 44 -2.96 11.64 7.30
C SER A 44 -4.43 11.37 7.62
N THR A 45 -4.69 10.20 8.20
CA THR A 45 -6.05 9.82 8.57
C THR A 45 -6.33 10.12 10.04
N GLY A 46 -5.60 11.09 10.59
CA GLY A 46 -5.78 11.46 11.98
C GLY A 46 -5.68 10.27 12.92
N ARG A 47 -4.95 9.24 12.49
CA ARG A 47 -4.77 8.04 13.29
C ARG A 47 -3.44 8.07 14.05
N GLU A 48 -3.45 7.57 15.27
CA GLU A 48 -2.24 7.53 16.09
C GLU A 48 -1.07 6.91 15.33
N PRO A 49 0.15 7.18 15.80
CA PRO A 49 1.37 6.65 15.17
C PRO A 49 1.52 5.14 15.38
N GLY A 50 0.93 4.64 16.46
CA GLY A 50 1.02 3.22 16.75
C GLY A 50 -0.09 2.43 16.08
N ASP A 51 -0.28 2.65 14.79
CA ASP A 51 -1.31 1.95 14.04
C ASP A 51 -0.71 0.83 13.20
N ILE A 52 -0.89 -0.41 13.66
CA ILE A 52 -0.38 -1.57 12.96
C ILE A 52 -1.50 -2.44 12.41
N PRO A 53 -2.14 -1.96 11.34
CA PRO A 53 -3.25 -2.67 10.69
C PRO A 53 -2.79 -3.94 9.98
N GLU A 54 -3.08 -5.09 10.56
CA GLU A 54 -2.69 -6.37 9.97
C GLU A 54 -3.90 -7.10 9.41
N THR A 55 -4.70 -6.40 8.62
CA THR A 55 -5.89 -6.98 8.02
C THR A 55 -6.17 -6.38 6.65
N LEU A 56 -6.45 -7.23 5.67
CA LEU A 56 -6.74 -6.78 4.32
C LEU A 56 -7.83 -5.71 4.32
N ASP A 57 -8.74 -5.81 5.28
CA ASP A 57 -9.83 -4.85 5.39
C ASP A 57 -9.31 -3.48 5.81
N GLN A 58 -8.36 -3.47 6.75
CA GLN A 58 -7.78 -2.23 7.25
C GLN A 58 -7.05 -1.49 6.13
N LEU A 59 -6.31 -2.24 5.31
CA LEU A 59 -5.57 -1.65 4.20
C LEU A 59 -6.51 -0.99 3.21
N ARG A 60 -7.53 -1.73 2.77
CA ARG A 60 -8.50 -1.22 1.82
C ARG A 60 -9.16 0.04 2.34
N LEU A 61 -9.36 0.11 3.65
CA LEU A 61 -9.99 1.26 4.28
C LEU A 61 -9.03 2.45 4.31
N VAL A 62 -7.84 2.23 4.85
CA VAL A 62 -6.82 3.28 4.94
C VAL A 62 -6.61 3.94 3.59
N ILE A 63 -6.79 3.17 2.52
CA ILE A 63 -6.62 3.69 1.17
C ILE A 63 -7.77 4.60 0.78
N CYS A 64 -8.99 4.06 0.80
CA CYS A 64 -10.17 4.83 0.45
C CYS A 64 -10.30 6.08 1.31
N ASP A 65 -9.70 6.03 2.50
CA ASP A 65 -9.74 7.15 3.43
C ASP A 65 -8.79 8.26 2.98
N LEU A 66 -7.49 7.97 3.01
CA LEU A 66 -6.48 8.94 2.62
C LEU A 66 -6.71 9.40 1.18
N GLN A 67 -7.19 8.49 0.34
CA GLN A 67 -7.46 8.81 -1.06
C GLN A 67 -8.66 9.74 -1.19
N GLU A 68 -9.70 9.48 -0.40
CA GLU A 68 -10.90 10.30 -0.43
C GLU A 68 -10.58 11.75 -0.09
N ARG A 69 -9.73 11.95 0.91
CA ARG A 69 -9.33 13.29 1.33
C ARG A 69 -8.56 14.00 0.23
N ARG A 70 -7.43 13.41 -0.16
CA ARG A 70 -6.59 13.99 -1.20
C ARG A 70 -7.37 14.14 -2.51
N GLU A 71 -8.41 13.32 -2.68
CA GLU A 71 -9.23 13.38 -3.88
C GLU A 71 -10.01 14.69 -3.94
N LYS A 72 -10.80 14.97 -2.91
CA LYS A 72 -11.59 16.18 -2.85
C LYS A 72 -10.71 17.41 -2.97
N PHE A 73 -9.52 17.35 -2.38
CA PHE A 73 -8.59 18.47 -2.42
C PHE A 73 -7.86 18.51 -3.76
N GLY A 74 -7.80 17.37 -4.44
CA GLY A 74 -7.14 17.30 -5.74
C GLY A 74 -6.29 16.06 -5.88
N SER A 75 -4.98 16.26 -5.95
CA SER A 75 -4.05 15.14 -6.09
C SER A 75 -2.69 15.47 -5.48
N SER A 76 -1.88 14.44 -5.27
CA SER A 76 -0.56 14.63 -4.69
C SER A 76 0.34 13.43 -4.97
N LYS A 77 1.63 13.69 -5.20
CA LYS A 77 2.59 12.63 -5.49
C LYS A 77 2.75 11.70 -4.29
N GLU A 78 3.05 12.27 -3.13
CA GLU A 78 3.23 11.49 -1.91
C GLU A 78 1.99 10.64 -1.63
N ILE A 79 0.82 11.22 -1.87
CA ILE A 79 -0.43 10.51 -1.64
C ILE A 79 -0.59 9.34 -2.59
N ASP A 80 -0.55 9.62 -3.89
CA ASP A 80 -0.69 8.59 -4.91
C ASP A 80 0.30 7.45 -4.65
N MET A 81 1.47 7.79 -4.14
CA MET A 81 2.50 6.79 -3.84
C MET A 81 2.11 5.95 -2.63
N ALA A 82 1.85 6.61 -1.51
CA ALA A 82 1.46 5.92 -0.29
C ALA A 82 0.30 4.97 -0.54
N ILE A 83 -0.59 5.36 -1.45
CA ILE A 83 -1.75 4.54 -1.78
C ILE A 83 -1.33 3.27 -2.51
N VAL A 84 -0.71 3.44 -3.67
CA VAL A 84 -0.25 2.30 -4.47
C VAL A 84 0.67 1.39 -3.66
N THR A 85 1.30 1.96 -2.64
CA THR A 85 2.21 1.20 -1.79
C THR A 85 1.44 0.23 -0.90
N LEU A 86 0.51 0.76 -0.12
CA LEU A 86 -0.29 -0.06 0.78
C LEU A 86 -1.15 -1.06 -0.01
N LYS A 87 -1.38 -0.75 -1.27
CA LYS A 87 -2.18 -1.62 -2.14
C LYS A 87 -1.40 -2.87 -2.51
N VAL A 88 -0.30 -2.69 -3.24
CA VAL A 88 0.53 -3.81 -3.65
C VAL A 88 0.92 -4.68 -2.47
N PHE A 89 1.16 -4.04 -1.32
CA PHE A 89 1.54 -4.76 -0.11
C PHE A 89 0.38 -5.61 0.41
N ALA A 90 -0.82 -5.04 0.37
CA ALA A 90 -2.01 -5.74 0.83
C ALA A 90 -2.32 -6.94 -0.07
N VAL A 91 -2.31 -6.70 -1.38
CA VAL A 91 -2.60 -7.75 -2.36
C VAL A 91 -1.48 -8.80 -2.37
N ALA A 92 -0.27 -8.34 -2.68
CA ALA A 92 0.88 -9.24 -2.73
C ALA A 92 1.19 -9.82 -1.37
N GLY A 93 0.61 -9.23 -0.33
CA GLY A 93 0.84 -9.70 1.02
C GLY A 93 -0.25 -10.65 1.49
N LEU A 94 -1.42 -10.10 1.78
CA LEU A 94 -2.55 -10.91 2.25
C LEU A 94 -2.94 -11.95 1.20
N LEU A 95 -3.02 -11.52 -0.06
CA LEU A 95 -3.38 -12.40 -1.15
C LEU A 95 -2.16 -13.14 -1.69
N ASN A 96 -1.00 -12.84 -1.12
CA ASN A 96 0.24 -13.46 -1.55
C ASN A 96 0.41 -13.37 -3.06
N MET A 97 -0.16 -12.32 -3.65
CA MET A 97 -0.06 -12.12 -5.09
C MET A 97 1.33 -11.63 -5.50
N THR A 98 1.59 -11.61 -6.80
CA THR A 98 2.88 -11.17 -7.30
C THR A 98 2.71 -10.28 -8.53
N VAL A 99 2.10 -9.13 -8.34
CA VAL A 99 1.88 -8.19 -9.44
C VAL A 99 3.19 -7.81 -10.11
N SER A 100 3.11 -6.98 -11.14
CA SER A 100 4.29 -6.53 -11.87
C SER A 100 4.82 -5.23 -11.31
N THR A 101 3.91 -4.33 -10.94
CA THR A 101 4.27 -3.03 -10.39
C THR A 101 3.28 -2.56 -9.34
N ALA A 102 3.73 -1.70 -8.44
CA ALA A 102 2.87 -1.18 -7.39
C ALA A 102 1.58 -0.59 -7.97
N ALA A 103 1.70 0.07 -9.11
CA ALA A 103 0.55 0.68 -9.77
C ALA A 103 -0.45 -0.38 -10.23
N ALA A 104 0.06 -1.40 -10.92
CA ALA A 104 -0.79 -2.48 -11.42
C ALA A 104 -1.63 -3.08 -10.29
N ALA A 105 -1.00 -3.23 -9.12
CA ALA A 105 -1.69 -3.80 -7.96
C ALA A 105 -2.85 -2.90 -7.52
N GLU A 106 -2.55 -1.63 -7.28
CA GLU A 106 -3.57 -0.67 -6.86
C GLU A 106 -4.78 -0.72 -7.79
N ASN A 107 -4.51 -0.87 -9.09
CA ASN A 107 -5.59 -0.92 -10.08
C ASN A 107 -6.44 -2.16 -9.89
N MET A 108 -5.79 -3.30 -9.64
CA MET A 108 -6.50 -4.56 -9.44
C MET A 108 -7.36 -4.50 -8.19
N TYR A 109 -6.86 -3.82 -7.16
CA TYR A 109 -7.59 -3.69 -5.90
C TYR A 109 -8.90 -2.94 -6.10
N SER A 110 -8.82 -1.76 -6.69
CA SER A 110 -10.00 -0.93 -6.94
C SER A 110 -10.88 -1.57 -8.01
N GLN A 111 -10.27 -2.10 -9.06
CA GLN A 111 -11.00 -2.74 -10.14
C GLN A 111 -11.73 -3.99 -9.64
N MET A 112 -11.14 -4.65 -8.65
CA MET A 112 -11.74 -5.85 -8.08
C MET A 112 -13.02 -5.53 -7.32
N GLY A 113 -13.13 -4.27 -6.89
CA GLY A 113 -14.32 -3.85 -6.16
C GLY A 113 -14.02 -3.55 -4.71
N LEU A 114 -12.75 -3.26 -4.41
CA LEU A 114 -12.34 -2.96 -3.04
C LEU A 114 -12.19 -1.44 -2.85
N ASP A 115 -12.05 -0.73 -3.95
CA ASP A 115 -11.91 0.72 -3.90
C ASP A 115 -12.62 1.39 -5.08
N THR A 116 -12.52 2.71 -5.15
CA THR A 116 -13.15 3.46 -6.22
C THR A 116 -12.12 4.27 -7.01
N ARG A 117 -12.38 4.46 -8.30
CA ARG A 117 -11.47 5.22 -9.16
C ARG A 117 -11.93 6.67 -9.29
N PRO A 118 -11.01 7.55 -9.70
CA PRO A 118 -11.30 8.98 -9.87
C PRO A 118 -12.21 9.24 -11.05
N GLY A 1 1.59 -9.32 16.84
CA GLY A 1 0.37 -9.66 17.54
C GLY A 1 -0.25 -10.95 17.03
N ASN A 2 -1.59 -10.97 16.97
CA ASN A 2 -2.30 -12.15 16.50
C ASN A 2 -1.88 -12.52 15.08
N GLY A 3 -1.19 -13.66 14.95
CA GLY A 3 -0.73 -14.10 13.65
C GLY A 3 0.58 -13.45 13.24
N GLN A 4 0.62 -12.95 12.00
CA GLN A 4 1.82 -12.30 11.49
C GLN A 4 3.02 -13.25 11.54
N GLY A 5 4.20 -12.70 11.29
CA GLY A 5 5.41 -13.51 11.31
C GLY A 5 5.91 -13.83 9.91
N ARG A 6 5.70 -15.08 9.49
CA ARG A 6 6.14 -15.50 8.17
C ARG A 6 5.55 -14.62 7.08
N ASP A 7 4.26 -14.32 7.20
CA ASP A 7 3.56 -13.48 6.23
C ASP A 7 4.18 -12.09 6.18
N TRP A 8 4.66 -11.62 7.33
CA TRP A 8 5.28 -10.30 7.42
C TRP A 8 6.60 -10.26 6.66
N LYS A 9 7.51 -11.16 7.02
CA LYS A 9 8.81 -11.23 6.36
C LYS A 9 8.67 -11.63 4.90
N MET A 10 7.65 -12.43 4.61
CA MET A 10 7.39 -12.88 3.24
C MET A 10 6.82 -11.76 2.39
N ALA A 11 5.84 -11.04 2.95
CA ALA A 11 5.21 -9.94 2.25
C ALA A 11 6.22 -8.89 1.82
N ILE A 12 7.10 -8.52 2.76
CA ILE A 12 8.13 -7.52 2.48
C ILE A 12 9.11 -8.03 1.42
N LYS A 13 9.70 -9.19 1.68
CA LYS A 13 10.67 -9.78 0.76
C LYS A 13 10.02 -10.03 -0.60
N ARG A 14 8.69 -10.15 -0.61
CA ARG A 14 7.96 -10.39 -1.85
C ARG A 14 7.71 -9.10 -2.60
N CYS A 15 6.95 -8.19 -1.97
CA CYS A 15 6.64 -6.90 -2.57
C CYS A 15 7.91 -6.10 -2.85
N SER A 16 8.99 -6.47 -2.18
CA SER A 16 10.26 -5.79 -2.34
C SER A 16 10.71 -5.82 -3.81
N ASN A 17 10.21 -6.80 -4.55
CA ASN A 17 10.55 -6.94 -5.96
C ASN A 17 9.46 -6.36 -6.84
N VAL A 18 8.77 -5.34 -6.33
CA VAL A 18 7.69 -4.69 -7.07
C VAL A 18 8.10 -3.29 -7.51
N ALA A 19 7.96 -3.00 -8.80
CA ALA A 19 8.31 -1.71 -9.34
C ALA A 19 7.18 -0.69 -9.11
N VAL A 20 7.50 0.38 -8.39
CA VAL A 20 6.52 1.42 -8.10
C VAL A 20 5.92 1.99 -9.38
N GLY A 21 6.67 1.89 -10.47
CA GLY A 21 6.20 2.40 -11.75
C GLY A 21 5.93 1.29 -12.75
N VAL A 22 4.81 1.39 -13.45
CA VAL A 22 4.45 0.38 -14.45
C VAL A 22 5.21 0.60 -15.74
N GLY A 23 5.71 -0.50 -16.31
CA GLY A 23 6.46 -0.41 -17.55
C GLY A 23 7.77 0.34 -17.39
N GLY A 24 8.89 -0.38 -17.53
CA GLY A 24 10.19 0.24 -17.40
C GLY A 24 10.39 0.88 -16.03
N LYS A 25 11.22 1.91 -15.98
CA LYS A 25 11.49 2.62 -14.74
C LYS A 25 11.98 1.65 -13.66
N SER A 26 13.26 1.27 -13.75
CA SER A 26 13.85 0.36 -12.79
C SER A 26 13.90 0.98 -11.40
N LYS A 27 12.86 0.73 -10.60
CA LYS A 27 12.79 1.26 -9.25
C LYS A 27 11.68 0.58 -8.45
N LYS A 28 12.07 -0.32 -7.55
CA LYS A 28 11.12 -1.04 -6.72
C LYS A 28 11.12 -0.51 -5.29
N PHE A 29 10.03 -0.74 -4.58
CA PHE A 29 9.91 -0.28 -3.20
C PHE A 29 10.17 -1.42 -2.22
N GLY A 30 10.97 -1.15 -1.19
CA GLY A 30 11.30 -2.17 -0.21
C GLY A 30 10.69 -1.86 1.14
N GLU A 31 11.15 -2.57 2.17
CA GLU A 31 10.64 -2.38 3.53
C GLU A 31 10.69 -0.92 3.92
N GLY A 32 11.70 -0.20 3.40
CA GLY A 32 11.84 1.21 3.71
C GLY A 32 10.71 2.04 3.17
N ASN A 33 10.52 1.98 1.85
CA ASN A 33 9.47 2.75 1.19
C ASN A 33 8.10 2.36 1.72
N PHE A 34 7.97 1.09 2.11
CA PHE A 34 6.71 0.59 2.65
C PHE A 34 6.32 1.32 3.92
N ARG A 35 7.23 1.35 4.89
CA ARG A 35 6.98 2.01 6.17
C ARG A 35 6.65 3.48 5.95
N TRP A 36 7.39 4.13 5.06
CA TRP A 36 7.18 5.54 4.76
C TRP A 36 5.76 5.77 4.23
N ALA A 37 5.25 4.82 3.46
CA ALA A 37 3.91 4.92 2.90
C ALA A 37 2.85 4.77 3.98
N ILE A 38 2.87 3.62 4.66
CA ILE A 38 1.90 3.35 5.72
C ILE A 38 1.96 4.42 6.80
N ARG A 39 3.18 4.86 7.12
CA ARG A 39 3.38 5.88 8.14
C ARG A 39 2.66 7.17 7.77
N MET A 40 2.90 7.66 6.55
CA MET A 40 2.27 8.87 6.08
C MET A 40 0.76 8.69 5.93
N ALA A 41 0.36 7.53 5.42
CA ALA A 41 -1.05 7.23 5.23
C ALA A 41 -1.81 7.25 6.56
N ASN A 42 -1.15 6.73 7.60
CA ASN A 42 -1.76 6.68 8.93
C ASN A 42 -1.98 8.10 9.47
N VAL A 43 -0.91 8.89 9.51
CA VAL A 43 -0.99 10.25 10.01
C VAL A 43 -1.94 11.09 9.16
N SER A 44 -1.92 10.86 7.85
CA SER A 44 -2.76 11.61 6.93
C SER A 44 -4.23 11.46 7.32
N THR A 45 -4.56 10.37 8.00
CA THR A 45 -5.93 10.12 8.43
C THR A 45 -6.10 10.41 9.92
N GLY A 46 -4.99 10.48 10.64
CA GLY A 46 -5.04 10.75 12.05
C GLY A 46 -5.41 9.53 12.87
N ARG A 47 -4.98 8.36 12.42
CA ARG A 47 -5.28 7.11 13.11
C ARG A 47 -4.15 6.75 14.07
N GLU A 48 -3.71 7.72 14.85
CA GLU A 48 -2.63 7.49 15.81
C GLU A 48 -1.34 7.11 15.10
N PRO A 49 -0.20 7.27 15.81
CA PRO A 49 1.12 6.95 15.26
C PRO A 49 1.32 5.45 15.09
N GLY A 50 1.00 4.69 16.13
CA GLY A 50 1.16 3.25 16.08
C GLY A 50 -0.03 2.56 15.44
N ASP A 51 -0.14 2.69 14.12
CA ASP A 51 -1.25 2.08 13.39
C ASP A 51 -0.74 1.00 12.44
N ILE A 52 -0.67 -0.23 12.93
CA ILE A 52 -0.20 -1.35 12.12
C ILE A 52 -1.31 -2.35 11.85
N PRO A 53 -2.25 -1.98 10.97
CA PRO A 53 -3.39 -2.83 10.61
C PRO A 53 -2.96 -4.05 9.79
N GLU A 54 -3.25 -5.23 10.32
CA GLU A 54 -2.89 -6.47 9.64
C GLU A 54 -4.13 -7.16 9.09
N THR A 55 -4.94 -6.41 8.33
CA THR A 55 -6.15 -6.95 7.75
C THR A 55 -6.45 -6.31 6.40
N LEU A 56 -6.70 -7.13 5.39
CA LEU A 56 -7.00 -6.63 4.05
C LEU A 56 -8.12 -5.60 4.09
N ASP A 57 -9.02 -5.75 5.06
CA ASP A 57 -10.14 -4.82 5.21
C ASP A 57 -9.65 -3.44 5.65
N GLN A 58 -8.72 -3.43 6.60
CA GLN A 58 -8.18 -2.18 7.12
C GLN A 58 -7.42 -1.43 6.03
N LEU A 59 -6.63 -2.16 5.25
CA LEU A 59 -5.84 -1.57 4.18
C LEU A 59 -6.75 -0.89 3.16
N ARG A 60 -7.79 -1.60 2.72
CA ARG A 60 -8.73 -1.07 1.75
C ARG A 60 -9.38 0.20 2.26
N LEU A 61 -9.70 0.22 3.56
CA LEU A 61 -10.34 1.36 4.19
C LEU A 61 -9.39 2.55 4.23
N VAL A 62 -8.17 2.31 4.68
CA VAL A 62 -7.16 3.37 4.77
C VAL A 62 -7.00 4.08 3.44
N ILE A 63 -7.02 3.32 2.35
CA ILE A 63 -6.89 3.89 1.02
C ILE A 63 -8.04 4.82 0.69
N CYS A 64 -9.26 4.29 0.78
CA CYS A 64 -10.45 5.08 0.50
C CYS A 64 -10.44 6.39 1.28
N ASP A 65 -9.96 6.33 2.52
CA ASP A 65 -9.89 7.50 3.38
C ASP A 65 -8.91 8.53 2.82
N LEU A 66 -7.68 8.09 2.59
CA LEU A 66 -6.64 8.97 2.06
C LEU A 66 -7.08 9.59 0.74
N GLN A 67 -7.61 8.76 -0.15
CA GLN A 67 -8.07 9.23 -1.46
C GLN A 67 -9.15 10.29 -1.30
N GLU A 68 -10.06 10.07 -0.37
CA GLU A 68 -11.15 11.01 -0.11
C GLU A 68 -10.60 12.40 0.23
N ARG A 69 -9.62 12.44 1.12
CA ARG A 69 -9.02 13.69 1.53
C ARG A 69 -8.19 14.30 0.40
N ARG A 70 -7.25 13.53 -0.11
CA ARG A 70 -6.39 13.98 -1.20
C ARG A 70 -7.22 14.46 -2.39
N GLU A 71 -8.42 13.90 -2.51
CA GLU A 71 -9.32 14.26 -3.61
C GLU A 71 -9.90 15.66 -3.39
N LYS A 72 -10.53 15.86 -2.25
CA LYS A 72 -11.13 17.16 -1.93
C LYS A 72 -10.11 18.28 -2.08
N PHE A 73 -8.85 17.98 -1.76
CA PHE A 73 -7.78 18.97 -1.87
C PHE A 73 -7.21 18.99 -3.28
N GLY A 74 -7.31 17.88 -3.98
CA GLY A 74 -6.79 17.79 -5.33
C GLY A 74 -6.08 16.48 -5.60
N SER A 75 -4.74 16.53 -5.61
CA SER A 75 -3.94 15.34 -5.86
C SER A 75 -2.46 15.62 -5.59
N SER A 76 -1.76 14.60 -5.11
CA SER A 76 -0.33 14.73 -4.81
C SER A 76 0.39 13.41 -5.02
N LYS A 77 1.49 13.45 -5.77
CA LYS A 77 2.28 12.26 -6.04
C LYS A 77 2.75 11.60 -4.75
N GLU A 78 3.14 12.43 -3.78
CA GLU A 78 3.61 11.92 -2.49
C GLU A 78 2.55 11.04 -1.84
N ILE A 79 1.39 11.63 -1.56
CA ILE A 79 0.29 10.89 -0.94
C ILE A 79 -0.16 9.73 -1.81
N ASP A 80 -0.46 10.03 -3.07
CA ASP A 80 -0.90 9.01 -4.01
C ASP A 80 0.06 7.83 -4.03
N MET A 81 1.35 8.12 -3.92
CA MET A 81 2.38 7.08 -3.92
C MET A 81 2.21 6.15 -2.72
N ALA A 82 2.20 6.73 -1.52
CA ALA A 82 2.05 5.96 -0.30
C ALA A 82 0.83 5.05 -0.38
N ILE A 83 -0.24 5.53 -1.00
CA ILE A 83 -1.46 4.76 -1.14
C ILE A 83 -1.22 3.50 -1.97
N VAL A 84 -0.67 3.68 -3.17
CA VAL A 84 -0.38 2.55 -4.04
C VAL A 84 0.51 1.53 -3.37
N THR A 85 1.36 2.00 -2.46
CA THR A 85 2.26 1.12 -1.72
C THR A 85 1.50 0.24 -0.74
N LEU A 86 0.54 0.83 -0.04
CA LEU A 86 -0.26 0.10 0.94
C LEU A 86 -1.16 -0.93 0.25
N LYS A 87 -1.54 -0.64 -0.99
CA LYS A 87 -2.38 -1.54 -1.76
C LYS A 87 -1.61 -2.79 -2.18
N VAL A 88 -0.53 -2.59 -2.92
CA VAL A 88 0.30 -3.69 -3.38
C VAL A 88 0.72 -4.59 -2.22
N PHE A 89 1.10 -3.97 -1.11
CA PHE A 89 1.53 -4.71 0.07
C PHE A 89 0.36 -5.50 0.66
N ALA A 90 -0.82 -4.90 0.62
CA ALA A 90 -2.03 -5.54 1.17
C ALA A 90 -2.31 -6.86 0.45
N VAL A 91 -2.33 -6.82 -0.88
CA VAL A 91 -2.59 -8.01 -1.67
C VAL A 91 -1.38 -8.94 -1.68
N ALA A 92 -0.19 -8.36 -1.81
CA ALA A 92 1.04 -9.13 -1.82
C ALA A 92 1.32 -9.74 -0.45
N GLY A 93 0.58 -9.30 0.56
CA GLY A 93 0.77 -9.81 1.90
C GLY A 93 -0.41 -10.66 2.37
N LEU A 94 -1.55 -10.01 2.55
CA LEU A 94 -2.75 -10.72 3.00
C LEU A 94 -3.18 -11.77 1.98
N LEU A 95 -2.84 -11.54 0.72
CA LEU A 95 -3.18 -12.47 -0.35
C LEU A 95 -1.93 -13.14 -0.91
N ASN A 96 -0.78 -12.82 -0.33
CA ASN A 96 0.48 -13.39 -0.77
C ASN A 96 0.64 -13.25 -2.29
N MET A 97 0.07 -12.19 -2.85
CA MET A 97 0.15 -11.95 -4.28
C MET A 97 1.57 -11.63 -4.70
N THR A 98 1.91 -11.96 -5.94
CA THR A 98 3.25 -11.70 -6.47
C THR A 98 3.21 -10.71 -7.62
N VAL A 99 2.61 -9.55 -7.38
CA VAL A 99 2.50 -8.51 -8.39
C VAL A 99 3.87 -8.18 -8.99
N SER A 100 3.87 -7.37 -10.04
CA SER A 100 5.11 -6.98 -10.70
C SER A 100 5.40 -5.49 -10.49
N THR A 101 4.33 -4.71 -10.39
CA THR A 101 4.45 -3.27 -10.20
C THR A 101 3.34 -2.73 -9.30
N ALA A 102 3.66 -1.72 -8.51
CA ALA A 102 2.70 -1.11 -7.61
C ALA A 102 1.43 -0.73 -8.35
N ALA A 103 1.58 -0.28 -9.59
CA ALA A 103 0.44 0.12 -10.41
C ALA A 103 -0.50 -1.06 -10.65
N ALA A 104 0.05 -2.15 -11.16
CA ALA A 104 -0.73 -3.35 -11.44
C ALA A 104 -1.45 -3.84 -10.18
N ALA A 105 -0.84 -3.61 -9.03
CA ALA A 105 -1.41 -4.02 -7.76
C ALA A 105 -2.71 -3.27 -7.48
N GLU A 106 -2.63 -1.94 -7.49
CA GLU A 106 -3.81 -1.11 -7.23
C GLU A 106 -4.95 -1.47 -8.19
N ASN A 107 -4.61 -1.70 -9.45
CA ASN A 107 -5.60 -2.05 -10.46
C ASN A 107 -6.34 -3.33 -10.07
N MET A 108 -5.59 -4.35 -9.69
CA MET A 108 -6.17 -5.62 -9.30
C MET A 108 -7.08 -5.45 -8.08
N TYR A 109 -6.72 -4.53 -7.20
CA TYR A 109 -7.49 -4.27 -5.99
C TYR A 109 -8.87 -3.71 -6.35
N SER A 110 -8.88 -2.61 -7.08
CA SER A 110 -10.13 -1.96 -7.47
C SER A 110 -10.92 -2.87 -8.42
N GLN A 111 -10.21 -3.48 -9.36
CA GLN A 111 -10.85 -4.37 -10.34
C GLN A 111 -11.46 -5.58 -9.64
N MET A 112 -10.91 -5.94 -8.48
CA MET A 112 -11.40 -7.08 -7.72
C MET A 112 -12.70 -6.74 -7.00
N GLY A 113 -12.91 -5.45 -6.75
CA GLY A 113 -14.12 -5.02 -6.07
C GLY A 113 -13.84 -4.39 -4.72
N LEU A 114 -12.62 -3.92 -4.53
CA LEU A 114 -12.22 -3.31 -3.27
C LEU A 114 -12.39 -1.80 -3.33
N ASP A 115 -12.34 -1.24 -4.53
CA ASP A 115 -12.50 0.20 -4.72
C ASP A 115 -12.92 0.52 -6.16
N THR A 116 -14.09 0.01 -6.55
CA THR A 116 -14.61 0.24 -7.89
C THR A 116 -14.80 1.71 -8.16
N ARG A 117 -14.45 2.14 -9.38
CA ARG A 117 -14.58 3.55 -9.77
C ARG A 117 -13.75 4.44 -8.84
N PRO A 118 -12.42 4.36 -8.97
CA PRO A 118 -11.49 5.15 -8.16
C PRO A 118 -11.53 6.64 -8.53
N GLY A 1 7.78 -7.67 19.37
CA GLY A 1 7.53 -7.64 20.80
C GLY A 1 7.16 -9.01 21.35
N ASN A 2 6.06 -9.56 20.85
CA ASN A 2 5.59 -10.87 21.30
C ASN A 2 6.24 -11.98 20.50
N GLY A 3 6.18 -11.87 19.17
CA GLY A 3 6.78 -12.87 18.32
C GLY A 3 6.96 -12.40 16.89
N GLN A 4 7.43 -13.27 16.02
CA GLN A 4 7.65 -12.93 14.62
C GLN A 4 6.38 -13.13 13.80
N GLY A 5 6.48 -12.90 12.49
CA GLY A 5 5.32 -13.07 11.63
C GLY A 5 5.72 -13.49 10.22
N ARG A 6 5.05 -14.52 9.72
CA ARG A 6 5.33 -15.03 8.38
C ARG A 6 4.87 -14.05 7.31
N ASP A 7 3.58 -13.74 7.31
CA ASP A 7 3.01 -12.81 6.34
C ASP A 7 3.71 -11.45 6.43
N TRP A 8 4.30 -11.16 7.58
CA TRP A 8 4.99 -9.90 7.79
C TRP A 8 6.32 -9.89 7.04
N LYS A 9 7.24 -10.76 7.47
CA LYS A 9 8.55 -10.85 6.85
C LYS A 9 8.43 -11.24 5.38
N MET A 10 7.40 -12.00 5.05
CA MET A 10 7.17 -12.43 3.68
C MET A 10 6.71 -11.27 2.81
N ALA A 11 5.73 -10.53 3.31
CA ALA A 11 5.20 -9.38 2.58
C ALA A 11 6.30 -8.39 2.22
N ILE A 12 7.18 -8.14 3.18
CA ILE A 12 8.28 -7.21 2.97
C ILE A 12 9.24 -7.72 1.89
N LYS A 13 9.69 -8.96 2.07
CA LYS A 13 10.61 -9.57 1.11
C LYS A 13 9.99 -9.62 -0.29
N ARG A 14 8.76 -10.10 -0.37
CA ARG A 14 8.06 -10.18 -1.65
C ARG A 14 7.86 -8.80 -2.26
N CYS A 15 7.34 -7.88 -1.45
CA CYS A 15 7.10 -6.52 -1.91
C CYS A 15 8.36 -5.91 -2.52
N SER A 16 9.51 -6.30 -2.00
CA SER A 16 10.78 -5.79 -2.50
C SER A 16 10.92 -6.07 -4.00
N ASN A 17 10.23 -7.10 -4.47
CA ASN A 17 10.28 -7.47 -5.88
C ASN A 17 9.36 -6.58 -6.71
N VAL A 18 8.35 -6.01 -6.06
CA VAL A 18 7.40 -5.13 -6.73
C VAL A 18 8.11 -4.04 -7.52
N ALA A 19 7.65 -3.79 -8.74
CA ALA A 19 8.25 -2.77 -9.59
C ALA A 19 7.45 -1.47 -9.53
N VAL A 20 7.91 -0.53 -8.72
CA VAL A 20 7.24 0.75 -8.58
C VAL A 20 7.15 1.48 -9.91
N GLY A 21 8.07 1.18 -10.81
CA GLY A 21 8.07 1.80 -12.12
C GLY A 21 7.69 0.85 -13.23
N VAL A 22 6.49 1.04 -13.78
CA VAL A 22 6.00 0.18 -14.86
C VAL A 22 6.94 0.21 -16.05
N GLY A 23 7.68 1.31 -16.19
CA GLY A 23 8.62 1.44 -17.30
C GLY A 23 9.51 2.66 -17.16
N GLY A 24 10.76 2.50 -17.57
CA GLY A 24 11.72 3.60 -17.48
C GLY A 24 12.77 3.37 -16.42
N LYS A 25 12.85 4.29 -15.45
CA LYS A 25 13.82 4.17 -14.38
C LYS A 25 13.46 3.04 -13.42
N SER A 26 14.40 2.11 -13.23
CA SER A 26 14.17 0.98 -12.35
C SER A 26 14.00 1.43 -10.90
N LYS A 27 13.10 0.78 -10.19
CA LYS A 27 12.83 1.12 -8.79
C LYS A 27 11.91 0.09 -8.15
N LYS A 28 12.45 -0.70 -7.25
CA LYS A 28 11.67 -1.73 -6.55
C LYS A 28 11.30 -1.28 -5.15
N PHE A 29 10.22 -1.83 -4.61
CA PHE A 29 9.76 -1.47 -3.28
C PHE A 29 10.76 -1.91 -2.23
N GLY A 30 10.41 -1.71 -0.95
CA GLY A 30 11.29 -2.09 0.13
C GLY A 30 10.69 -1.81 1.49
N GLU A 31 11.32 -2.35 2.54
CA GLU A 31 10.84 -2.16 3.90
C GLU A 31 10.76 -0.67 4.25
N GLY A 32 11.75 0.09 3.82
CA GLY A 32 11.78 1.51 4.10
C GLY A 32 10.63 2.25 3.44
N ASN A 33 10.50 2.07 2.12
CA ASN A 33 9.43 2.71 1.37
C ASN A 33 8.06 2.36 1.94
N PHE A 34 7.83 1.07 2.15
CA PHE A 34 6.56 0.59 2.69
C PHE A 34 6.22 1.31 3.97
N ARG A 35 7.21 1.49 4.83
CA ARG A 35 7.01 2.16 6.12
C ARG A 35 6.65 3.63 5.90
N TRP A 36 7.33 4.28 4.96
CA TRP A 36 7.08 5.68 4.66
C TRP A 36 5.64 5.89 4.23
N ALA A 37 5.07 4.89 3.57
CA ALA A 37 3.69 4.97 3.10
C ALA A 37 2.71 4.83 4.26
N ILE A 38 2.81 3.72 4.98
CA ILE A 38 1.92 3.47 6.12
C ILE A 38 2.06 4.56 7.18
N ARG A 39 3.30 5.02 7.39
CA ARG A 39 3.57 6.05 8.37
C ARG A 39 2.86 7.35 8.01
N MET A 40 3.11 7.82 6.79
CA MET A 40 2.49 9.05 6.31
C MET A 40 0.97 8.91 6.21
N ALA A 41 0.54 7.90 5.46
CA ALA A 41 -0.89 7.65 5.28
C ALA A 41 -1.60 7.58 6.64
N ASN A 42 -0.89 7.09 7.65
CA ASN A 42 -1.46 6.96 8.99
C ASN A 42 -1.73 8.34 9.59
N VAL A 43 -0.67 9.13 9.73
CA VAL A 43 -0.79 10.47 10.30
C VAL A 43 -1.73 11.34 9.45
N SER A 44 -1.67 11.16 8.14
CA SER A 44 -2.51 11.92 7.22
C SER A 44 -3.98 11.60 7.43
N THR A 45 -4.26 10.40 7.94
CA THR A 45 -5.62 9.96 8.18
C THR A 45 -6.02 10.19 9.64
N GLY A 46 -5.31 11.11 10.31
CA GLY A 46 -5.62 11.41 11.69
C GLY A 46 -5.64 10.16 12.56
N ARG A 47 -4.88 9.14 12.15
CA ARG A 47 -4.81 7.89 12.90
C ARG A 47 -3.55 7.83 13.74
N GLU A 48 -3.60 7.03 14.81
CA GLU A 48 -2.45 6.88 15.70
C GLU A 48 -1.19 6.53 14.91
N PRO A 49 -0.03 6.83 15.50
CA PRO A 49 1.27 6.55 14.88
C PRO A 49 1.57 5.06 14.80
N GLY A 50 1.13 4.32 15.82
CA GLY A 50 1.38 2.90 15.86
C GLY A 50 0.30 2.11 15.15
N ASP A 51 -0.03 2.53 13.93
CA ASP A 51 -1.05 1.85 13.14
C ASP A 51 -0.45 0.73 12.30
N ILE A 52 -0.44 -0.47 12.85
CA ILE A 52 0.11 -1.63 12.16
C ILE A 52 -0.89 -2.78 12.13
N PRO A 53 -1.94 -2.64 11.30
CA PRO A 53 -2.97 -3.67 11.16
C PRO A 53 -2.46 -4.93 10.47
N GLU A 54 -3.36 -5.89 10.25
CA GLU A 54 -2.99 -7.13 9.60
C GLU A 54 -4.21 -7.80 8.98
N THR A 55 -5.01 -7.02 8.26
CA THR A 55 -6.22 -7.53 7.62
C THR A 55 -6.48 -6.84 6.29
N LEU A 56 -6.84 -7.62 5.29
CA LEU A 56 -7.11 -7.08 3.96
C LEU A 56 -8.11 -5.93 4.03
N ASP A 57 -9.03 -6.00 5.00
CA ASP A 57 -10.04 -4.97 5.18
C ASP A 57 -9.40 -3.66 5.63
N GLN A 58 -8.51 -3.75 6.61
CA GLN A 58 -7.83 -2.57 7.14
C GLN A 58 -7.05 -1.85 6.03
N LEU A 59 -6.42 -2.63 5.15
CA LEU A 59 -5.65 -2.07 4.05
C LEU A 59 -6.55 -1.31 3.09
N ARG A 60 -7.56 -2.00 2.56
CA ARG A 60 -8.49 -1.38 1.62
C ARG A 60 -9.16 -0.16 2.25
N LEU A 61 -9.20 -0.12 3.57
CA LEU A 61 -9.81 0.99 4.29
C LEU A 61 -8.90 2.22 4.27
N VAL A 62 -7.71 2.08 4.84
CA VAL A 62 -6.76 3.18 4.88
C VAL A 62 -6.54 3.77 3.50
N ILE A 63 -6.68 2.93 2.47
CA ILE A 63 -6.49 3.37 1.10
C ILE A 63 -7.64 4.28 0.66
N CYS A 64 -8.86 3.76 0.71
CA CYS A 64 -10.03 4.52 0.31
C CYS A 64 -10.08 5.86 1.03
N ASP A 65 -9.54 5.90 2.24
CA ASP A 65 -9.52 7.12 3.04
C ASP A 65 -8.55 8.14 2.44
N LEU A 66 -7.32 7.70 2.22
CA LEU A 66 -6.29 8.57 1.65
C LEU A 66 -6.77 9.21 0.35
N GLN A 67 -7.46 8.42 -0.47
CA GLN A 67 -7.98 8.90 -1.75
C GLN A 67 -9.07 9.94 -1.52
N GLU A 68 -9.94 9.68 -0.56
CA GLU A 68 -11.04 10.60 -0.25
C GLU A 68 -10.50 11.99 0.07
N ARG A 69 -9.43 12.04 0.85
CA ARG A 69 -8.83 13.30 1.24
C ARG A 69 -8.10 13.94 0.07
N ARG A 70 -7.24 13.17 -0.59
CA ARG A 70 -6.49 13.66 -1.74
C ARG A 70 -7.42 14.16 -2.84
N GLU A 71 -8.62 13.59 -2.89
CA GLU A 71 -9.61 13.98 -3.89
C GLU A 71 -10.20 15.35 -3.56
N LYS A 72 -10.77 15.46 -2.35
CA LYS A 72 -11.37 16.71 -1.91
C LYS A 72 -10.41 17.88 -2.07
N PHE A 73 -9.12 17.60 -1.90
CA PHE A 73 -8.10 18.63 -2.03
C PHE A 73 -7.63 18.75 -3.48
N GLY A 74 -7.75 17.66 -4.22
CA GLY A 74 -7.32 17.65 -5.61
C GLY A 74 -6.45 16.46 -5.94
N SER A 75 -5.14 16.62 -5.76
CA SER A 75 -4.19 15.55 -6.04
C SER A 75 -2.91 15.72 -5.23
N SER A 76 -2.03 14.73 -5.32
CA SER A 76 -0.77 14.78 -4.59
C SER A 76 0.09 13.56 -4.92
N LYS A 77 1.35 13.81 -5.29
CA LYS A 77 2.27 12.75 -5.63
C LYS A 77 2.58 11.87 -4.42
N GLU A 78 2.91 12.52 -3.30
CA GLU A 78 3.22 11.80 -2.07
C GLU A 78 2.05 10.94 -1.64
N ILE A 79 0.87 11.54 -1.57
CA ILE A 79 -0.33 10.82 -1.16
C ILE A 79 -0.61 9.64 -2.09
N ASP A 80 -0.59 9.91 -3.39
CA ASP A 80 -0.84 8.87 -4.38
C ASP A 80 0.08 7.67 -4.15
N MET A 81 1.31 7.94 -3.74
CA MET A 81 2.29 6.87 -3.49
C MET A 81 1.84 6.01 -2.32
N ALA A 82 1.60 6.65 -1.17
CA ALA A 82 1.18 5.93 0.03
C ALA A 82 -0.02 5.04 -0.27
N ILE A 83 -0.93 5.53 -1.12
CA ILE A 83 -2.12 4.78 -1.47
C ILE A 83 -1.75 3.48 -2.19
N VAL A 84 -0.98 3.60 -3.26
CA VAL A 84 -0.56 2.44 -4.03
C VAL A 84 0.26 1.48 -3.18
N THR A 85 1.15 2.04 -2.37
CA THR A 85 2.00 1.23 -1.49
C THR A 85 1.16 0.31 -0.62
N LEU A 86 0.07 0.85 -0.07
CA LEU A 86 -0.81 0.08 0.79
C LEU A 86 -1.50 -1.04 0.01
N LYS A 87 -1.99 -0.69 -1.18
CA LYS A 87 -2.68 -1.66 -2.03
C LYS A 87 -1.73 -2.80 -2.42
N VAL A 88 -0.53 -2.44 -2.85
CA VAL A 88 0.46 -3.44 -3.26
C VAL A 88 0.79 -4.37 -2.10
N PHE A 89 1.20 -3.80 -0.97
CA PHE A 89 1.55 -4.59 0.20
C PHE A 89 0.34 -5.36 0.72
N ALA A 90 -0.85 -4.80 0.50
CA ALA A 90 -2.08 -5.44 0.95
C ALA A 90 -2.28 -6.79 0.27
N VAL A 91 -2.32 -6.77 -1.06
CA VAL A 91 -2.52 -7.99 -1.84
C VAL A 91 -1.26 -8.85 -1.82
N ALA A 92 -0.10 -8.20 -1.94
CA ALA A 92 1.18 -8.91 -1.94
C ALA A 92 1.48 -9.49 -0.56
N GLY A 93 0.74 -9.02 0.44
CA GLY A 93 0.95 -9.50 1.80
C GLY A 93 -0.16 -10.43 2.26
N LEU A 94 -1.37 -9.89 2.41
CA LEU A 94 -2.51 -10.67 2.85
C LEU A 94 -2.78 -11.83 1.88
N LEU A 95 -2.51 -11.60 0.61
CA LEU A 95 -2.72 -12.63 -0.42
C LEU A 95 -1.39 -13.24 -0.86
N ASN A 96 -0.30 -12.72 -0.31
CA ASN A 96 1.03 -13.21 -0.64
C ASN A 96 1.23 -13.25 -2.16
N MET A 97 0.57 -12.34 -2.85
CA MET A 97 0.67 -12.27 -4.32
C MET A 97 1.46 -11.03 -4.74
N THR A 98 2.78 -11.12 -4.68
CA THR A 98 3.64 -10.00 -5.06
C THR A 98 3.30 -9.51 -6.46
N VAL A 99 2.59 -8.39 -6.53
CA VAL A 99 2.20 -7.80 -7.80
C VAL A 99 3.42 -7.52 -8.67
N SER A 100 3.19 -7.35 -9.96
CA SER A 100 4.28 -7.08 -10.91
C SER A 100 4.75 -5.63 -10.78
N THR A 101 3.79 -4.71 -10.68
CA THR A 101 4.10 -3.29 -10.56
C THR A 101 3.12 -2.59 -9.63
N ALA A 102 3.57 -1.51 -9.01
CA ALA A 102 2.73 -0.75 -8.09
C ALA A 102 1.39 -0.38 -8.74
N ALA A 103 1.45 -0.02 -10.02
CA ALA A 103 0.25 0.34 -10.76
C ALA A 103 -0.69 -0.85 -10.91
N ALA A 104 -0.12 -2.03 -11.15
CA ALA A 104 -0.92 -3.23 -11.31
C ALA A 104 -1.73 -3.53 -10.06
N ALA A 105 -1.11 -3.35 -8.90
CA ALA A 105 -1.77 -3.60 -7.63
C ALA A 105 -2.93 -2.63 -7.42
N GLU A 106 -2.66 -1.34 -7.54
CA GLU A 106 -3.68 -0.31 -7.36
C GLU A 106 -4.86 -0.56 -8.29
N ASN A 107 -4.56 -0.89 -9.55
CA ASN A 107 -5.60 -1.16 -10.53
C ASN A 107 -6.34 -2.44 -10.21
N MET A 108 -5.62 -3.42 -9.67
CA MET A 108 -6.21 -4.70 -9.30
C MET A 108 -7.27 -4.53 -8.22
N TYR A 109 -6.91 -3.82 -7.16
CA TYR A 109 -7.82 -3.58 -6.05
C TYR A 109 -9.07 -2.82 -6.52
N SER A 110 -8.85 -1.72 -7.23
CA SER A 110 -9.95 -0.91 -7.73
C SER A 110 -10.82 -1.71 -8.69
N GLN A 111 -10.18 -2.42 -9.61
CA GLN A 111 -10.89 -3.23 -10.60
C GLN A 111 -11.77 -4.26 -9.91
N MET A 112 -11.31 -4.76 -8.77
CA MET A 112 -12.06 -5.76 -8.01
C MET A 112 -13.20 -5.11 -7.23
N GLY A 113 -13.03 -3.83 -6.91
CA GLY A 113 -14.05 -3.11 -6.16
C GLY A 113 -13.60 -2.77 -4.75
N LEU A 114 -12.29 -2.64 -4.56
CA LEU A 114 -11.74 -2.31 -3.26
C LEU A 114 -11.43 -0.81 -3.15
N ASP A 115 -10.78 -0.28 -4.19
CA ASP A 115 -10.41 1.13 -4.21
C ASP A 115 -11.67 2.00 -4.25
N THR A 116 -12.75 1.46 -4.79
CA THR A 116 -14.01 2.18 -4.90
C THR A 116 -13.85 3.45 -5.72
N ARG A 117 -13.83 3.29 -7.05
CA ARG A 117 -13.67 4.43 -7.95
C ARG A 117 -14.47 4.21 -9.24
N PRO A 118 -15.80 4.25 -9.12
CA PRO A 118 -16.70 4.05 -10.27
C PRO A 118 -16.65 5.23 -11.24
#